data_6K2O
# 
_entry.id   6K2O 
# 
_audit_conform.dict_name       mmcif_pdbx.dic 
_audit_conform.dict_version    5.380 
_audit_conform.dict_location   http://mmcif.pdb.org/dictionaries/ascii/mmcif_pdbx.dic 
# 
loop_
_database_2.database_id 
_database_2.database_code 
_database_2.pdbx_database_accession 
_database_2.pdbx_DOI 
PDB   6K2O         pdb_00006k2o 10.2210/pdb6k2o/pdb 
WWPDB D_1300012192 ?            ?                   
# 
_pdbx_database_status.status_code                     REL 
_pdbx_database_status.status_code_sf                  REL 
_pdbx_database_status.status_code_mr                  ? 
_pdbx_database_status.entry_id                        6K2O 
_pdbx_database_status.recvd_initial_deposition_date   2019-05-15 
_pdbx_database_status.SG_entry                        N 
_pdbx_database_status.deposit_site                    PDBJ 
_pdbx_database_status.process_site                    PDBJ 
_pdbx_database_status.status_code_cs                  ? 
_pdbx_database_status.methods_development_category    ? 
_pdbx_database_status.pdb_format_compatible           Y 
_pdbx_database_status.status_code_nmr_data            ? 
# 
loop_
_audit_author.name 
_audit_author.pdbx_ordinal 
_audit_author.identifier_ORCID 
'Duan, Z.' 1 0000-0003-3090-4150 
'Sun, X.'  2 0000-0002-2601-8239 
# 
_citation.abstract                  ? 
_citation.abstract_id_CAS           ? 
_citation.book_id_ISBN              ? 
_citation.book_publisher            ? 
_citation.book_publisher_city       ? 
_citation.book_title                ? 
_citation.coordinate_linkage        ? 
_citation.country                   ? 
_citation.database_id_Medline       ? 
_citation.details                   ? 
_citation.id                        primary 
_citation.journal_abbrev            'Virol Sin' 
_citation.journal_id_ASTM           ? 
_citation.journal_id_CSD            ? 
_citation.journal_id_ISSN           1995-820X 
_citation.journal_full              ? 
_citation.journal_issue             ? 
_citation.journal_volume            35 
_citation.language                  ? 
_citation.page_first                156 
_citation.page_last                 170 
_citation.title                     'Structural Basis of Glycan Recognition in Globally Predominant Human P[8] Rotavirus.' 
_citation.year                      2020 
_citation.database_id_CSD           ? 
_citation.pdbx_database_id_DOI      10.1007/s12250-019-00164-7 
_citation.pdbx_database_id_PubMed   31620994 
_citation.unpublished_flag          ? 
# 
loop_
_citation_author.citation_id 
_citation_author.name 
_citation_author.ordinal 
_citation_author.identifier_ORCID 
primary 'Sun, X.'   1  ?                   
primary 'Dang, L.'  2  ?                   
primary 'Li, D.'    3  ?                   
primary 'Qi, J.'    4  ?                   
primary 'Wang, M.'  5  ?                   
primary 'Chai, W.'  6  ?                   
primary 'Zhang, Q.' 7  ?                   
primary 'Wang, H.'  8  ?                   
primary 'Bai, R.'   9  ?                   
primary 'Tan, M.'   10 ?                   
primary 'Duan, Z.'  11 0000-0003-3090-4150 
# 
_cell.angle_alpha                  90.00 
_cell.angle_alpha_esd              ? 
_cell.angle_beta                   90.00 
_cell.angle_beta_esd               ? 
_cell.angle_gamma                  120.00 
_cell.angle_gamma_esd              ? 
_cell.entry_id                     6K2O 
_cell.details                      ? 
_cell.formula_units_Z              ? 
_cell.length_a                     80.454 
_cell.length_a_esd                 ? 
_cell.length_b                     80.454 
_cell.length_b_esd                 ? 
_cell.length_c                     116.593 
_cell.length_c_esd                 ? 
_cell.volume                       ? 
_cell.volume_esd                   ? 
_cell.Z_PDB                        12 
_cell.reciprocal_angle_alpha       ? 
_cell.reciprocal_angle_beta        ? 
_cell.reciprocal_angle_gamma       ? 
_cell.reciprocal_angle_alpha_esd   ? 
_cell.reciprocal_angle_beta_esd    ? 
_cell.reciprocal_angle_gamma_esd   ? 
_cell.reciprocal_length_a          ? 
_cell.reciprocal_length_b          ? 
_cell.reciprocal_length_c          ? 
_cell.reciprocal_length_a_esd      ? 
_cell.reciprocal_length_b_esd      ? 
_cell.reciprocal_length_c_esd      ? 
_cell.pdbx_unique_axis             ? 
# 
_symmetry.entry_id                         6K2O 
_symmetry.cell_setting                     ? 
_symmetry.Int_Tables_number                182 
_symmetry.space_group_name_Hall            ? 
_symmetry.space_group_name_H-M             'P 63 2 2' 
_symmetry.pdbx_full_space_group_name_H-M   ? 
# 
loop_
_entity.id 
_entity.type 
_entity.src_method 
_entity.pdbx_description 
_entity.formula_weight 
_entity.pdbx_number_of_molecules 
_entity.pdbx_ec 
_entity.pdbx_mutation 
_entity.pdbx_fragment 
_entity.details 
1 polymer     man 'Outer capsid protein VP4' 18892.783 1  ? ? 'UNP residues 65-223' ? 
2 branched    man 
'alpha-L-fucopyranose-(1-2)-beta-D-galactopyranose-(1-3)-2-acetamido-2-deoxy-beta-D-glucopyranose-(1-3)-beta-D-galactopyranose' 
691.630   1  ? ? ?                     ? 
3 non-polymer man 'SODIUM ION' 22.990    1  ? ? ?                     ? 
4 water       man water 18.015    80 ? ? ?                     ? 
# 
_entity_poly.entity_id                      1 
_entity_poly.type                           'polypeptide(L)' 
_entity_poly.nstd_linkage                   no 
_entity_poly.nstd_monomer                   no 
_entity_poly.pdbx_seq_one_letter_code       
;LDGPYQPTTFTPPIDYWILINSNTNGVVYESTNNSDFWTAVVAIEPHVNPVDRQYTVFGENKQFNVRNDSDKWKFLEMFR
SSSQNEFYNRRTLTSDTKLVGILKYGGRIWTFHGETPRATTDSSNTANLNDISIIIHSEFYIIPRSQESKCNEYINNGLL
EHH
;
_entity_poly.pdbx_seq_one_letter_code_can   
;LDGPYQPTTFTPPIDYWILINSNTNGVVYESTNNSDFWTAVVAIEPHVNPVDRQYTVFGENKQFNVRNDSDKWKFLEMFR
SSSQNEFYNRRTLTSDTKLVGILKYGGRIWTFHGETPRATTDSSNTANLNDISIIIHSEFYIIPRSQESKCNEYINNGLL
EHH
;
_entity_poly.pdbx_strand_id                 A 
_entity_poly.pdbx_target_identifier         ? 
# 
loop_
_entity_poly_seq.entity_id 
_entity_poly_seq.num 
_entity_poly_seq.mon_id 
_entity_poly_seq.hetero 
1 1   LEU n 
1 2   ASP n 
1 3   GLY n 
1 4   PRO n 
1 5   TYR n 
1 6   GLN n 
1 7   PRO n 
1 8   THR n 
1 9   THR n 
1 10  PHE n 
1 11  THR n 
1 12  PRO n 
1 13  PRO n 
1 14  ILE n 
1 15  ASP n 
1 16  TYR n 
1 17  TRP n 
1 18  ILE n 
1 19  LEU n 
1 20  ILE n 
1 21  ASN n 
1 22  SER n 
1 23  ASN n 
1 24  THR n 
1 25  ASN n 
1 26  GLY n 
1 27  VAL n 
1 28  VAL n 
1 29  TYR n 
1 30  GLU n 
1 31  SER n 
1 32  THR n 
1 33  ASN n 
1 34  ASN n 
1 35  SER n 
1 36  ASP n 
1 37  PHE n 
1 38  TRP n 
1 39  THR n 
1 40  ALA n 
1 41  VAL n 
1 42  VAL n 
1 43  ALA n 
1 44  ILE n 
1 45  GLU n 
1 46  PRO n 
1 47  HIS n 
1 48  VAL n 
1 49  ASN n 
1 50  PRO n 
1 51  VAL n 
1 52  ASP n 
1 53  ARG n 
1 54  GLN n 
1 55  TYR n 
1 56  THR n 
1 57  VAL n 
1 58  PHE n 
1 59  GLY n 
1 60  GLU n 
1 61  ASN n 
1 62  LYS n 
1 63  GLN n 
1 64  PHE n 
1 65  ASN n 
1 66  VAL n 
1 67  ARG n 
1 68  ASN n 
1 69  ASP n 
1 70  SER n 
1 71  ASP n 
1 72  LYS n 
1 73  TRP n 
1 74  LYS n 
1 75  PHE n 
1 76  LEU n 
1 77  GLU n 
1 78  MET n 
1 79  PHE n 
1 80  ARG n 
1 81  SER n 
1 82  SER n 
1 83  SER n 
1 84  GLN n 
1 85  ASN n 
1 86  GLU n 
1 87  PHE n 
1 88  TYR n 
1 89  ASN n 
1 90  ARG n 
1 91  ARG n 
1 92  THR n 
1 93  LEU n 
1 94  THR n 
1 95  SER n 
1 96  ASP n 
1 97  THR n 
1 98  LYS n 
1 99  LEU n 
1 100 VAL n 
1 101 GLY n 
1 102 ILE n 
1 103 LEU n 
1 104 LYS n 
1 105 TYR n 
1 106 GLY n 
1 107 GLY n 
1 108 ARG n 
1 109 ILE n 
1 110 TRP n 
1 111 THR n 
1 112 PHE n 
1 113 HIS n 
1 114 GLY n 
1 115 GLU n 
1 116 THR n 
1 117 PRO n 
1 118 ARG n 
1 119 ALA n 
1 120 THR n 
1 121 THR n 
1 122 ASP n 
1 123 SER n 
1 124 SER n 
1 125 ASN n 
1 126 THR n 
1 127 ALA n 
1 128 ASN n 
1 129 LEU n 
1 130 ASN n 
1 131 ASP n 
1 132 ILE n 
1 133 SER n 
1 134 ILE n 
1 135 ILE n 
1 136 ILE n 
1 137 HIS n 
1 138 SER n 
1 139 GLU n 
1 140 PHE n 
1 141 TYR n 
1 142 ILE n 
1 143 ILE n 
1 144 PRO n 
1 145 ARG n 
1 146 SER n 
1 147 GLN n 
1 148 GLU n 
1 149 SER n 
1 150 LYS n 
1 151 CYS n 
1 152 ASN n 
1 153 GLU n 
1 154 TYR n 
1 155 ILE n 
1 156 ASN n 
1 157 ASN n 
1 158 GLY n 
1 159 LEU n 
1 160 LEU n 
1 161 GLU n 
1 162 HIS n 
1 163 HIS n 
# 
_entity_src_gen.entity_id                          1 
_entity_src_gen.pdbx_src_id                        1 
_entity_src_gen.pdbx_alt_source_flag               sample 
_entity_src_gen.pdbx_seq_type                      'Biological sequence' 
_entity_src_gen.pdbx_beg_seq_num                   1 
_entity_src_gen.pdbx_end_seq_num                   163 
_entity_src_gen.gene_src_common_name               ? 
_entity_src_gen.gene_src_genus                     ? 
_entity_src_gen.pdbx_gene_src_gene                 ? 
_entity_src_gen.gene_src_species                   ? 
_entity_src_gen.gene_src_strain                    ? 
_entity_src_gen.gene_src_tissue                    ? 
_entity_src_gen.gene_src_tissue_fraction           ? 
_entity_src_gen.gene_src_details                   ? 
_entity_src_gen.pdbx_gene_src_fragment             ? 
_entity_src_gen.pdbx_gene_src_scientific_name      'Rotavirus A' 
_entity_src_gen.pdbx_gene_src_ncbi_taxonomy_id     28875 
_entity_src_gen.pdbx_gene_src_variant              ? 
_entity_src_gen.pdbx_gene_src_cell_line            ? 
_entity_src_gen.pdbx_gene_src_atcc                 ? 
_entity_src_gen.pdbx_gene_src_organ                ? 
_entity_src_gen.pdbx_gene_src_organelle            ? 
_entity_src_gen.pdbx_gene_src_cell                 ? 
_entity_src_gen.pdbx_gene_src_cellular_location    ? 
_entity_src_gen.host_org_common_name               ? 
_entity_src_gen.pdbx_host_org_scientific_name      'Escherichia coli-Pichia pastoris shuttle vector pPpARG4' 
_entity_src_gen.pdbx_host_org_ncbi_taxonomy_id     1182032 
_entity_src_gen.host_org_genus                     ? 
_entity_src_gen.pdbx_host_org_gene                 ? 
_entity_src_gen.pdbx_host_org_organ                ? 
_entity_src_gen.host_org_species                   ? 
_entity_src_gen.pdbx_host_org_tissue               ? 
_entity_src_gen.pdbx_host_org_tissue_fraction      ? 
_entity_src_gen.pdbx_host_org_strain               ? 
_entity_src_gen.pdbx_host_org_variant              ? 
_entity_src_gen.pdbx_host_org_cell_line            ? 
_entity_src_gen.pdbx_host_org_atcc                 ? 
_entity_src_gen.pdbx_host_org_culture_collection   ? 
_entity_src_gen.pdbx_host_org_cell                 ? 
_entity_src_gen.pdbx_host_org_organelle            ? 
_entity_src_gen.pdbx_host_org_cellular_location    ? 
_entity_src_gen.pdbx_host_org_vector_type          ? 
_entity_src_gen.pdbx_host_org_vector               ? 
_entity_src_gen.host_org_details                   ? 
_entity_src_gen.expression_system_id               ? 
_entity_src_gen.plasmid_name                       ? 
_entity_src_gen.plasmid_details                    ? 
_entity_src_gen.pdbx_description                   ? 
# 
_struct_ref.id                         1 
_struct_ref.db_name                    UNP 
_struct_ref.db_code                    E2EA82_9REOV 
_struct_ref.pdbx_db_accession          E2EA82 
_struct_ref.pdbx_db_isoform            ? 
_struct_ref.entity_id                  1 
_struct_ref.pdbx_seq_one_letter_code   
;LDGPYQPTTFTPPIDYWILINSNTNGVVYESTNNSDFWTAVVAIEPHVNPVDRQYTVFGENKQFNVRNDSDKWKFLEMFR
SSSQNEFYNRRTLTSDTKLVGILKYGGRIWTFHGETPRATTDSSNTANLNDISIIIHSEFYIIPRSQESKCNEYINNGL
;
_struct_ref.pdbx_align_begin           65 
# 
_struct_ref_seq.align_id                      1 
_struct_ref_seq.ref_id                        1 
_struct_ref_seq.pdbx_PDB_id_code              6K2O 
_struct_ref_seq.pdbx_strand_id                A 
_struct_ref_seq.seq_align_beg                 1 
_struct_ref_seq.pdbx_seq_align_beg_ins_code   ? 
_struct_ref_seq.seq_align_end                 159 
_struct_ref_seq.pdbx_seq_align_end_ins_code   ? 
_struct_ref_seq.pdbx_db_accession             E2EA82 
_struct_ref_seq.db_align_beg                  65 
_struct_ref_seq.pdbx_db_align_beg_ins_code    ? 
_struct_ref_seq.db_align_end                  223 
_struct_ref_seq.pdbx_db_align_end_ins_code    ? 
_struct_ref_seq.pdbx_auth_seq_align_beg       2 
_struct_ref_seq.pdbx_auth_seq_align_end       160 
# 
loop_
_struct_ref_seq_dif.align_id 
_struct_ref_seq_dif.pdbx_pdb_id_code 
_struct_ref_seq_dif.mon_id 
_struct_ref_seq_dif.pdbx_pdb_strand_id 
_struct_ref_seq_dif.seq_num 
_struct_ref_seq_dif.pdbx_pdb_ins_code 
_struct_ref_seq_dif.pdbx_seq_db_name 
_struct_ref_seq_dif.pdbx_seq_db_accession_code 
_struct_ref_seq_dif.db_mon_id 
_struct_ref_seq_dif.pdbx_seq_db_seq_num 
_struct_ref_seq_dif.details 
_struct_ref_seq_dif.pdbx_auth_seq_num 
_struct_ref_seq_dif.pdbx_ordinal 
1 6K2O LEU A 160 ? UNP E2EA82 ? ? 'expression tag' 161 1 
1 6K2O GLU A 161 ? UNP E2EA82 ? ? 'expression tag' 162 2 
1 6K2O HIS A 162 ? UNP E2EA82 ? ? 'expression tag' 163 3 
1 6K2O HIS A 163 ? UNP E2EA82 ? ? 'expression tag' 164 4 
# 
loop_
_chem_comp.id 
_chem_comp.type 
_chem_comp.mon_nstd_flag 
_chem_comp.name 
_chem_comp.pdbx_synonyms 
_chem_comp.formula 
_chem_comp.formula_weight 
ALA 'L-peptide linking'           y ALANINE                                  ? 'C3 H7 N O2'     89.093  
ARG 'L-peptide linking'           y ARGININE                                 ? 'C6 H15 N4 O2 1' 175.209 
ASN 'L-peptide linking'           y ASPARAGINE                               ? 'C4 H8 N2 O3'    132.118 
ASP 'L-peptide linking'           y 'ASPARTIC ACID'                          ? 'C4 H7 N O4'     133.103 
CYS 'L-peptide linking'           y CYSTEINE                                 ? 'C3 H7 N O2 S'   121.158 
FUC 'L-saccharide, alpha linking' . alpha-L-fucopyranose                     
'alpha-L-fucose; 6-deoxy-alpha-L-galactopyranose; L-fucose; fucose' 'C6 H12 O5'      164.156 
GAL 'D-saccharide, beta linking'  . beta-D-galactopyranose                   'beta-D-galactose; D-galactose; galactose' 
'C6 H12 O6'      180.156 
GLN 'L-peptide linking'           y GLUTAMINE                                ? 'C5 H10 N2 O3'   146.144 
GLU 'L-peptide linking'           y 'GLUTAMIC ACID'                          ? 'C5 H9 N O4'     147.129 
GLY 'peptide linking'             y GLYCINE                                  ? 'C2 H5 N O2'     75.067  
HIS 'L-peptide linking'           y HISTIDINE                                ? 'C6 H10 N3 O2 1' 156.162 
HOH non-polymer                   . WATER                                    ? 'H2 O'           18.015  
ILE 'L-peptide linking'           y ISOLEUCINE                               ? 'C6 H13 N O2'    131.173 
LEU 'L-peptide linking'           y LEUCINE                                  ? 'C6 H13 N O2'    131.173 
LYS 'L-peptide linking'           y LYSINE                                   ? 'C6 H15 N2 O2 1' 147.195 
MET 'L-peptide linking'           y METHIONINE                               ? 'C5 H11 N O2 S'  149.211 
NA  non-polymer                   . 'SODIUM ION'                             ? 'Na 1'           22.990  
NAG 'D-saccharide, beta linking'  . 2-acetamido-2-deoxy-beta-D-glucopyranose 
;N-acetyl-beta-D-glucosamine; 2-acetamido-2-deoxy-beta-D-glucose; 2-acetamido-2-deoxy-D-glucose; 2-acetamido-2-deoxy-glucose; N-ACETYL-D-GLUCOSAMINE
;
'C8 H15 N O6'    221.208 
PHE 'L-peptide linking'           y PHENYLALANINE                            ? 'C9 H11 N O2'    165.189 
PRO 'L-peptide linking'           y PROLINE                                  ? 'C5 H9 N O2'     115.130 
SER 'L-peptide linking'           y SERINE                                   ? 'C3 H7 N O3'     105.093 
THR 'L-peptide linking'           y THREONINE                                ? 'C4 H9 N O3'     119.119 
TRP 'L-peptide linking'           y TRYPTOPHAN                               ? 'C11 H12 N2 O2'  204.225 
TYR 'L-peptide linking'           y TYROSINE                                 ? 'C9 H11 N O3'    181.189 
VAL 'L-peptide linking'           y VALINE                                   ? 'C5 H11 N O2'    117.146 
# 
_exptl.absorpt_coefficient_mu     ? 
_exptl.absorpt_correction_T_max   ? 
_exptl.absorpt_correction_T_min   ? 
_exptl.absorpt_correction_type    ? 
_exptl.absorpt_process_details    ? 
_exptl.entry_id                   6K2O 
_exptl.crystals_number            1 
_exptl.details                    ? 
_exptl.method                     'X-RAY DIFFRACTION' 
_exptl.method_details             ? 
# 
_exptl_crystal.colour                      ? 
_exptl_crystal.density_diffrn              ? 
_exptl_crystal.density_Matthews            2.88 
_exptl_crystal.density_method              ? 
_exptl_crystal.density_percent_sol         57.33 
_exptl_crystal.description                 ? 
_exptl_crystal.F_000                       ? 
_exptl_crystal.id                          1 
_exptl_crystal.preparation                 ? 
_exptl_crystal.size_max                    ? 
_exptl_crystal.size_mid                    ? 
_exptl_crystal.size_min                    ? 
_exptl_crystal.size_rad                    ? 
_exptl_crystal.colour_lustre               ? 
_exptl_crystal.colour_modifier             ? 
_exptl_crystal.colour_primary              ? 
_exptl_crystal.density_meas                ? 
_exptl_crystal.density_meas_esd            ? 
_exptl_crystal.density_meas_gt             ? 
_exptl_crystal.density_meas_lt             ? 
_exptl_crystal.density_meas_temp           ? 
_exptl_crystal.density_meas_temp_esd       ? 
_exptl_crystal.density_meas_temp_gt        ? 
_exptl_crystal.density_meas_temp_lt        ? 
_exptl_crystal.pdbx_crystal_image_url      ? 
_exptl_crystal.pdbx_crystal_image_format   ? 
_exptl_crystal.pdbx_mosaicity              ? 
_exptl_crystal.pdbx_mosaicity_esd          ? 
# 
_exptl_crystal_grow.apparatus       ? 
_exptl_crystal_grow.atmosphere      ? 
_exptl_crystal_grow.crystal_id      1 
_exptl_crystal_grow.details         ? 
_exptl_crystal_grow.method          'VAPOR DIFFUSION, SITTING DROP' 
_exptl_crystal_grow.method_ref      ? 
_exptl_crystal_grow.pH              ? 
_exptl_crystal_grow.pressure        ? 
_exptl_crystal_grow.pressure_esd    ? 
_exptl_crystal_grow.seeding         ? 
_exptl_crystal_grow.seeding_ref     ? 
_exptl_crystal_grow.temp            291 
_exptl_crystal_grow.temp_details    ? 
_exptl_crystal_grow.temp_esd        ? 
_exptl_crystal_grow.time            ? 
_exptl_crystal_grow.pdbx_details    '0.1M Sodium acetate trihydrate pH 4.5, 2.0M ammonium sulfate' 
_exptl_crystal_grow.pdbx_pH_range   ? 
# 
_diffrn.ambient_environment              ? 
_diffrn.ambient_temp                     113 
_diffrn.ambient_temp_details             ? 
_diffrn.ambient_temp_esd                 ? 
_diffrn.crystal_id                       1 
_diffrn.crystal_support                  ? 
_diffrn.crystal_treatment                ? 
_diffrn.details                          ? 
_diffrn.id                               1 
_diffrn.ambient_pressure                 ? 
_diffrn.ambient_pressure_esd             ? 
_diffrn.ambient_pressure_gt              ? 
_diffrn.ambient_pressure_lt              ? 
_diffrn.ambient_temp_gt                  ? 
_diffrn.ambient_temp_lt                  ? 
_diffrn.pdbx_serial_crystal_experiment   N 
# 
_diffrn_detector.details                      ? 
_diffrn_detector.detector                     CCD 
_diffrn_detector.diffrn_id                    1 
_diffrn_detector.type                         'ADSC QUANTUM 315r' 
_diffrn_detector.area_resol_mean              ? 
_diffrn_detector.dtime                        ? 
_diffrn_detector.pdbx_frames_total            ? 
_diffrn_detector.pdbx_collection_time_total   ? 
_diffrn_detector.pdbx_collection_date         2018-12-22 
_diffrn_detector.pdbx_frequency               ? 
# 
_diffrn_radiation.collimation                      ? 
_diffrn_radiation.diffrn_id                        1 
_diffrn_radiation.filter_edge                      ? 
_diffrn_radiation.inhomogeneity                    ? 
_diffrn_radiation.monochromator                    ? 
_diffrn_radiation.polarisn_norm                    ? 
_diffrn_radiation.polarisn_ratio                   ? 
_diffrn_radiation.probe                            ? 
_diffrn_radiation.type                             ? 
_diffrn_radiation.xray_symbol                      ? 
_diffrn_radiation.wavelength_id                    1 
_diffrn_radiation.pdbx_monochromatic_or_laue_m_l   M 
_diffrn_radiation.pdbx_wavelength_list             ? 
_diffrn_radiation.pdbx_wavelength                  ? 
_diffrn_radiation.pdbx_diffrn_protocol             'SINGLE WAVELENGTH' 
_diffrn_radiation.pdbx_analyzer                    ? 
_diffrn_radiation.pdbx_scattering_type             x-ray 
# 
_diffrn_radiation_wavelength.id           1 
_diffrn_radiation_wavelength.wavelength   0.97852 
_diffrn_radiation_wavelength.wt           1.0 
# 
_diffrn_source.current                     ? 
_diffrn_source.details                     ? 
_diffrn_source.diffrn_id                   1 
_diffrn_source.power                       ? 
_diffrn_source.size                        ? 
_diffrn_source.source                      SYNCHROTRON 
_diffrn_source.target                      ? 
_diffrn_source.type                        'SSRF BEAMLINE BL17U' 
_diffrn_source.voltage                     ? 
_diffrn_source.take-off_angle              ? 
_diffrn_source.pdbx_wavelength_list        0.97852 
_diffrn_source.pdbx_wavelength             ? 
_diffrn_source.pdbx_synchrotron_beamline   BL17U 
_diffrn_source.pdbx_synchrotron_site       SSRF 
# 
_reflns.B_iso_Wilson_estimate            29.250 
_reflns.entry_id                         6K2O 
_reflns.data_reduction_details           ? 
_reflns.data_reduction_method            ? 
_reflns.d_resolution_high                2.296 
_reflns.d_resolution_low                 50.00 
_reflns.details                          ? 
_reflns.limit_h_max                      ? 
_reflns.limit_h_min                      ? 
_reflns.limit_k_max                      ? 
_reflns.limit_k_min                      ? 
_reflns.limit_l_max                      ? 
_reflns.limit_l_min                      ? 
_reflns.number_all                       ? 
_reflns.number_obs                       10510 
_reflns.observed_criterion               ? 
_reflns.observed_criterion_F_max         ? 
_reflns.observed_criterion_F_min         ? 
_reflns.observed_criterion_I_max         ? 
_reflns.observed_criterion_I_min         ? 
_reflns.observed_criterion_sigma_F       ? 
_reflns.observed_criterion_sigma_I       ? 
_reflns.percent_possible_obs             100.0 
_reflns.R_free_details                   ? 
_reflns.Rmerge_F_all                     ? 
_reflns.Rmerge_F_obs                     ? 
_reflns.Friedel_coverage                 ? 
_reflns.number_gt                        ? 
_reflns.threshold_expression             ? 
_reflns.pdbx_redundancy                  25.8 
_reflns.pdbx_Rmerge_I_obs                0.159 
_reflns.pdbx_Rmerge_I_all                ? 
_reflns.pdbx_Rsym_value                  0.159 
_reflns.pdbx_netI_over_av_sigmaI         ? 
_reflns.pdbx_netI_over_sigmaI            22.524 
_reflns.pdbx_res_netI_over_av_sigmaI_2   ? 
_reflns.pdbx_res_netI_over_sigmaI_2      ? 
_reflns.pdbx_chi_squared                 ? 
_reflns.pdbx_scaling_rejects             ? 
_reflns.pdbx_d_res_high_opt              ? 
_reflns.pdbx_d_res_low_opt               ? 
_reflns.pdbx_d_res_opt_method            ? 
_reflns.phase_calculation_details        ? 
_reflns.pdbx_Rrim_I_all                  ? 
_reflns.pdbx_Rpim_I_all                  ? 
_reflns.pdbx_d_opt                       ? 
_reflns.pdbx_number_measured_all         ? 
_reflns.pdbx_diffrn_id                   1 
_reflns.pdbx_ordinal                     1 
_reflns.pdbx_CC_half                     ? 
_reflns.pdbx_R_split                     ? 
# 
_reflns_shell.d_res_high                  2.30 
_reflns_shell.d_res_low                   2.38 
_reflns_shell.meanI_over_sigI_all         ? 
_reflns_shell.meanI_over_sigI_obs         4.889 
_reflns_shell.number_measured_all         ? 
_reflns_shell.number_measured_obs         ? 
_reflns_shell.number_possible             ? 
_reflns_shell.number_unique_all           ? 
_reflns_shell.number_unique_obs           10510 
_reflns_shell.percent_possible_all        ? 
_reflns_shell.percent_possible_obs        ? 
_reflns_shell.Rmerge_F_all                ? 
_reflns_shell.Rmerge_F_obs                ? 
_reflns_shell.Rmerge_I_all                ? 
_reflns_shell.Rmerge_I_obs                0.86 
_reflns_shell.meanI_over_sigI_gt          ? 
_reflns_shell.meanI_over_uI_all           ? 
_reflns_shell.meanI_over_uI_gt            ? 
_reflns_shell.number_measured_gt          ? 
_reflns_shell.number_unique_gt            ? 
_reflns_shell.percent_possible_gt         ? 
_reflns_shell.Rmerge_F_gt                 ? 
_reflns_shell.Rmerge_I_gt                 ? 
_reflns_shell.pdbx_redundancy             ? 
_reflns_shell.pdbx_Rsym_value             0.86 
_reflns_shell.pdbx_chi_squared            ? 
_reflns_shell.pdbx_netI_over_sigmaI_all   ? 
_reflns_shell.pdbx_netI_over_sigmaI_obs   ? 
_reflns_shell.pdbx_Rrim_I_all             ? 
_reflns_shell.pdbx_Rpim_I_all             ? 
_reflns_shell.pdbx_rejects                ? 
_reflns_shell.pdbx_ordinal                1 
_reflns_shell.pdbx_diffrn_id              1 
_reflns_shell.pdbx_CC_half                ? 
_reflns_shell.pdbx_R_split                ? 
# 
_refine.aniso_B[1][1]                            ? 
_refine.aniso_B[1][2]                            ? 
_refine.aniso_B[1][3]                            ? 
_refine.aniso_B[2][2]                            ? 
_refine.aniso_B[2][3]                            ? 
_refine.aniso_B[3][3]                            ? 
_refine.B_iso_max                                ? 
_refine.B_iso_mean                               ? 
_refine.B_iso_min                                ? 
_refine.correlation_coeff_Fo_to_Fc               ? 
_refine.correlation_coeff_Fo_to_Fc_free          ? 
_refine.details                                  ? 
_refine.diff_density_max                         ? 
_refine.diff_density_max_esd                     ? 
_refine.diff_density_min                         ? 
_refine.diff_density_min_esd                     ? 
_refine.diff_density_rms                         ? 
_refine.diff_density_rms_esd                     ? 
_refine.entry_id                                 6K2O 
_refine.pdbx_refine_id                           'X-RAY DIFFRACTION' 
_refine.ls_abs_structure_details                 ? 
_refine.ls_abs_structure_Flack                   ? 
_refine.ls_abs_structure_Flack_esd               ? 
_refine.ls_abs_structure_Rogers                  ? 
_refine.ls_abs_structure_Rogers_esd              ? 
_refine.ls_d_res_high                            2.296 
_refine.ls_d_res_low                             44.711 
_refine.ls_extinction_coef                       ? 
_refine.ls_extinction_coef_esd                   ? 
_refine.ls_extinction_expression                 ? 
_refine.ls_extinction_method                     ? 
_refine.ls_goodness_of_fit_all                   ? 
_refine.ls_goodness_of_fit_all_esd               ? 
_refine.ls_goodness_of_fit_obs                   ? 
_refine.ls_goodness_of_fit_obs_esd               ? 
_refine.ls_hydrogen_treatment                    ? 
_refine.ls_matrix_type                           ? 
_refine.ls_number_constraints                    ? 
_refine.ls_number_parameters                     ? 
_refine.ls_number_reflns_all                     ? 
_refine.ls_number_reflns_obs                     10481 
_refine.ls_number_reflns_R_free                  506 
_refine.ls_number_reflns_R_work                  ? 
_refine.ls_number_restraints                     ? 
_refine.ls_percent_reflns_obs                    99.60 
_refine.ls_percent_reflns_R_free                 4.83 
_refine.ls_R_factor_all                          ? 
_refine.ls_R_factor_obs                          0.2049 
_refine.ls_R_factor_R_free                       0.2331 
_refine.ls_R_factor_R_free_error                 ? 
_refine.ls_R_factor_R_free_error_details         ? 
_refine.ls_R_factor_R_work                       0.2035 
_refine.ls_R_Fsqd_factor_obs                     ? 
_refine.ls_R_I_factor_obs                        ? 
_refine.ls_redundancy_reflns_all                 ? 
_refine.ls_redundancy_reflns_obs                 ? 
_refine.ls_restrained_S_all                      ? 
_refine.ls_restrained_S_obs                      ? 
_refine.ls_shift_over_esd_max                    ? 
_refine.ls_shift_over_esd_mean                   ? 
_refine.ls_structure_factor_coef                 ? 
_refine.ls_weighting_details                     ? 
_refine.ls_weighting_scheme                      ? 
_refine.ls_wR_factor_all                         ? 
_refine.ls_wR_factor_obs                         ? 
_refine.ls_wR_factor_R_free                      ? 
_refine.ls_wR_factor_R_work                      ? 
_refine.occupancy_max                            ? 
_refine.occupancy_min                            ? 
_refine.solvent_model_details                    ? 
_refine.solvent_model_param_bsol                 ? 
_refine.solvent_model_param_ksol                 ? 
_refine.ls_R_factor_gt                           ? 
_refine.ls_goodness_of_fit_gt                    ? 
_refine.ls_goodness_of_fit_ref                   ? 
_refine.ls_shift_over_su_max                     ? 
_refine.ls_shift_over_su_max_lt                  ? 
_refine.ls_shift_over_su_mean                    ? 
_refine.ls_shift_over_su_mean_lt                 ? 
_refine.pdbx_ls_sigma_I                          ? 
_refine.pdbx_ls_sigma_F                          ? 
_refine.pdbx_ls_sigma_Fsqd                       ? 
_refine.pdbx_data_cutoff_high_absF               ? 
_refine.pdbx_data_cutoff_high_rms_absF           ? 
_refine.pdbx_data_cutoff_low_absF                ? 
_refine.pdbx_isotropic_thermal_model             ? 
_refine.pdbx_ls_cross_valid_method               'FREE R-VALUE' 
_refine.pdbx_method_to_determine_struct          'MOLECULAR REPLACEMENT' 
_refine.pdbx_starting_model                      5JDB 
_refine.pdbx_stereochemistry_target_values       ? 
_refine.pdbx_R_Free_selection_details            ? 
_refine.pdbx_stereochem_target_val_spec_case     ? 
_refine.pdbx_overall_ESU_R                       ? 
_refine.pdbx_overall_ESU_R_Free                  ? 
_refine.pdbx_solvent_vdw_probe_radii             ? 
_refine.pdbx_solvent_ion_probe_radii             ? 
_refine.pdbx_solvent_shrinkage_radii             ? 
_refine.pdbx_real_space_R                        ? 
_refine.pdbx_density_correlation                 ? 
_refine.pdbx_pd_number_of_powder_patterns        ? 
_refine.pdbx_pd_number_of_points                 ? 
_refine.pdbx_pd_meas_number_of_points            ? 
_refine.pdbx_pd_proc_ls_prof_R_factor            ? 
_refine.pdbx_pd_proc_ls_prof_wR_factor           ? 
_refine.pdbx_pd_Marquardt_correlation_coeff      ? 
_refine.pdbx_pd_Fsqrd_R_factor                   ? 
_refine.pdbx_pd_ls_matrix_band_width             ? 
_refine.pdbx_overall_phase_error                 ? 
_refine.pdbx_overall_SU_R_free_Cruickshank_DPI   ? 
_refine.pdbx_overall_SU_R_free_Blow_DPI          ? 
_refine.pdbx_overall_SU_R_Blow_DPI               ? 
_refine.pdbx_TLS_residual_ADP_flag               ? 
_refine.pdbx_diffrn_id                           1 
_refine.overall_SU_B                             ? 
_refine.overall_SU_ML                            ? 
_refine.overall_SU_R_Cruickshank_DPI             ? 
_refine.overall_SU_R_free                        ? 
_refine.overall_FOM_free_R_set                   ? 
_refine.overall_FOM_work_R_set                   ? 
_refine.pdbx_average_fsc_overall                 ? 
_refine.pdbx_average_fsc_work                    ? 
_refine.pdbx_average_fsc_free                    ? 
# 
_refine_hist.pdbx_refine_id                   'X-RAY DIFFRACTION' 
_refine_hist.cycle_id                         LAST 
_refine_hist.pdbx_number_atoms_protein        1336 
_refine_hist.pdbx_number_atoms_nucleic_acid   0 
_refine_hist.pdbx_number_atoms_ligand         47 
_refine_hist.number_atoms_solvent             80 
_refine_hist.number_atoms_total               1463 
_refine_hist.d_res_high                       2.296 
_refine_hist.d_res_low                        44.711 
# 
_refine_ls_shell.R_factor_R_free                  0.219 
_refine_ls_shell.R_factor_R_free_error            ? 
_refine_ls_shell.R_factor_R_work                  0.195 
_refine_ls_shell.R_factor_all                     ? 
_refine_ls_shell.R_factor_obs                     ? 
_refine_ls_shell.d_res_high                       2.296 
_refine_ls_shell.d_res_low                        2.5 
_refine_ls_shell.number_reflns_R_free             126 
_refine_ls_shell.number_reflns_R_work             2415 
_refine_ls_shell.number_reflns_all                ? 
_refine_ls_shell.number_reflns_obs                2661 
_refine_ls_shell.pdbx_fsc_free                    ? 
_refine_ls_shell.pdbx_fsc_work                    ? 
_refine_ls_shell.pdbx_phase_error                 ? 
_refine_ls_shell.pdbx_refine_id                   'X-RAY DIFFRACTION' 
_refine_ls_shell.pdbx_total_number_of_bins_used   ? 
_refine_ls_shell.percent_reflns_R_free            ? 
_refine_ls_shell.percent_reflns_obs               99.60 
_refine_ls_shell.redundancy_reflns_all            ? 
_refine_ls_shell.redundancy_reflns_obs            ? 
_refine_ls_shell.wR_factor_R_free                 ? 
_refine_ls_shell.wR_factor_R_work                 ? 
_refine_ls_shell.wR_factor_all                    ? 
_refine_ls_shell.wR_factor_obs                    ? 
# 
_struct.entry_id                     6K2O 
_struct.title                        'Structural basis of glycan recognition in globally predominant human P[8] rotavirus' 
_struct.pdbx_model_details           ? 
_struct.pdbx_formula_weight          ? 
_struct.pdbx_formula_weight_method   ? 
_struct.pdbx_model_type_details      ? 
_struct.pdbx_CASP_flag               N 
# 
_struct_keywords.entry_id        6K2O 
_struct_keywords.text            
'glycan binding specificity, VP8* structure, mucin core 2, lacto-N-fucopentaose 1 (LNFP1), VIRAL PROTEIN' 
_struct_keywords.pdbx_keywords   'VIRAL PROTEIN' 
# 
loop_
_struct_asym.id 
_struct_asym.pdbx_blank_PDB_chainid_flag 
_struct_asym.pdbx_modified 
_struct_asym.entity_id 
_struct_asym.details 
A N N 1 ? 
B N N 2 ? 
C N N 3 ? 
D N N 4 ? 
# 
_struct_conf.conf_type_id            HELX_P 
_struct_conf.id                      HELX_P1 
_struct_conf.pdbx_PDB_helix_id       AA1 
_struct_conf.beg_label_comp_id       GLN 
_struct_conf.beg_label_asym_id       A 
_struct_conf.beg_label_seq_id        147 
_struct_conf.pdbx_beg_PDB_ins_code   ? 
_struct_conf.end_label_comp_id       GLY 
_struct_conf.end_label_asym_id       A 
_struct_conf.end_label_seq_id        158 
_struct_conf.pdbx_end_PDB_ins_code   ? 
_struct_conf.beg_auth_comp_id        GLN 
_struct_conf.beg_auth_asym_id        A 
_struct_conf.beg_auth_seq_id         148 
_struct_conf.end_auth_comp_id        GLY 
_struct_conf.end_auth_asym_id        A 
_struct_conf.end_auth_seq_id         159 
_struct_conf.pdbx_PDB_helix_class    1 
_struct_conf.details                 ? 
_struct_conf.pdbx_PDB_helix_length   12 
# 
_struct_conf_type.id          HELX_P 
_struct_conf_type.criteria    ? 
_struct_conf_type.reference   ? 
# 
loop_
_struct_conn.id 
_struct_conn.conn_type_id 
_struct_conn.pdbx_leaving_atom_flag 
_struct_conn.pdbx_PDB_id 
_struct_conn.ptnr1_label_asym_id 
_struct_conn.ptnr1_label_comp_id 
_struct_conn.ptnr1_label_seq_id 
_struct_conn.ptnr1_label_atom_id 
_struct_conn.pdbx_ptnr1_label_alt_id 
_struct_conn.pdbx_ptnr1_PDB_ins_code 
_struct_conn.pdbx_ptnr1_standard_comp_id 
_struct_conn.ptnr1_symmetry 
_struct_conn.ptnr2_label_asym_id 
_struct_conn.ptnr2_label_comp_id 
_struct_conn.ptnr2_label_seq_id 
_struct_conn.ptnr2_label_atom_id 
_struct_conn.pdbx_ptnr2_label_alt_id 
_struct_conn.pdbx_ptnr2_PDB_ins_code 
_struct_conn.ptnr1_auth_asym_id 
_struct_conn.ptnr1_auth_comp_id 
_struct_conn.ptnr1_auth_seq_id 
_struct_conn.ptnr2_auth_asym_id 
_struct_conn.ptnr2_auth_comp_id 
_struct_conn.ptnr2_auth_seq_id 
_struct_conn.ptnr2_symmetry 
_struct_conn.pdbx_ptnr3_label_atom_id 
_struct_conn.pdbx_ptnr3_label_seq_id 
_struct_conn.pdbx_ptnr3_label_comp_id 
_struct_conn.pdbx_ptnr3_label_asym_id 
_struct_conn.pdbx_ptnr3_label_alt_id 
_struct_conn.pdbx_ptnr3_PDB_ins_code 
_struct_conn.details 
_struct_conn.pdbx_dist_value 
_struct_conn.pdbx_value_order 
_struct_conn.pdbx_role 
covale1 covale both ? B GAL . O3 ? ? ? 1_555 B NAG . C1 ? ? B GAL 1 B NAG 2 1_555 ? ? ? ? ? ? ? 1.441 ? ? 
covale2 covale both ? B NAG . O3 ? ? ? 1_555 B GAL . C1 ? ? B NAG 2 B GAL 3 1_555 ? ? ? ? ? ? ? 1.440 ? ? 
covale3 covale both ? B GAL . O2 ? ? ? 1_555 B FUC . C1 ? ? B GAL 3 B FUC 4 1_555 ? ? ? ? ? ? ? 1.448 ? ? 
# 
_struct_conn_type.id          covale 
_struct_conn_type.criteria    ? 
_struct_conn_type.reference   ? 
# 
loop_
_struct_mon_prot_cis.pdbx_id 
_struct_mon_prot_cis.label_comp_id 
_struct_mon_prot_cis.label_seq_id 
_struct_mon_prot_cis.label_asym_id 
_struct_mon_prot_cis.label_alt_id 
_struct_mon_prot_cis.pdbx_PDB_ins_code 
_struct_mon_prot_cis.auth_comp_id 
_struct_mon_prot_cis.auth_seq_id 
_struct_mon_prot_cis.auth_asym_id 
_struct_mon_prot_cis.pdbx_label_comp_id_2 
_struct_mon_prot_cis.pdbx_label_seq_id_2 
_struct_mon_prot_cis.pdbx_label_asym_id_2 
_struct_mon_prot_cis.pdbx_PDB_ins_code_2 
_struct_mon_prot_cis.pdbx_auth_comp_id_2 
_struct_mon_prot_cis.pdbx_auth_seq_id_2 
_struct_mon_prot_cis.pdbx_auth_asym_id_2 
_struct_mon_prot_cis.pdbx_PDB_model_num 
_struct_mon_prot_cis.pdbx_omega_angle 
1 GLY 3   A . ? GLY 4   A PRO 4   A ? PRO 5   A 1 0.80 
2 THR 116 A . ? THR 117 A PRO 117 A ? PRO 118 A 1 2.03 
# 
loop_
_struct_sheet.id 
_struct_sheet.type 
_struct_sheet.number_strands 
_struct_sheet.details 
AA1 ? 11 ? 
AA2 ? 6  ? 
AA3 ? 2  ? 
# 
loop_
_struct_sheet_order.sheet_id 
_struct_sheet_order.range_id_1 
_struct_sheet_order.range_id_2 
_struct_sheet_order.offset 
_struct_sheet_order.sense 
AA1 1  2  ? anti-parallel 
AA1 2  3  ? anti-parallel 
AA1 3  4  ? anti-parallel 
AA1 4  5  ? anti-parallel 
AA1 5  6  ? parallel      
AA1 6  7  ? anti-parallel 
AA1 7  8  ? anti-parallel 
AA1 8  9  ? anti-parallel 
AA1 9  10 ? anti-parallel 
AA1 10 11 ? anti-parallel 
AA2 1  2  ? anti-parallel 
AA2 2  3  ? anti-parallel 
AA2 3  4  ? anti-parallel 
AA2 4  5  ? anti-parallel 
AA2 5  6  ? anti-parallel 
AA3 1  2  ? anti-parallel 
# 
loop_
_struct_sheet_range.sheet_id 
_struct_sheet_range.id 
_struct_sheet_range.beg_label_comp_id 
_struct_sheet_range.beg_label_asym_id 
_struct_sheet_range.beg_label_seq_id 
_struct_sheet_range.pdbx_beg_PDB_ins_code 
_struct_sheet_range.end_label_comp_id 
_struct_sheet_range.end_label_asym_id 
_struct_sheet_range.end_label_seq_id 
_struct_sheet_range.pdbx_end_PDB_ins_code 
_struct_sheet_range.beg_auth_comp_id 
_struct_sheet_range.beg_auth_asym_id 
_struct_sheet_range.beg_auth_seq_id 
_struct_sheet_range.end_auth_comp_id 
_struct_sheet_range.end_auth_asym_id 
_struct_sheet_range.end_auth_seq_id 
AA1 1  ASP A 2   ? TYR A 5   ? ASP A 3   TYR A 6   
AA1 2  GLU A 139 ? PRO A 144 ? GLU A 140 PRO A 145 
AA1 3  TYR A 16  ? ASN A 21  ? TYR A 17  ASN A 22  
AA1 4  LEU A 99  ? TYR A 105 ? LEU A 100 TYR A 106 
AA1 5  ARG A 108 ? GLU A 115 ? ARG A 109 GLU A 116 
AA1 6  TYR A 88  ? SER A 95  ? TYR A 89  SER A 96  
AA1 7  TRP A 73  ? ARG A 80  ? TRP A 74  ARG A 81  
AA1 8  TRP A 38  ? ILE A 44  ? TRP A 39  ILE A 45  
AA1 9  VAL A 27  ? THR A 32  ? VAL A 28  THR A 33  
AA1 10 SER A 133 ? ILE A 136 ? SER A 134 ILE A 137 
AA1 11 THR A 8   ? PHE A 10  ? THR A 9   PHE A 11  
AA2 1  ASP A 2   ? TYR A 5   ? ASP A 3   TYR A 6   
AA2 2  GLU A 139 ? PRO A 144 ? GLU A 140 PRO A 145 
AA2 3  TYR A 16  ? ASN A 21  ? TYR A 17  ASN A 22  
AA2 4  LEU A 99  ? TYR A 105 ? LEU A 100 TYR A 106 
AA2 5  ARG A 108 ? GLU A 115 ? ARG A 109 GLU A 116 
AA2 6  THR A 120 ? ASN A 125 ? THR A 121 ASN A 126 
AA3 1  VAL A 48  ? VAL A 57  ? VAL A 49  VAL A 58  
AA3 2  GLU A 60  ? ASN A 68  ? GLU A 61  ASN A 69  
# 
loop_
_pdbx_struct_sheet_hbond.sheet_id 
_pdbx_struct_sheet_hbond.range_id_1 
_pdbx_struct_sheet_hbond.range_id_2 
_pdbx_struct_sheet_hbond.range_1_label_atom_id 
_pdbx_struct_sheet_hbond.range_1_label_comp_id 
_pdbx_struct_sheet_hbond.range_1_label_asym_id 
_pdbx_struct_sheet_hbond.range_1_label_seq_id 
_pdbx_struct_sheet_hbond.range_1_PDB_ins_code 
_pdbx_struct_sheet_hbond.range_1_auth_atom_id 
_pdbx_struct_sheet_hbond.range_1_auth_comp_id 
_pdbx_struct_sheet_hbond.range_1_auth_asym_id 
_pdbx_struct_sheet_hbond.range_1_auth_seq_id 
_pdbx_struct_sheet_hbond.range_2_label_atom_id 
_pdbx_struct_sheet_hbond.range_2_label_comp_id 
_pdbx_struct_sheet_hbond.range_2_label_asym_id 
_pdbx_struct_sheet_hbond.range_2_label_seq_id 
_pdbx_struct_sheet_hbond.range_2_PDB_ins_code 
_pdbx_struct_sheet_hbond.range_2_auth_atom_id 
_pdbx_struct_sheet_hbond.range_2_auth_comp_id 
_pdbx_struct_sheet_hbond.range_2_auth_asym_id 
_pdbx_struct_sheet_hbond.range_2_auth_seq_id 
AA1 1  2  N TYR A 5   ? N TYR A 6   O PHE A 140 ? O PHE A 141 
AA1 2  3  O ILE A 143 ? O ILE A 144 N TRP A 17  ? N TRP A 18  
AA1 3  4  N ILE A 20  ? N ILE A 21  O VAL A 100 ? O VAL A 101 
AA1 4  5  N LEU A 103 ? N LEU A 104 O TRP A 110 ? O TRP A 111 
AA1 5  6  O GLY A 114 ? O GLY A 115 N THR A 94  ? N THR A 95  
AA1 6  7  O ARG A 91  ? O ARG A 92  N GLU A 77  ? N GLU A 78  
AA1 7  8  O MET A 78  ? O MET A 79  N ALA A 40  ? N ALA A 41  
AA1 8  9  O VAL A 41  ? O VAL A 42  N VAL A 28  ? N VAL A 29  
AA1 9  10 N GLU A 30  ? N GLU A 31  O ILE A 135 ? O ILE A 136 
AA1 10 11 O ILE A 136 ? O ILE A 137 N THR A 8   ? N THR A 9   
AA2 1  2  N TYR A 5   ? N TYR A 6   O PHE A 140 ? O PHE A 141 
AA2 2  3  O ILE A 143 ? O ILE A 144 N TRP A 17  ? N TRP A 18  
AA2 3  4  N ILE A 20  ? N ILE A 21  O VAL A 100 ? O VAL A 101 
AA2 4  5  N LEU A 103 ? N LEU A 104 O TRP A 110 ? O TRP A 111 
AA2 5  6  N HIS A 113 ? N HIS A 114 O THR A 120 ? O THR A 121 
AA3 1  2  N VAL A 48  ? N VAL A 49  O ASN A 68  ? O ASN A 69  
# 
_atom_sites.entry_id                    6K2O 
_atom_sites.Cartn_transf_matrix[1][1]   ? 
_atom_sites.Cartn_transf_matrix[1][2]   ? 
_atom_sites.Cartn_transf_matrix[1][3]   ? 
_atom_sites.Cartn_transf_matrix[2][1]   ? 
_atom_sites.Cartn_transf_matrix[2][2]   ? 
_atom_sites.Cartn_transf_matrix[2][3]   ? 
_atom_sites.Cartn_transf_matrix[3][1]   ? 
_atom_sites.Cartn_transf_matrix[3][2]   ? 
_atom_sites.Cartn_transf_matrix[3][3]   ? 
_atom_sites.Cartn_transf_vector[1]      ? 
_atom_sites.Cartn_transf_vector[2]      ? 
_atom_sites.Cartn_transf_vector[3]      ? 
_atom_sites.fract_transf_matrix[1][1]   0.00950724 
_atom_sites.fract_transf_matrix[1][2]   -0.00550751 
_atom_sites.fract_transf_matrix[1][3]   0.00923335 
_atom_sites.fract_transf_matrix[2][1]   0.00467084 
_atom_sites.fract_transf_matrix[2][2]   0.00788266 
_atom_sites.fract_transf_matrix[2][3]   0.01104658 
_atom_sites.fract_transf_matrix[3][1]   -0.00642490 
_atom_sites.fract_transf_matrix[3][2]   -0.00297606 
_atom_sites.fract_transf_matrix[3][3]   0.00484032 
_atom_sites.fract_transf_vector[1]      -0.064321 
_atom_sites.fract_transf_vector[2]      0.456703 
_atom_sites.fract_transf_vector[3]      0.123827 
_atom_sites.solution_primary            ? 
_atom_sites.solution_secondary          ? 
_atom_sites.solution_hydrogens          ? 
_atom_sites.special_details             ? 
# 
loop_
_atom_type.symbol 
C  
N  
NA 
O  
S  
# 
loop_
_atom_site.group_PDB 
_atom_site.id 
_atom_site.type_symbol 
_atom_site.label_atom_id 
_atom_site.label_alt_id 
_atom_site.label_comp_id 
_atom_site.label_asym_id 
_atom_site.label_entity_id 
_atom_site.label_seq_id 
_atom_site.pdbx_PDB_ins_code 
_atom_site.Cartn_x 
_atom_site.Cartn_y 
_atom_site.Cartn_z 
_atom_site.occupancy 
_atom_site.B_iso_or_equiv 
_atom_site.pdbx_formal_charge 
_atom_site.auth_seq_id 
_atom_site.auth_comp_id 
_atom_site.auth_asym_id 
_atom_site.auth_atom_id 
_atom_site.pdbx_PDB_model_num 
ATOM   1    N  N   . LEU A 1 1   ? -12.435 12.511  9.592   1.00 59.06  0  2   LEU A N   1 
ATOM   2    C  CA  . LEU A 1 1   ? -11.970 11.386  8.790   1.00 57.72  0  2   LEU A CA  1 
ATOM   3    C  C   . LEU A 1 1   ? -12.893 11.158  7.594   1.00 47.27  0  2   LEU A C   1 
ATOM   4    O  O   . LEU A 1 1   ? -14.085 10.899  7.761   1.00 49.61  0  2   LEU A O   1 
ATOM   5    C  CB  . LEU A 1 1   ? -11.878 10.120  9.645   1.00 55.21  0  2   LEU A CB  1 
ATOM   6    C  CG  . LEU A 1 1   ? -11.113 8.937   9.047   1.00 41.90  0  2   LEU A CG  1 
ATOM   7    C  CD1 . LEU A 1 1   ? -9.828  9.407   8.382   1.00 41.34  0  2   LEU A CD1 1 
ATOM   8    C  CD2 . LEU A 1 1   ? -10.816 7.900   10.120  1.00 41.36  0  2   LEU A CD2 1 
ATOM   9    N  N   . ASP A 1 2   ? -12.335 11.257  6.389   1.00 41.87  0  3   ASP A N   1 
ATOM   10   C  CA  . ASP A 1 2   ? -13.101 11.103  5.155   1.00 37.41  0  3   ASP A CA  1 
ATOM   11   C  C   . ASP A 1 2   ? -13.176 9.622   4.805   1.00 31.35  0  3   ASP A C   1 
ATOM   12   O  O   . ASP A 1 2   ? -12.162 9.004   4.467   1.00 32.35  0  3   ASP A O   1 
ATOM   13   C  CB  . ASP A 1 2   ? -12.466 11.899  4.020   1.00 39.17  0  3   ASP A CB  1 
ATOM   14   C  CG  . ASP A 1 2   ? -13.099 13.261  3.841   1.00 44.07  0  3   ASP A CG  1 
ATOM   15   O  OD1 . ASP A 1 2   ? -12.974 13.835  2.743   1.00 51.34  0  3   ASP A OD1 1 
ATOM   16   O  OD2 . ASP A 1 2   ? -13.729 13.758  4.796   1.00 51.05  -1 3   ASP A OD2 1 
ATOM   17   N  N   . GLY A 1 3   ? -14.376 9.057   4.883   1.00 29.46  0  4   GLY A N   1 
ATOM   18   C  CA  . GLY A 1 3   ? -14.582 7.656   4.609   1.00 30.34  0  4   GLY A CA  1 
ATOM   19   C  C   . GLY A 1 3   ? -15.513 7.022   5.621   1.00 32.99  0  4   GLY A C   1 
ATOM   20   O  O   . GLY A 1 3   ? -16.120 7.708   6.448   1.00 34.33  0  4   GLY A O   1 
ATOM   21   N  N   . PRO A 1 4   ? -15.640 5.686   5.585   1.00 37.89  0  5   PRO A N   1 
ATOM   22   C  CA  . PRO A 1 4   ? -14.943 4.785   4.660   1.00 32.62  0  5   PRO A CA  1 
ATOM   23   C  C   . PRO A 1 4   ? -15.571 4.741   3.269   1.00 31.81  0  5   PRO A C   1 
ATOM   24   O  O   . PRO A 1 4   ? -16.772 4.973   3.122   1.00 29.82  0  5   PRO A O   1 
ATOM   25   C  CB  . PRO A 1 4   ? -15.068 3.425   5.348   1.00 33.87  0  5   PRO A CB  1 
ATOM   26   C  CG  . PRO A 1 4   ? -16.367 3.513   6.075   1.00 36.65  0  5   PRO A CG  1 
ATOM   27   C  CD  . PRO A 1 4   ? -16.497 4.947   6.529   1.00 34.93  0  5   PRO A CD  1 
ATOM   28   N  N   . TYR A 1 5   ? -14.754 4.449   2.262   1.00 24.09  0  6   TYR A N   1 
ATOM   29   C  CA  . TYR A 1 5   ? -15.205 4.316   0.886   1.00 20.71  0  6   TYR A CA  1 
ATOM   30   C  C   . TYR A 1 5   ? -15.015 2.876   0.429   1.00 23.63  0  6   TYR A C   1 
ATOM   31   O  O   . TYR A 1 5   ? -14.005 2.244   0.751   1.00 23.60  0  6   TYR A O   1 
ATOM   32   C  CB  . TYR A 1 5   ? -14.440 5.268   -0.037  1.00 18.92  0  6   TYR A CB  1 
ATOM   33   C  CG  . TYR A 1 5   ? -14.585 6.726   0.339   1.00 27.52  0  6   TYR A CG  1 
ATOM   34   C  CD1 . TYR A 1 5   ? -15.781 7.403   0.128   1.00 22.96  0  6   TYR A CD1 1 
ATOM   35   C  CD2 . TYR A 1 5   ? -13.527 7.427   0.905   1.00 21.44  0  6   TYR A CD2 1 
ATOM   36   C  CE1 . TYR A 1 5   ? -15.919 8.735   0.473   1.00 23.99  0  6   TYR A CE1 1 
ATOM   37   C  CE2 . TYR A 1 5   ? -13.656 8.760   1.252   1.00 21.71  0  6   TYR A CE2 1 
ATOM   38   C  CZ  . TYR A 1 5   ? -14.854 9.408   1.035   1.00 24.29  0  6   TYR A CZ  1 
ATOM   39   O  OH  . TYR A 1 5   ? -14.986 10.733  1.378   1.00 36.41  0  6   TYR A OH  1 
ATOM   40   N  N   . GLN A 1 6   ? -15.992 2.362   -0.316  1.00 23.82  0  7   GLN A N   1 
ATOM   41   C  CA  . GLN A 1 6   ? -15.931 0.988   -0.776  1.00 27.29  0  7   GLN A CA  1 
ATOM   42   C  C   . GLN A 1 6   ? -14.881 0.841   -1.879  1.00 28.25  0  7   GLN A C   1 
ATOM   43   O  O   . GLN A 1 6   ? -14.479 1.828   -2.500  1.00 21.51  0  7   GLN A O   1 
ATOM   44   C  CB  . GLN A 1 6   ? -17.304 0.530   -1.268  1.00 34.00  0  7   GLN A CB  1 
ATOM   45   C  CG  . GLN A 1 6   ? -18.063 1.539   -2.105  1.00 52.44  0  7   GLN A CG  1 
ATOM   46   C  CD  . GLN A 1 6   ? -19.521 1.154   -2.279  1.00 61.06  0  7   GLN A CD  1 
ATOM   47   O  OE1 . GLN A 1 6   ? -20.364 1.989   -2.609  1.00 65.02  0  7   GLN A OE1 1 
ATOM   48   N  NE2 . GLN A 1 6   ? -19.827 -0.121  -2.053  1.00 55.68  0  7   GLN A NE2 1 
ATOM   49   N  N   . PRO A 1 7   ? -14.404 -0.386  -2.118  1.00 29.39  0  8   PRO A N   1 
ATOM   50   C  CA  . PRO A 1 7   ? -13.377 -0.598  -3.147  1.00 30.11  0  8   PRO A CA  1 
ATOM   51   C  C   . PRO A 1 7   ? -13.774 -0.002  -4.491  1.00 29.23  0  8   PRO A C   1 
ATOM   52   O  O   . PRO A 1 7   ? -14.922 -0.109  -4.926  1.00 32.60  0  8   PRO A O   1 
ATOM   53   C  CB  . PRO A 1 7   ? -13.270 -2.124  -3.219  1.00 26.48  0  8   PRO A CB  1 
ATOM   54   C  CG  . PRO A 1 7   ? -13.634 -2.581  -1.854  1.00 23.79  0  8   PRO A CG  1 
ATOM   55   C  CD  . PRO A 1 7   ? -14.687 -1.622  -1.363  1.00 26.21  0  8   PRO A CD  1 
ATOM   56   N  N   . THR A 1 8   ? -12.806 0.633   -5.150  1.00 19.94  0  9   THR A N   1 
ATOM   57   C  CA  . THR A 1 8   ? -13.062 1.314   -6.412  1.00 19.68  0  9   THR A CA  1 
ATOM   58   C  C   . THR A 1 8   ? -11.747 1.496   -7.155  1.00 23.71  0  9   THR A C   1 
ATOM   59   O  O   . THR A 1 8   ? -10.668 1.194   -6.641  1.00 18.53  0  9   THR A O   1 
ATOM   60   C  CB  . THR A 1 8   ? -13.740 2.671   -6.192  1.00 22.33  0  9   THR A CB  1 
ATOM   61   O  OG1 . THR A 1 8   ? -14.141 3.217   -7.455  1.00 20.29  0  9   THR A OG1 1 
ATOM   62   C  CG2 . THR A 1 8   ? -12.780 3.637   -5.520  1.00 16.37  0  9   THR A CG2 1 
ATOM   63   N  N   . THR A 1 9   ? -11.860 2.003   -8.380  1.00 21.35  0  10  THR A N   1 
ATOM   64   C  CA  . THR A 1 9   ? -10.719 2.350   -9.217  1.00 22.97  0  10  THR A CA  1 
ATOM   65   C  C   . THR A 1 9   ? -10.842 3.818   -9.597  1.00 24.87  0  10  THR A C   1 
ATOM   66   O  O   . THR A 1 9   ? -11.851 4.224   -10.184 1.00 23.48  0  10  THR A O   1 
ATOM   67   C  CB  . THR A 1 9   ? -10.669 1.480   -10.473 1.00 23.05  0  10  THR A CB  1 
ATOM   68   O  OG1 . THR A 1 9   ? -10.611 0.099   -10.099 1.00 23.35  0  10  THR A OG1 1 
ATOM   69   C  CG2 . THR A 1 9   ? -9.449  1.830   -11.315 1.00 21.20  0  10  THR A CG2 1 
ATOM   70   N  N   . PHE A 1 10  ? -9.825  4.609   -9.265  1.00 21.77  0  11  PHE A N   1 
ATOM   71   C  CA  . PHE A 1 10  ? -9.858  6.032   -9.576  1.00 26.93  0  11  PHE A CA  1 
ATOM   72   C  C   . PHE A 1 10  ? -8.441  6.586   -9.531  1.00 29.35  0  11  PHE A C   1 
ATOM   73   O  O   . PHE A 1 10  ? -7.500  5.918   -9.096  1.00 20.95  0  11  PHE A O   1 
ATOM   74   C  CB  . PHE A 1 10  ? -10.788 6.797   -8.623  1.00 26.26  0  11  PHE A CB  1 
ATOM   75   C  CG  . PHE A 1 10  ? -10.187 7.099   -7.272  1.00 23.91  0  11  PHE A CG  1 
ATOM   76   C  CD1 . PHE A 1 10  ? -10.187 8.394   -6.779  1.00 26.90  0  11  PHE A CD1 1 
ATOM   77   C  CD2 . PHE A 1 10  ? -9.652  6.091   -6.484  1.00 25.24  0  11  PHE A CD2 1 
ATOM   78   C  CE1 . PHE A 1 10  ? -9.651  8.683   -5.537  1.00 23.01  0  11  PHE A CE1 1 
ATOM   79   C  CE2 . PHE A 1 10  ? -9.112  6.374   -5.240  1.00 22.13  0  11  PHE A CE2 1 
ATOM   80   C  CZ  . PHE A 1 10  ? -9.112  7.672   -4.767  1.00 21.56  0  11  PHE A CZ  1 
ATOM   81   N  N   . THR A 1 11  ? -8.305  7.823   -10.011 1.00 24.17  0  12  THR A N   1 
ATOM   82   C  CA  . THR A 1 11  ? -7.036  8.534   -9.972  1.00 25.66  0  12  THR A CA  1 
ATOM   83   C  C   . THR A 1 11  ? -7.016  9.403   -8.724  1.00 22.82  0  12  THR A C   1 
ATOM   84   O  O   . THR A 1 11  ? -7.722  10.422  -8.682  1.00 23.56  0  12  THR A O   1 
ATOM   85   C  CB  . THR A 1 11  ? -6.859  9.388   -11.220 1.00 26.36  0  12  THR A CB  1 
ATOM   86   O  OG1 . THR A 1 11  ? -6.894  8.548   -12.380 1.00 28.72  0  12  THR A OG1 1 
ATOM   87   C  CG2 . THR A 1 11  ? -5.533  10.135  -11.178 1.00 19.45  0  12  THR A CG2 1 
ATOM   88   N  N   . PRO A 1 12  ? -6.249  9.047   -7.690  1.00 21.89  0  13  PRO A N   1 
ATOM   89   C  CA  . PRO A 1 12  ? -6.312  9.806   -6.444  1.00 24.71  0  13  PRO A CA  1 
ATOM   90   C  C   . PRO A 1 12  ? -5.805  11.220  -6.646  1.00 24.27  0  13  PRO A C   1 
ATOM   91   O  O   . PRO A 1 12  ? -4.907  11.463  -7.471  1.00 23.10  0  13  PRO A O   1 
ATOM   92   C  CB  . PRO A 1 12  ? -5.395  9.011   -5.497  1.00 21.86  0  13  PRO A CB  1 
ATOM   93   C  CG  . PRO A 1 12  ? -5.271  7.663   -6.118  1.00 24.78  0  13  PRO A CG  1 
ATOM   94   C  CD  . PRO A 1 12  ? -5.345  7.891   -7.591  1.00 22.20  0  13  PRO A CD  1 
ATOM   95   N  N   . PRO A 1 13  ? -6.351  12.190  -5.920  1.00 24.07  0  14  PRO A N   1 
ATOM   96   C  CA  . PRO A 1 13  ? -5.853  13.560  -6.035  1.00 25.07  0  14  PRO A CA  1 
ATOM   97   C  C   . PRO A 1 13  ? -4.492  13.703  -5.376  1.00 24.58  0  14  PRO A C   1 
ATOM   98   O  O   . PRO A 1 13  ? -4.152  12.992  -4.428  1.00 23.87  0  14  PRO A O   1 
ATOM   99   C  CB  . PRO A 1 13  ? -6.915  14.384  -5.301  1.00 26.64  0  14  PRO A CB  1 
ATOM   100  C  CG  . PRO A 1 13  ? -7.459  13.435  -4.281  1.00 24.09  0  14  PRO A CG  1 
ATOM   101  C  CD  . PRO A 1 13  ? -7.428  12.069  -4.920  1.00 25.59  0  14  PRO A CD  1 
ATOM   102  N  N   . ILE A 1 14  ? -3.702  14.635  -5.907  1.00 25.42  0  15  ILE A N   1 
ATOM   103  C  CA  . ILE A 1 14  ? -2.418  14.955  -5.303  1.00 24.16  0  15  ILE A CA  1 
ATOM   104  C  C   . ILE A 1 14  ? -2.651  15.611  -3.946  1.00 24.61  0  15  ILE A C   1 
ATOM   105  O  O   . ILE A 1 14  ? -3.664  16.289  -3.723  1.00 21.08  0  15  ILE A O   1 
ATOM   106  C  CB  . ILE A 1 14  ? -1.601  15.860  -6.246  1.00 27.52  0  15  ILE A CB  1 
ATOM   107  C  CG1 . ILE A 1 14  ? -1.415  15.169  -7.601  1.00 32.92  0  15  ILE A CG1 1 
ATOM   108  C  CG2 . ILE A 1 14  ? -0.252  16.224  -5.638  1.00 30.89  0  15  ILE A CG2 1 
ATOM   109  C  CD1 . ILE A 1 14  ? -0.261  15.711  -8.424  1.00 40.93  0  15  ILE A CD1 1 
ATOM   110  N  N   . ASP A 1 15  ? -1.719  15.371  -3.016  1.00 21.25  0  16  ASP A N   1 
ATOM   111  C  CA  . ASP A 1 15  ? -1.678  15.968  -1.682  1.00 21.47  0  16  ASP A CA  1 
ATOM   112  C  C   . ASP A 1 15  ? -2.706  15.377  -0.728  1.00 21.05  0  16  ASP A C   1 
ATOM   113  O  O   . ASP A 1 15  ? -3.093  16.032  0.245   1.00 21.50  0  16  ASP A O   1 
ATOM   114  C  CB  . ASP A 1 15  ? -1.844  17.492  -1.734  1.00 22.18  0  16  ASP A CB  1 
ATOM   115  C  CG  . ASP A 1 15  ? -1.061  18.199  -0.651  1.00 31.04  0  16  ASP A CG  1 
ATOM   116  O  OD1 . ASP A 1 15  ? -1.555  19.214  -0.119  1.00 34.45  0  16  ASP A OD1 1 
ATOM   117  O  OD2 . ASP A 1 15  ? 0.048   17.731  -0.323  1.00 30.36  -1 16  ASP A OD2 1 
ATOM   118  N  N   . TYR A 1 16  ? -3.155  14.146  -0.966  1.00 24.63  0  17  TYR A N   1 
ATOM   119  C  CA  . TYR A 1 16  ? -4.085  13.465  -0.076  1.00 19.28  0  17  TYR A CA  1 
ATOM   120  C  C   . TYR A 1 16  ? -3.558  12.071  0.223   1.00 22.41  0  17  TYR A C   1 
ATOM   121  O  O   . TYR A 1 16  ? -3.139  11.354  -0.692  1.00 21.23  0  17  TYR A O   1 
ATOM   122  C  CB  . TYR A 1 16  ? -5.485  13.376  -0.692  1.00 25.79  0  17  TYR A CB  1 
ATOM   123  C  CG  . TYR A 1 16  ? -6.255  14.677  -0.673  1.00 21.55  0  17  TYR A CG  1 
ATOM   124  C  CD1 . TYR A 1 16  ? -6.197  15.557  -1.745  1.00 27.43  0  17  TYR A CD1 1 
ATOM   125  C  CD2 . TYR A 1 16  ? -7.045  15.022  0.416   1.00 25.86  0  17  TYR A CD2 1 
ATOM   126  C  CE1 . TYR A 1 16  ? -6.904  16.746  -1.735  1.00 24.27  0  17  TYR A CE1 1 
ATOM   127  C  CE2 . TYR A 1 16  ? -7.753  16.209  0.438   1.00 24.00  0  17  TYR A CE2 1 
ATOM   128  C  CZ  . TYR A 1 16  ? -7.680  17.066  -0.640  1.00 27.57  0  17  TYR A CZ  1 
ATOM   129  O  OH  . TYR A 1 16  ? -8.381  18.248  -0.622  1.00 35.94  0  17  TYR A OH  1 
ATOM   130  N  N   . TRP A 1 17  ? -3.576  11.690  1.498   1.00 25.37  0  18  TRP A N   1 
ATOM   131  C  CA  . TRP A 1 17  ? -3.212  10.335  1.887   1.00 24.35  0  18  TRP A CA  1 
ATOM   132  C  C   . TRP A 1 17  ? -4.387  9.397   1.645   1.00 22.86  0  18  TRP A C   1 
ATOM   133  O  O   . TRP A 1 17  ? -5.521  9.693   2.037   1.00 21.32  0  18  TRP A O   1 
ATOM   134  C  CB  . TRP A 1 17  ? -2.791  10.283  3.357   1.00 20.99  0  18  TRP A CB  1 
ATOM   135  C  CG  . TRP A 1 17  ? -1.333  10.580  3.580   1.00 27.66  0  18  TRP A CG  1 
ATOM   136  C  CD1 . TRP A 1 17  ? -0.796  11.743  4.051   1.00 23.60  0  18  TRP A CD1 1 
ATOM   137  C  CD2 . TRP A 1 17  ? -0.229  9.697   3.340   1.00 23.33  0  18  TRP A CD2 1 
ATOM   138  N  NE1 . TRP A 1 17  ? 0.573   11.639  4.119   1.00 25.84  0  18  TRP A NE1 1 
ATOM   139  C  CE2 . TRP A 1 17  ? 0.947   10.394  3.688   1.00 26.91  0  18  TRP A CE2 1 
ATOM   140  C  CE3 . TRP A 1 17  ? -0.120  8.385   2.866   1.00 21.57  0  18  TRP A CE3 1 
ATOM   141  C  CZ2 . TRP A 1 17  ? 2.214   9.824   3.576   1.00 25.23  0  18  TRP A CZ2 1 
ATOM   142  C  CZ3 . TRP A 1 17  ? 1.142   7.822   2.754   1.00 23.39  0  18  TRP A CZ3 1 
ATOM   143  C  CH2 . TRP A 1 17  ? 2.290   8.541   3.108   1.00 23.50  0  18  TRP A CH2 1 
ATOM   144  N  N   . ILE A 1 18  ? -4.116  8.274   0.991   1.00 25.83  0  19  ILE A N   1 
ATOM   145  C  CA  . ILE A 1 18  ? -5.091  7.204   0.815   1.00 21.05  0  19  ILE A CA  1 
ATOM   146  C  C   . ILE A 1 18  ? -4.777  6.141   1.860   1.00 20.36  0  19  ILE A C   1 
ATOM   147  O  O   . ILE A 1 18  ? -3.756  5.452   1.769   1.00 23.56  0  19  ILE A O   1 
ATOM   148  C  CB  . ILE A 1 18  ? -5.051  6.625   -0.606  1.00 23.08  0  19  ILE A CB  1 
ATOM   149  C  CG1 . ILE A 1 18  ? -5.280  7.728   -1.643  1.00 29.26  0  19  ILE A CG1 1 
ATOM   150  C  CG2 . ILE A 1 18  ? -6.083  5.524   -0.762  1.00 22.04  0  19  ILE A CG2 1 
ATOM   151  C  CD1 . ILE A 1 18  ? -6.558  8.512   -1.437  1.00 24.12  0  19  ILE A CD1 1 
ATOM   152  N  N   . LEU A 1 19  ? -5.647  6.010   2.860   1.00 23.23  0  20  LEU A N   1 
ATOM   153  C  CA  . LEU A 1 19  ? -5.448  5.086   3.973   1.00 20.88  0  20  LEU A CA  1 
ATOM   154  C  C   . LEU A 1 19  ? -6.361  3.880   3.774   1.00 24.17  0  20  LEU A C   1 
ATOM   155  O  O   . LEU A 1 19  ? -7.582  3.989   3.917   1.00 22.23  0  20  LEU A O   1 
ATOM   156  C  CB  . LEU A 1 19  ? -5.732  5.784   5.302   1.00 20.98  0  20  LEU A CB  1 
ATOM   157  C  CG  . LEU A 1 19  ? -5.529  4.988   6.592   1.00 24.55  0  20  LEU A CG  1 
ATOM   158  C  CD1 . LEU A 1 19  ? -4.073  4.591   6.749   1.00 25.32  0  20  LEU A CD1 1 
ATOM   159  C  CD2 . LEU A 1 19  ? -6.002  5.793   7.795   1.00 25.93  0  20  LEU A CD2 1 
ATOM   160  N  N   . ILE A 1 20  ? -5.766  2.729   3.464   1.00 20.98  0  21  ILE A N   1 
ATOM   161  C  CA  . ILE A 1 20  ? -6.499  1.531   3.065   1.00 21.07  0  21  ILE A CA  1 
ATOM   162  C  C   . ILE A 1 20  ? -6.501  0.539   4.220   1.00 24.02  0  21  ILE A C   1 
ATOM   163  O  O   . ILE A 1 20  ? -5.452  0.266   4.817   1.00 25.88  0  21  ILE A O   1 
ATOM   164  C  CB  . ILE A 1 20  ? -5.892  0.902   1.799   1.00 21.95  0  21  ILE A CB  1 
ATOM   165  C  CG1 . ILE A 1 20  ? -5.826  1.938   0.675   1.00 19.46  0  21  ILE A CG1 1 
ATOM   166  C  CG2 . ILE A 1 20  ? -6.698  -0.313  1.361   1.00 19.23  0  21  ILE A CG2 1 
ATOM   167  C  CD1 . ILE A 1 20  ? -5.097  1.454   -0.559  1.00 20.40  0  21  ILE A CD1 1 
ATOM   168  N  N   . ASN A 1 21  ? -7.679  -0.013  4.521   1.00 22.32  0  22  ASN A N   1 
ATOM   169  C  CA  . ASN A 1 21  ? -7.866  -0.950  5.630   1.00 21.71  0  22  ASN A CA  1 
ATOM   170  C  C   . ASN A 1 21  ? -7.989  -2.356  5.049   1.00 20.18  0  22  ASN A C   1 
ATOM   171  O  O   . ASN A 1 21  ? -9.063  -2.762  4.599   1.00 25.54  0  22  ASN A O   1 
ATOM   172  C  CB  . ASN A 1 21  ? -9.094  -0.569  6.450   1.00 20.97  0  22  ASN A CB  1 
ATOM   173  C  CG  . ASN A 1 21  ? -9.169  -1.306  7.778   1.00 30.41  0  22  ASN A CG  1 
ATOM   174  O  OD1 . ASN A 1 21  ? -8.256  -2.044  8.149   1.00 32.21  0  22  ASN A OD1 1 
ATOM   175  N  ND2 . ASN A 1 21  ? -10.261 -1.102  8.505   1.00 33.84  0  22  ASN A ND2 1 
ATOM   176  N  N   . SER A 1 22  ? -6.885  -3.100  5.068   1.00 21.13  0  23  SER A N   1 
ATOM   177  C  CA  . SER A 1 22  ? -6.868  -4.432  4.480   1.00 24.24  0  23  SER A CA  1 
ATOM   178  C  C   . SER A 1 22  ? -7.696  -5.402  5.313   1.00 29.61  0  23  SER A C   1 
ATOM   179  O  O   . SER A 1 22  ? -7.701  -5.343  6.546   1.00 27.25  0  23  SER A O   1 
ATOM   180  C  CB  . SER A 1 22  ? -5.432  -4.938  4.359   1.00 21.32  0  23  SER A CB  1 
ATOM   181  O  OG  . SER A 1 22  ? -5.398  -6.263  3.857   1.00 27.12  0  23  SER A OG  1 
ATOM   182  N  N   . ASN A 1 23  ? -8.394  -6.313  4.627   1.00 25.61  0  24  ASN A N   1 
ATOM   183  C  CA  . ASN A 1 23  ? -9.294  -7.248  5.287   1.00 34.05  0  24  ASN A CA  1 
ATOM   184  C  C   . ASN A 1 23  ? -9.059  -8.707  4.913   1.00 33.98  0  24  ASN A C   1 
ATOM   185  O  O   . ASN A 1 23  ? -9.822  -9.571  5.361   1.00 35.55  0  24  ASN A O   1 
ATOM   186  C  CB  . ASN A 1 23  ? -10.756 -6.884  4.984   1.00 24.44  0  24  ASN A CB  1 
ATOM   187  C  CG  . ASN A 1 23  ? -11.062 -6.890  3.497   1.00 36.47  0  24  ASN A CG  1 
ATOM   188  O  OD1 . ASN A 1 23  ? -10.175 -6.695  2.667   1.00 37.36  0  24  ASN A OD1 1 
ATOM   189  N  ND2 . ASN A 1 23  ? -12.325 -7.113  3.156   1.00 42.13  0  24  ASN A ND2 1 
ATOM   190  N  N   . THR A 1 24  ? -8.037  -9.010  4.116   1.00 28.83  0  25  THR A N   1 
ATOM   191  C  CA  . THR A 1 24  ? -7.740  -10.388 3.748   1.00 30.39  0  25  THR A CA  1 
ATOM   192  C  C   . THR A 1 24  ? -6.300  -10.458 3.258   1.00 31.23  0  25  THR A C   1 
ATOM   193  O  O   . THR A 1 24  ? -5.639  -9.434  3.063   1.00 26.96  0  25  THR A O   1 
ATOM   194  C  CB  . THR A 1 24  ? -8.717  -10.910 2.686   1.00 32.87  0  25  THR A CB  1 
ATOM   195  O  OG1 . THR A 1 24  ? -8.514  -12.315 2.493   1.00 33.61  0  25  THR A OG1 1 
ATOM   196  C  CG2 . THR A 1 24  ? -8.516  -10.182 1.362   1.00 27.77  0  25  THR A CG2 1 
ATOM   197  N  N   . ASN A 1 25  ? -5.817  -11.683 3.067   1.00 26.66  0  26  ASN A N   1 
ATOM   198  C  CA  . ASN A 1 25  ? -4.436  -11.907 2.638   1.00 25.88  0  26  ASN A CA  1 
ATOM   199  C  C   . ASN A 1 25  ? -4.320  -11.980 1.116   1.00 26.96  0  26  ASN A C   1 
ATOM   200  O  O   . ASN A 1 25  ? -3.779  -12.928 0.548   1.00 23.16  0  26  ASN A O   1 
ATOM   201  C  CB  . ASN A 1 25  ? -3.879  -13.164 3.299   1.00 23.30  0  26  ASN A CB  1 
ATOM   202  C  CG  . ASN A 1 25  ? -4.660  -14.416 2.940   1.00 36.15  0  26  ASN A CG  1 
ATOM   203  O  OD1 . ASN A 1 25  ? -5.822  -14.346 2.535   1.00 31.80  0  26  ASN A OD1 1 
ATOM   204  N  ND2 . ASN A 1 25  ? -4.021  -15.571 3.086   1.00 28.54  0  26  ASN A ND2 1 
ATOM   205  N  N   . GLY A 1 26  ? -4.829  -10.953 0.444   1.00 28.43  0  27  GLY A N   1 
ATOM   206  C  CA  . GLY A 1 26  ? -4.764  -10.891 -1.001  1.00 27.81  0  27  GLY A CA  1 
ATOM   207  C  C   . GLY A 1 26  ? -4.115  -9.616  -1.490  1.00 26.40  0  27  GLY A C   1 
ATOM   208  O  O   . GLY A 1 26  ? -3.274  -9.031  -0.799  1.00 21.81  0  27  GLY A O   1 
ATOM   209  N  N   . VAL A 1 27  ? -4.496  -9.178  -2.685  1.00 23.54  0  28  VAL A N   1 
ATOM   210  C  CA  . VAL A 1 27  ? -3.990  -7.929  -3.242  1.00 19.92  0  28  VAL A CA  1 
ATOM   211  C  C   . VAL A 1 27  ? -4.696  -6.770  -2.552  1.00 17.58  0  28  VAL A C   1 
ATOM   212  O  O   . VAL A 1 27  ? -5.927  -6.666  -2.597  1.00 22.12  0  28  VAL A O   1 
ATOM   213  C  CB  . VAL A 1 27  ? -4.199  -7.871  -4.762  1.00 21.40  0  28  VAL A CB  1 
ATOM   214  C  CG1 . VAL A 1 27  ? -3.742  -6.518  -5.304  1.00 19.52  0  28  VAL A CG1 1 
ATOM   215  C  CG2 . VAL A 1 27  ? -3.454  -9.008  -5.444  1.00 22.13  0  28  VAL A CG2 1 
ATOM   216  N  N   . VAL A 1 28  ? -3.918  -5.897  -1.915  1.00 18.12  0  29  VAL A N   1 
ATOM   217  C  CA  . VAL A 1 28  ? -4.498  -4.759  -1.210  1.00 19.83  0  29  VAL A CA  1 
ATOM   218  C  C   . VAL A 1 28  ? -4.836  -3.637  -2.183  1.00 16.54  0  29  VAL A C   1 
ATOM   219  O  O   . VAL A 1 28  ? -5.964  -3.133  -2.201  1.00 20.55  0  29  VAL A O   1 
ATOM   220  C  CB  . VAL A 1 28  ? -3.549  -4.279  -0.096  1.00 21.20  0  29  VAL A CB  1 
ATOM   221  C  CG1 . VAL A 1 28  ? -4.127  -3.056  0.601   1.00 20.25  0  29  VAL A CG1 1 
ATOM   222  C  CG2 . VAL A 1 28  ? -3.304  -5.401  0.905   1.00 21.25  0  29  VAL A CG2 1 
ATOM   223  N  N   . TYR A 1 29  ? -3.870  -3.225  -3.001  1.00 17.19  0  30  TYR A N   1 
ATOM   224  C  CA  . TYR A 1 29  ? -4.137  -2.243  -4.042  1.00 18.71  0  30  TYR A CA  1 
ATOM   225  C  C   . TYR A 1 29  ? -3.163  -2.442  -5.195  1.00 25.18  0  30  TYR A C   1 
ATOM   226  O  O   . TYR A 1 29  ? -2.118  -3.083  -5.052  1.00 22.61  0  30  TYR A O   1 
ATOM   227  C  CB  . TYR A 1 29  ? -4.064  -0.802  -3.508  1.00 19.23  0  30  TYR A CB  1 
ATOM   228  C  CG  . TYR A 1 29  ? -2.684  -0.318  -3.098  1.00 17.80  0  30  TYR A CG  1 
ATOM   229  C  CD1 . TYR A 1 29  ? -2.295  -0.321  -1.763  1.00 21.13  0  30  TYR A CD1 1 
ATOM   230  C  CD2 . TYR A 1 29  ? -1.783  0.168   -4.040  1.00 21.36  0  30  TYR A CD2 1 
ATOM   231  C  CE1 . TYR A 1 29  ? -1.044  0.131   -1.381  1.00 18.06  0  30  TYR A CE1 1 
ATOM   232  C  CE2 . TYR A 1 29  ? -0.530  0.617   -3.668  1.00 20.25  0  30  TYR A CE2 1 
ATOM   233  C  CZ  . TYR A 1 29  ? -0.164  0.598   -2.339  1.00 20.49  0  30  TYR A CZ  1 
ATOM   234  O  OH  . TYR A 1 29  ? 1.083   1.047   -1.967  1.00 22.64  0  30  TYR A OH  1 
ATOM   235  N  N   . GLU A 1 30  ? -3.529  -1.882  -6.347  1.00 23.80  0  31  GLU A N   1 
ATOM   236  C  CA  . GLU A 1 30  ? -2.684  -1.865  -7.535  1.00 26.09  0  31  GLU A CA  1 
ATOM   237  C  C   . GLU A 1 30  ? -2.580  -0.426  -8.016  1.00 26.05  0  31  GLU A C   1 
ATOM   238  O  O   . GLU A 1 30  ? -3.597  0.195   -8.337  1.00 25.27  0  31  GLU A O   1 
ATOM   239  C  CB  . GLU A 1 30  ? -3.255  -2.751  -8.647  1.00 26.72  0  31  GLU A CB  1 
ATOM   240  C  CG  . GLU A 1 30  ? -3.479  -4.196  -8.253  1.00 31.53  0  31  GLU A CG  1 
ATOM   241  C  CD  . GLU A 1 30  ? -4.551  -4.856  -9.095  1.00 34.87  0  31  GLU A CD  1 
ATOM   242  O  OE1 . GLU A 1 30  ? -5.682  -5.032  -8.594  1.00 36.87  0  31  GLU A OE1 1 
ATOM   243  O  OE2 . GLU A 1 30  ? -4.264  -5.193  -10.262 1.00 36.15  -1 31  GLU A OE2 1 
ATOM   244  N  N   . SER A 1 31  ? -1.359  0.097   -8.076  1.00 21.26  0  32  SER A N   1 
ATOM   245  C  CA  . SER A 1 31  ? -1.129  1.484   -8.448  1.00 23.24  0  32  SER A CA  1 
ATOM   246  C  C   . SER A 1 31  ? -0.105  1.548   -9.570  1.00 28.50  0  32  SER A C   1 
ATOM   247  O  O   . SER A 1 31  ? 0.975   0.955   -9.464  1.00 23.51  0  32  SER A O   1 
ATOM   248  C  CB  . SER A 1 31  ? -0.649  2.304   -7.249  1.00 22.09  0  32  SER A CB  1 
ATOM   249  O  OG  . SER A 1 31  ? -0.473  3.660   -7.611  1.00 25.26  0  32  SER A OG  1 
ATOM   250  N  N   . THR A 1 32  ? -0.442  2.269   -10.635 1.00 17.22  0  33  THR A N   1 
ATOM   251  C  CA  . THR A 1 32  ? 0.473   2.427   -11.755 1.00 19.29  0  33  THR A CA  1 
ATOM   252  C  C   . THR A 1 32  ? 0.092   3.666   -12.552 1.00 24.13  0  33  THR A C   1 
ATOM   253  O  O   . THR A 1 32  ? -1.060  4.108   -12.528 1.00 20.37  0  33  THR A O   1 
ATOM   254  C  CB  . THR A 1 32  ? 0.477   1.193   -12.669 1.00 18.01  0  33  THR A CB  1 
ATOM   255  O  OG1 . THR A 1 32  ? 1.483   1.346   -13.678 1.00 19.23  0  33  THR A OG1 1 
ATOM   256  C  CG2 . THR A 1 32  ? -0.880  1.008   -13.337 1.00 17.30  0  33  THR A CG2 1 
ATOM   257  N  N   . ASN A 1 33  ? 1.084   4.229   -13.240 1.00 22.92  0  34  ASN A N   1 
ATOM   258  C  CA  . ASN A 1 33  ? 0.860   5.253   -14.248 1.00 21.62  0  34  ASN A CA  1 
ATOM   259  C  C   . ASN A 1 33  ? 1.057   4.718   -15.658 1.00 27.85  0  34  ASN A C   1 
ATOM   260  O  O   . ASN A 1 33  ? 0.950   5.486   -16.621 1.00 30.79  0  34  ASN A O   1 
ATOM   261  C  CB  . ASN A 1 33  ? 1.783   6.458   -14.012 1.00 22.42  0  34  ASN A CB  1 
ATOM   262  C  CG  . ASN A 1 33  ? 3.261   6.079   -13.969 1.00 27.01  0  34  ASN A CG  1 
ATOM   263  O  OD1 . ASN A 1 33  ? 3.655   4.988   -14.382 1.00 20.16  0  34  ASN A OD1 1 
ATOM   264  N  ND2 . ASN A 1 33  ? 4.084   6.992   -13.466 1.00 22.34  0  34  ASN A ND2 1 
ATOM   265  N  N   . ASN A 1 34  ? 1.359   3.426   -15.796 1.00 19.79  0  35  ASN A N   1 
ATOM   266  C  CA  . ASN A 1 34  ? 1.562   2.719   -17.057 1.00 28.76  0  35  ASN A CA  1 
ATOM   267  C  C   . ASN A 1 34  ? 2.808   3.170   -17.809 1.00 28.91  0  35  ASN A C   1 
ATOM   268  O  O   . ASN A 1 34  ? 3.006   2.759   -18.960 1.00 27.50  0  35  ASN A O   1 
ATOM   269  C  CB  . ASN A 1 34  ? 0.337   2.835   -17.970 1.00 32.13  0  35  ASN A CB  1 
ATOM   270  C  CG  . ASN A 1 34  ? -0.913  2.248   -17.339 1.00 34.43  0  35  ASN A CG  1 
ATOM   271  O  OD1 . ASN A 1 34  ? -1.028  1.032   -17.187 1.00 33.25  0  35  ASN A OD1 1 
ATOM   272  N  ND2 . ASN A 1 34  ? -1.854  3.108   -16.966 1.00 34.82  0  35  ASN A ND2 1 
ATOM   273  N  N   . SER A 1 35  ? 3.660   3.999   -17.204 1.00 26.58  0  36  SER A N   1 
ATOM   274  C  CA  . SER A 1 35  ? 4.906   4.408   -17.847 1.00 26.69  0  36  SER A CA  1 
ATOM   275  C  C   . SER A 1 35  ? 6.140   3.989   -17.057 1.00 25.81  0  36  SER A C   1 
ATOM   276  O  O   . SER A 1 35  ? 6.992   3.279   -17.598 1.00 26.78  0  36  SER A O   1 
ATOM   277  C  CB  . SER A 1 35  ? 4.902   5.925   -18.073 1.00 17.03  0  36  SER A CB  1 
ATOM   278  O  OG  . SER A 1 35  ? 4.592   6.613   -16.874 1.00 29.27  0  36  SER A OG  1 
ATOM   279  N  N   . ASP A 1 36  ? 6.261   4.389   -15.785 1.00 18.98  0  37  ASP A N   1 
ATOM   280  C  CA  . ASP A 1 36  ? 7.483   4.095   -15.044 1.00 23.47  0  37  ASP A CA  1 
ATOM   281  C  C   . ASP A 1 36  ? 7.242   3.703   -13.590 1.00 25.20  0  37  ASP A C   1 
ATOM   282  O  O   . ASP A 1 36  ? 8.200   3.693   -12.807 1.00 19.14  0  37  ASP A O   1 
ATOM   283  C  CB  . ASP A 1 36  ? 8.450   5.292   -15.105 1.00 20.01  0  37  ASP A CB  1 
ATOM   284  C  CG  . ASP A 1 36  ? 7.929   6.523   -14.367 1.00 26.61  0  37  ASP A CG  1 
ATOM   285  O  OD1 . ASP A 1 36  ? 6.801   6.494   -13.829 1.00 27.79  0  37  ASP A OD1 1 
ATOM   286  O  OD2 . ASP A 1 36  ? 8.660   7.535   -14.328 1.00 27.22  -1 37  ASP A OD2 1 
ATOM   287  N  N   . PHE A 1 37  ? 6.010   3.380   -13.200 1.00 23.94  0  38  PHE A N   1 
ATOM   288  C  CA  . PHE A 1 37  ? 5.718   3.070   -11.804 1.00 20.36  0  38  PHE A CA  1 
ATOM   289  C  C   . PHE A 1 37  ? 4.634   2.007   -11.742 1.00 23.34  0  38  PHE A C   1 
ATOM   290  O  O   . PHE A 1 37  ? 3.524   2.228   -12.232 1.00 21.06  0  38  PHE A O   1 
ATOM   291  C  CB  . PHE A 1 37  ? 5.282   4.326   -11.045 1.00 18.26  0  38  PHE A CB  1 
ATOM   292  C  CG  . PHE A 1 37  ? 4.948   4.079   -9.600  1.00 23.23  0  38  PHE A CG  1 
ATOM   293  C  CD1 . PHE A 1 37  ? 5.937   4.120   -8.630  1.00 23.35  0  38  PHE A CD1 1 
ATOM   294  C  CD2 . PHE A 1 37  ? 3.646   3.811   -9.209  1.00 25.94  0  38  PHE A CD2 1 
ATOM   295  C  CE1 . PHE A 1 37  ? 5.633   3.897   -7.299  1.00 21.14  0  38  PHE A CE1 1 
ATOM   296  C  CE2 . PHE A 1 37  ? 3.336   3.587   -7.879  1.00 26.64  0  38  PHE A CE2 1 
ATOM   297  C  CZ  . PHE A 1 37  ? 4.331   3.632   -6.924  1.00 21.60  0  38  PHE A CZ  1 
ATOM   298  N  N   . TRP A 1 38  ? 4.960   0.861   -11.147 1.00 19.50  0  39  TRP A N   1 
ATOM   299  C  CA  . TRP A 1 38  ? 3.994   -0.191  -10.851 1.00 22.53  0  39  TRP A CA  1 
ATOM   300  C  C   . TRP A 1 38  ? 4.224   -0.633  -9.417  1.00 21.61  0  39  TRP A C   1 
ATOM   301  O  O   . TRP A 1 38  ? 5.334   -1.050  -9.072  1.00 22.46  0  39  TRP A O   1 
ATOM   302  C  CB  . TRP A 1 38  ? 4.148   -1.393  -11.787 1.00 24.81  0  39  TRP A CB  1 
ATOM   303  C  CG  . TRP A 1 38  ? 3.534   -1.251  -13.146 1.00 26.33  0  39  TRP A CG  1 
ATOM   304  C  CD1 . TRP A 1 38  ? 2.337   -1.759  -13.563 1.00 19.68  0  39  TRP A CD1 1 
ATOM   305  C  CD2 . TRP A 1 38  ? 4.105   -0.589  -14.280 1.00 23.54  0  39  TRP A CD2 1 
ATOM   306  N  NE1 . TRP A 1 38  ? 2.120   -1.440  -14.882 1.00 23.19  0  39  TRP A NE1 1 
ATOM   307  C  CE2 . TRP A 1 38  ? 3.191   -0.722  -15.345 1.00 26.18  0  39  TRP A CE2 1 
ATOM   308  C  CE3 . TRP A 1 38  ? 5.296   0.111   -14.496 1.00 24.11  0  39  TRP A CE3 1 
ATOM   309  C  CZ2 . TRP A 1 38  ? 3.432   -0.182  -16.606 1.00 24.09  0  39  TRP A CZ2 1 
ATOM   310  C  CZ3 . TRP A 1 38  ? 5.531   0.650   -15.747 1.00 24.79  0  39  TRP A CZ3 1 
ATOM   311  C  CH2 . TRP A 1 38  ? 4.604   0.499   -16.786 1.00 26.67  0  39  TRP A CH2 1 
ATOM   312  N  N   . THR A 1 39  ? 3.189   -0.550  -8.586  1.00 17.73  0  40  THR A N   1 
ATOM   313  C  CA  . THR A 1 39  ? 3.267   -1.061  -7.223  1.00 22.39  0  40  THR A CA  1 
ATOM   314  C  C   . THR A 1 39  ? 1.967   -1.773  -6.885  1.00 21.80  0  40  THR A C   1 
ATOM   315  O  O   . THR A 1 39  ? 0.887   -1.181  -6.981  1.00 17.83  0  40  THR A O   1 
ATOM   316  C  CB  . THR A 1 39  ? 3.542   0.054   -6.209  1.00 20.88  0  40  THR A CB  1 
ATOM   317  O  OG1 . THR A 1 39  ? 4.818   0.642   -6.482  1.00 28.35  0  40  THR A OG1 1 
ATOM   318  C  CG2 . THR A 1 39  ? 3.559   -0.511  -4.799  1.00 19.89  0  40  THR A CG2 1 
ATOM   319  N  N   . ALA A 1 40  ? 2.076   -3.037  -6.496  1.00 18.22  0  41  ALA A N   1 
ATOM   320  C  CA  . ALA A 1 40  ? 0.963   -3.797  -5.949  1.00 19.11  0  41  ALA A CA  1 
ATOM   321  C  C   . ALA A 1 40  ? 1.360   -4.299  -4.571  1.00 21.65  0  41  ALA A C   1 
ATOM   322  O  O   . ALA A 1 40  ? 2.467   -4.818  -4.391  1.00 17.11  0  41  ALA A O   1 
ATOM   323  C  CB  . ALA A 1 40  ? 0.584   -4.968  -6.860  1.00 17.29  0  41  ALA A CB  1 
ATOM   324  N  N   . VAL A 1 41  ? 0.470   -4.128  -3.600  1.00 21.82  0  42  VAL A N   1 
ATOM   325  C  CA  . VAL A 1 41  ? 0.706   -4.575  -2.234  1.00 18.98  0  42  VAL A CA  1 
ATOM   326  C  C   . VAL A 1 41  ? -0.092  -5.848  -1.991  1.00 20.85  0  42  VAL A C   1 
ATOM   327  O  O   . VAL A 1 41  ? -1.305  -5.887  -2.231  1.00 19.12  0  42  VAL A O   1 
ATOM   328  C  CB  . VAL A 1 41  ? 0.336   -3.485  -1.215  1.00 21.37  0  42  VAL A CB  1 
ATOM   329  C  CG1 . VAL A 1 41  ? 0.260   -4.071  0.188   1.00 18.90  0  42  VAL A CG1 1 
ATOM   330  C  CG2 . VAL A 1 41  ? 1.354   -2.358  -1.263  1.00 20.60  0  42  VAL A CG2 1 
ATOM   331  N  N   . VAL A 1 42  ? 0.592   -6.892  -1.529  1.00 18.81  0  43  VAL A N   1 
ATOM   332  C  CA  . VAL A 1 42  ? -0.038  -8.145  -1.134  1.00 22.21  0  43  VAL A CA  1 
ATOM   333  C  C   . VAL A 1 42  ? 0.097   -8.287  0.376   1.00 25.07  0  43  VAL A C   1 
ATOM   334  O  O   . VAL A 1 42  ? 1.130   -7.931  0.956   1.00 25.06  0  43  VAL A O   1 
ATOM   335  C  CB  . VAL A 1 42  ? 0.580   -9.353  -1.868  1.00 28.09  0  43  VAL A CB  1 
ATOM   336  C  CG1 . VAL A 1 42  ? 0.300   -9.263  -3.359  1.00 30.35  0  43  VAL A CG1 1 
ATOM   337  C  CG2 . VAL A 1 42  ? 2.081   -9.435  -1.615  1.00 26.10  0  43  VAL A CG2 1 
ATOM   338  N  N   . ALA A 1 43  ? -0.955  -8.789  1.014   1.00 15.47  0  44  ALA A N   1 
ATOM   339  C  CA  . ALA A 1 43  ? -0.989  -8.937  2.462   1.00 22.38  0  44  ALA A CA  1 
ATOM   340  C  C   . ALA A 1 43  ? -0.672  -10.377 2.837   1.00 22.95  0  44  ALA A C   1 
ATOM   341  O  O   . ALA A 1 43  ? -1.253  -11.313 2.277   1.00 22.69  0  44  ALA A O   1 
ATOM   342  C  CB  . ALA A 1 43  ? -2.354  -8.531  3.020   1.00 19.88  0  44  ALA A CB  1 
ATOM   343  N  N   . ILE A 1 44  ? 0.257   -10.550 3.775   1.00 26.92  0  45  ILE A N   1 
ATOM   344  C  CA  . ILE A 1 44  ? 0.663   -11.865 4.262   1.00 24.06  0  45  ILE A CA  1 
ATOM   345  C  C   . ILE A 1 44  ? 0.234   -11.981 5.717   1.00 30.89  0  45  ILE A C   1 
ATOM   346  O  O   . ILE A 1 44  ? 0.628   -11.159 6.556   1.00 25.05  0  45  ILE A O   1 
ATOM   347  C  CB  . ILE A 1 44  ? 2.176   -12.087 4.116   1.00 26.46  0  45  ILE A CB  1 
ATOM   348  C  CG1 . ILE A 1 44  ? 2.671   -11.581 2.757   1.00 22.18  0  45  ILE A CG1 1 
ATOM   349  C  CG2 . ILE A 1 44  ? 2.515   -13.562 4.293   1.00 28.34  0  45  ILE A CG2 1 
ATOM   350  C  CD1 . ILE A 1 44  ? 2.037   -12.281 1.569   1.00 25.79  0  45  ILE A CD1 1 
ATOM   351  N  N   . GLU A 1 45  ? -0.572  -12.997 6.017   1.00 25.71  0  46  GLU A N   1 
ATOM   352  C  CA  . GLU A 1 45  ? -1.012  -13.234 7.379   1.00 28.97  0  46  GLU A CA  1 
ATOM   353  C  C   . GLU A 1 45  ? 0.171   -13.678 8.241   1.00 32.39  0  46  GLU A C   1 
ATOM   354  O  O   . GLU A 1 45  ? 1.214   -14.078 7.718   1.00 31.71  0  46  GLU A O   1 
ATOM   355  C  CB  . GLU A 1 45  ? -2.124  -14.284 7.399   1.00 28.96  0  46  GLU A CB  1 
ATOM   356  C  CG  . GLU A 1 45  ? -1.660  -15.705 7.122   1.00 30.94  0  46  GLU A CG  1 
ATOM   357  C  CD  . GLU A 1 45  ? -1.639  -16.038 5.641   1.00 33.68  0  46  GLU A CD  1 
ATOM   358  O  OE1 . GLU A 1 45  ? -1.621  -15.102 4.812   1.00 34.04  0  46  GLU A OE1 1 
ATOM   359  O  OE2 . GLU A 1 45  ? -1.640  -17.241 5.307   1.00 33.83  -1 46  GLU A OE2 1 
ATOM   360  N  N   . PRO A 1 46  ? 0.044   -13.593 9.568   1.00 32.23  0  47  PRO A N   1 
ATOM   361  C  CA  . PRO A 1 46  ? 1.167   -13.971 10.436  1.00 34.74  0  47  PRO A CA  1 
ATOM   362  C  C   . PRO A 1 46  ? 1.559   -15.433 10.276  1.00 35.39  0  47  PRO A C   1 
ATOM   363  O  O   . PRO A 1 46  ? 0.731   -16.294 9.972   1.00 38.20  0  47  PRO A O   1 
ATOM   364  C  CB  . PRO A 1 46  ? 0.635   -13.692 11.847  1.00 33.60  0  47  PRO A CB  1 
ATOM   365  C  CG  . PRO A 1 46  ? -0.431  -12.671 11.657  1.00 28.81  0  47  PRO A CG  1 
ATOM   366  C  CD  . PRO A 1 46  ? -1.060  -12.982 10.332  1.00 28.43  0  47  PRO A CD  1 
ATOM   367  N  N   . HIS A 1 47  ? 2.852   -15.699 10.486  1.00 42.32  0  48  HIS A N   1 
ATOM   368  C  CA  . HIS A 1 47  ? 3.404   -17.053 10.570  1.00 47.91  0  48  HIS A CA  1 
ATOM   369  C  C   . HIS A 1 47  ? 3.149   -17.842 9.281   1.00 46.15  0  48  HIS A C   1 
ATOM   370  O  O   . HIS A 1 47  ? 2.416   -18.832 9.246   1.00 50.58  0  48  HIS A O   1 
ATOM   371  C  CB  . HIS A 1 47  ? 2.849   -17.783 11.797  1.00 46.53  0  48  HIS A CB  1 
ATOM   372  C  CG  . HIS A 1 47  ? 3.076   -17.048 13.079  1.00 46.13  0  48  HIS A CG  1 
ATOM   373  N  ND1 . HIS A 1 47  ? 4.326   -16.636 13.487  1.00 47.52  0  48  HIS A ND1 1 
ATOM   374  C  CD2 . HIS A 1 47  ? 2.212   -16.637 14.038  1.00 42.86  0  48  HIS A CD2 1 
ATOM   375  C  CE1 . HIS A 1 47  ? 4.225   -16.009 14.645  1.00 49.85  0  48  HIS A CE1 1 
ATOM   376  N  NE2 . HIS A 1 47  ? 2.953   -15.995 15.001  1.00 49.06  0  48  HIS A NE2 1 
ATOM   377  N  N   . VAL A 1 48  ? 3.781   -17.362 8.214   1.00 43.47  0  49  VAL A N   1 
ATOM   378  C  CA  . VAL A 1 48  ? 3.738   -18.010 6.908   1.00 40.91  0  49  VAL A CA  1 
ATOM   379  C  C   . VAL A 1 48  ? 5.158   -18.411 6.532   1.00 45.51  0  49  VAL A C   1 
ATOM   380  O  O   . VAL A 1 48  ? 6.037   -17.550 6.402   1.00 45.33  0  49  VAL A O   1 
ATOM   381  C  CB  . VAL A 1 48  ? 3.125   -17.097 5.836   1.00 37.91  0  49  VAL A CB  1 
ATOM   382  C  CG1 . VAL A 1 48  ? 3.322   -17.695 4.451   1.00 37.25  0  49  VAL A CG1 1 
ATOM   383  C  CG2 . VAL A 1 48  ? 1.653   -16.879 6.114   1.00 35.88  0  49  VAL A CG2 1 
ATOM   384  N  N   . ASN A 1 49  ? 5.380   -19.713 6.367   1.00 48.86  0  50  ASN A N   1 
ATOM   385  C  CA  . ASN A 1 49  ? 6.658   -20.202 5.882   1.00 47.69  0  50  ASN A CA  1 
ATOM   386  C  C   . ASN A 1 49  ? 6.835   -19.822 4.414   1.00 46.03  0  50  ASN A C   1 
ATOM   387  O  O   . ASN A 1 49  ? 5.855   -19.552 3.715   1.00 48.55  0  50  ASN A O   1 
ATOM   388  C  CB  . ASN A 1 49  ? 6.742   -21.718 6.049   1.00 53.02  0  50  ASN A CB  1 
ATOM   389  C  CG  . ASN A 1 49  ? 6.789   -22.142 7.503   1.00 58.96  0  50  ASN A CG  1 
ATOM   390  O  OD1 . ASN A 1 49  ? 7.357   -21.448 8.349   1.00 55.73  0  50  ASN A OD1 1 
ATOM   391  N  ND2 . ASN A 1 49  ? 6.189   -23.288 7.803   1.00 52.24  0  50  ASN A ND2 1 
ATOM   392  N  N   . PRO A 1 50  ? 8.089   -19.775 3.925   1.00 45.43  0  51  PRO A N   1 
ATOM   393  C  CA  . PRO A 1 50  ? 8.319   -19.463 2.506   1.00 45.82  0  51  PRO A CA  1 
ATOM   394  C  C   . PRO A 1 50  ? 7.465   -20.299 1.565   1.00 51.19  0  51  PRO A C   1 
ATOM   395  O  O   . PRO A 1 50  ? 7.544   -21.532 1.566   1.00 54.77  0  51  PRO A O   1 
ATOM   396  C  CB  . PRO A 1 50  ? 9.811   -19.764 2.326   1.00 41.79  0  51  PRO A CB  1 
ATOM   397  C  CG  . PRO A 1 50  ? 10.398  -19.484 3.665   1.00 48.77  0  51  PRO A CG  1 
ATOM   398  C  CD  . PRO A 1 50  ? 9.351   -19.877 4.679   1.00 46.19  0  51  PRO A CD  1 
ATOM   399  N  N   . VAL A 1 51  ? 6.638   -19.631 0.760   1.00 49.58  0  52  VAL A N   1 
ATOM   400  C  CA  . VAL A 1 51  ? 5.675   -20.306 -0.098  1.00 46.00  0  52  VAL A CA  1 
ATOM   401  C  C   . VAL A 1 51  ? 5.459   -19.460 -1.344  1.00 46.17  0  52  VAL A C   1 
ATOM   402  O  O   . VAL A 1 51  ? 5.562   -18.231 -1.308  1.00 43.59  0  52  VAL A O   1 
ATOM   403  C  CB  . VAL A 1 51  ? 4.342   -20.564 0.651   1.00 43.07  0  52  VAL A CB  1 
ATOM   404  C  CG1 . VAL A 1 51  ? 3.654   -19.247 0.996   1.00 36.13  0  52  VAL A CG1 1 
ATOM   405  C  CG2 . VAL A 1 51  ? 3.423   -21.467 -0.162  1.00 41.56  0  52  VAL A CG2 1 
ATOM   406  N  N   . ASP A 1 52  ? 5.177   -20.130 -2.457  1.00 46.21  0  53  ASP A N   1 
ATOM   407  C  CA  . ASP A 1 52  ? 4.827   -19.457 -3.699  1.00 44.64  0  53  ASP A CA  1 
ATOM   408  C  C   . ASP A 1 52  ? 3.311   -19.328 -3.776  1.00 43.37  0  53  ASP A C   1 
ATOM   409  O  O   . ASP A 1 52  ? 2.596   -20.336 -3.800  1.00 36.41  0  53  ASP A O   1 
ATOM   410  C  CB  . ASP A 1 52  ? 5.362   -20.220 -4.909  1.00 50.69  0  53  ASP A CB  1 
ATOM   411  C  CG  . ASP A 1 52  ? 6.843   -19.992 -5.131  1.00 55.92  0  53  ASP A CG  1 
ATOM   412  O  OD1 . ASP A 1 52  ? 7.382   -19.004 -4.590  1.00 54.59  0  53  ASP A OD1 1 
ATOM   413  O  OD2 . ASP A 1 52  ? 7.467   -20.799 -5.852  1.00 62.57  -1 53  ASP A OD2 1 
ATOM   414  N  N   . ARG A 1 53  ? 2.826   -18.091 -3.804  1.00 33.14  0  54  ARG A N   1 
ATOM   415  C  CA  . ARG A 1 53  ? 1.406   -17.813 -3.933  1.00 31.29  0  54  ARG A CA  1 
ATOM   416  C  C   . ARG A 1 53  ? 1.155   -17.025 -5.209  1.00 28.13  0  54  ARG A C   1 
ATOM   417  O  O   . ARG A 1 53  ? 1.986   -16.217 -5.635  1.00 31.19  0  54  ARG A O   1 
ATOM   418  C  CB  . ARG A 1 53  ? 0.872   -17.039 -2.725  1.00 34.19  0  54  ARG A CB  1 
ATOM   419  C  CG  . ARG A 1 53  ? 0.704   -17.890 -1.480  1.00 28.91  0  54  ARG A CG  1 
ATOM   420  C  CD  . ARG A 1 53  ? 0.246   -17.048 -0.307  1.00 29.84  0  54  ARG A CD  1 
ATOM   421  N  NE  . ARG A 1 53  ? 0.065   -17.850 0.898   1.00 27.11  0  54  ARG A NE  1 
ATOM   422  C  CZ  . ARG A 1 53  ? -0.258  -17.350 2.086   1.00 32.97  0  54  ARG A CZ  1 
ATOM   423  N  NH1 . ARG A 1 53  ? -0.437  -16.044 2.232   1.00 26.20  1  54  ARG A NH1 1 
ATOM   424  N  NH2 . ARG A 1 53  ? -0.403  -18.158 3.129   1.00 33.25  0  54  ARG A NH2 1 
ATOM   425  N  N   . GLN A 1 54  ? 0.002   -17.277 -5.820  1.00 41.67  0  55  GLN A N   1 
ATOM   426  C  CA  . GLN A 1 54  ? -0.358  -16.643 -7.077  1.00 42.92  0  55  GLN A CA  1 
ATOM   427  C  C   . GLN A 1 54  ? -1.271  -15.455 -6.814  1.00 36.91  0  55  GLN A C   1 
ATOM   428  O  O   . GLN A 1 54  ? -2.210  -15.540 -6.018  1.00 35.25  0  55  GLN A O   1 
ATOM   429  C  CB  . GLN A 1 54  ? -1.034  -17.641 -8.021  1.00 46.00  0  55  GLN A CB  1 
ATOM   430  C  CG  . GLN A 1 54  ? -1.094  -17.150 -9.442  1.00 54.87  0  55  GLN A CG  1 
ATOM   431  C  CD  . GLN A 1 54  ? 0.230   -17.364 -10.160 1.00 65.92  0  55  GLN A CD  1 
ATOM   432  O  OE1 . GLN A 1 54  ? 1.208   -17.799 -9.554  1.00 70.98  0  55  GLN A OE1 1 
ATOM   433  N  NE2 . GLN A 1 54  ? 0.277   -17.007 -11.430 1.00 65.05  0  55  GLN A NE2 1 
ATOM   434  N  N   . TYR A 1 55  ? -0.987  -14.344 -7.487  1.00 37.82  0  56  TYR A N   1 
ATOM   435  C  CA  . TYR A 1 55  ? -1.771  -13.127 -7.354  1.00 29.91  0  56  TYR A CA  1 
ATOM   436  C  C   . TYR A 1 55  ? -2.065  -12.562 -8.733  1.00 28.06  0  56  TYR A C   1 
ATOM   437  O  O   . TYR A 1 55  ? -1.229  -12.642 -9.638  1.00 28.64  0  56  TYR A O   1 
ATOM   438  C  CB  . TYR A 1 55  ? -1.044  -12.063 -6.519  1.00 24.01  0  56  TYR A CB  1 
ATOM   439  C  CG  . TYR A 1 55  ? -0.637  -12.509 -5.133  1.00 31.58  0  56  TYR A CG  1 
ATOM   440  C  CD1 . TYR A 1 55  ? -1.489  -12.340 -4.049  1.00 22.84  0  56  TYR A CD1 1 
ATOM   441  C  CD2 . TYR A 1 55  ? 0.606   -13.085 -4.907  1.00 26.27  0  56  TYR A CD2 1 
ATOM   442  C  CE1 . TYR A 1 55  ? -1.118  -12.744 -2.782  1.00 26.29  0  56  TYR A CE1 1 
ATOM   443  C  CE2 . TYR A 1 55  ? 0.986   -13.491 -3.643  1.00 27.35  0  56  TYR A CE2 1 
ATOM   444  C  CZ  . TYR A 1 55  ? 0.122   -13.318 -2.585  1.00 27.40  0  56  TYR A CZ  1 
ATOM   445  O  OH  . TYR A 1 55  ? 0.498   -13.721 -1.323  1.00 28.99  0  56  TYR A OH  1 
ATOM   446  N  N   . THR A 1 56  ? -3.254  -11.988 -8.887  1.00 27.07  0  57  THR A N   1 
ATOM   447  C  CA  . THR A 1 56  ? -3.619  -11.268 -10.102 1.00 28.67  0  57  THR A CA  1 
ATOM   448  C  C   . THR A 1 56  ? -3.325  -9.791  -9.874  1.00 24.19  0  57  THR A C   1 
ATOM   449  O  O   . THR A 1 56  ? -3.975  -9.141  -9.049  1.00 24.65  0  57  THR A O   1 
ATOM   450  C  CB  . THR A 1 56  ? -5.088  -11.493 -10.460 1.00 27.82  0  57  THR A CB  1 
ATOM   451  O  OG1 . THR A 1 56  ? -5.305  -12.879 -10.754 1.00 32.92  0  57  THR A OG1 1 
ATOM   452  C  CG2 . THR A 1 56  ? -5.471  -10.665 -11.674 1.00 24.47  0  57  THR A CG2 1 
ATOM   453  N  N   . VAL A 1 57  ? -2.333  -9.265  -10.588 1.00 26.22  0  58  VAL A N   1 
ATOM   454  C  CA  . VAL A 1 57  ? -1.911  -7.877  -10.444 1.00 25.32  0  58  VAL A CA  1 
ATOM   455  C  C   . VAL A 1 57  ? -1.793  -7.263  -11.831 1.00 26.23  0  58  VAL A C   1 
ATOM   456  O  O   . VAL A 1 57  ? -1.118  -7.818  -12.706 1.00 23.04  0  58  VAL A O   1 
ATOM   457  C  CB  . VAL A 1 57  ? -0.583  -7.754  -9.667  1.00 27.11  0  58  VAL A CB  1 
ATOM   458  C  CG1 . VAL A 1 57  ? -0.814  -8.026  -8.191  1.00 20.49  0  58  VAL A CG1 1 
ATOM   459  C  CG2 . VAL A 1 57  ? 0.468   -8.710  -10.217 1.00 23.88  0  58  VAL A CG2 1 
ATOM   460  N  N   . PHE A 1 58  ? -2.467  -6.129  -12.030 1.00 21.08  0  59  PHE A N   1 
ATOM   461  C  CA  . PHE A 1 58  ? -2.470  -5.419  -13.309 1.00 21.29  0  59  PHE A CA  1 
ATOM   462  C  C   . PHE A 1 58  ? -2.896  -6.336  -14.453 1.00 19.71  0  59  PHE A C   1 
ATOM   463  O  O   . PHE A 1 58  ? -2.324  -6.313  -15.544 1.00 22.57  0  59  PHE A O   1 
ATOM   464  C  CB  . PHE A 1 58  ? -1.104  -4.789  -13.584 1.00 19.91  0  59  PHE A CB  1 
ATOM   465  C  CG  . PHE A 1 58  ? -0.592  -3.952  -12.451 1.00 21.09  0  59  PHE A CG  1 
ATOM   466  C  CD1 . PHE A 1 58  ? -1.105  -2.688  -12.222 1.00 16.93  0  59  PHE A CD1 1 
ATOM   467  C  CD2 . PHE A 1 58  ? 0.393   -4.435  -11.607 1.00 15.41  0  59  PHE A CD2 1 
ATOM   468  C  CE1 . PHE A 1 58  ? -0.639  -1.914  -11.175 1.00 17.21  0  59  PHE A CE1 1 
ATOM   469  C  CE2 . PHE A 1 58  ? 0.864   -3.669  -10.560 1.00 19.97  0  59  PHE A CE2 1 
ATOM   470  C  CZ  . PHE A 1 58  ? 0.346   -2.406  -10.342 1.00 20.24  0  59  PHE A CZ  1 
ATOM   471  N  N   . GLY A 1 59  ? -3.911  -7.160  -14.192 1.00 21.16  0  60  GLY A N   1 
ATOM   472  C  CA  . GLY A 1 59  ? -4.457  -8.062  -15.184 1.00 22.09  0  60  GLY A CA  1 
ATOM   473  C  C   . GLY A 1 59  ? -3.609  -9.274  -15.500 1.00 26.48  0  60  GLY A C   1 
ATOM   474  O  O   . GLY A 1 59  ? -4.027  -10.103 -16.320 1.00 29.96  0  60  GLY A O   1 
ATOM   475  N  N   . GLU A 1 60  ? -2.442  -9.409  -14.879 1.00 28.11  0  61  GLU A N   1 
ATOM   476  C  CA  . GLU A 1 60  ? -1.542  -10.519 -15.130 1.00 34.21  0  61  GLU A CA  1 
ATOM   477  C  C   . GLU A 1 60  ? -1.521  -11.464 -13.937 1.00 34.69  0  61  GLU A C   1 
ATOM   478  O  O   . GLU A 1 60  ? -1.812  -11.089 -12.799 1.00 30.21  0  61  GLU A O   1 
ATOM   479  C  CB  . GLU A 1 60  ? -0.117  -10.032 -15.416 1.00 30.40  0  61  GLU A CB  1 
ATOM   480  C  CG  . GLU A 1 60  ? -0.029  -8.990  -16.509 1.00 35.26  0  61  GLU A CG  1 
ATOM   481  C  CD  . GLU A 1 60  ? 1.356   -8.394  -16.611 1.00 48.47  0  61  GLU A CD  1 
ATOM   482  O  OE1 . GLU A 1 60  ? 2.336   -9.164  -16.537 1.00 50.63  0  61  GLU A OE1 1 
ATOM   483  O  OE2 . GLU A 1 60  ? 1.464   -7.157  -16.748 1.00 43.63  -1 61  GLU A OE2 1 
ATOM   484  N  N   . ASN A 1 61  ? -1.169  -12.709 -14.221 1.00 41.08  0  62  ASN A N   1 
ATOM   485  C  CA  . ASN A 1 61  ? -1.088  -13.731 -13.201 1.00 41.92  0  62  ASN A CA  1 
ATOM   486  C  C   . ASN A 1 61  ? 0.376   -13.928 -12.833 1.00 39.65  0  62  ASN A C   1 
ATOM   487  O  O   . ASN A 1 61  ? 1.154   -14.468 -13.622 1.00 39.74  0  62  ASN A O   1 
ATOM   488  C  CB  . ASN A 1 61  ? -1.721  -15.029 -13.678 1.00 46.07  0  62  ASN A CB  1 
ATOM   489  C  CG  . ASN A 1 61  ? -2.457  -15.749 -12.567 1.00 64.00  0  62  ASN A CG  1 
ATOM   490  O  OD1 . ASN A 1 61  ? -2.682  -15.186 -11.490 1.00 63.25  0  62  ASN A OD1 1 
ATOM   491  N  ND2 . ASN A 1 61  ? -2.885  -16.976 -12.834 1.00 74.59  0  62  ASN A ND2 1 
ATOM   492  N  N   . LYS A 1 62  ? 0.735   -13.518 -11.614 1.00 30.30  0  63  LYS A N   1 
ATOM   493  C  CA  . LYS A 1 62  ? 2.114   -13.517 -11.157 1.00 35.07  0  63  LYS A CA  1 
ATOM   494  C  C   . LYS A 1 62  ? 2.275   -14.407 -9.930  1.00 34.56  0  63  LYS A C   1 
ATOM   495  O  O   . LYS A 1 62  ? 1.355   -14.559 -9.122  1.00 32.71  0  63  LYS A O   1 
ATOM   496  C  CB  . LYS A 1 62  ? 2.589   -12.098 -10.812 1.00 25.87  0  63  LYS A CB  1 
ATOM   497  C  CG  . LYS A 1 62  ? 2.606   -11.122 -11.968 1.00 29.44  0  63  LYS A CG  1 
ATOM   498  C  CD  . LYS A 1 62  ? 3.620   -11.537 -13.009 1.00 27.76  0  63  LYS A CD  1 
ATOM   499  C  CE  . LYS A 1 62  ? 3.887   -10.411 -13.990 1.00 34.35  0  63  LYS A CE  1 
ATOM   500  N  NZ  . LYS A 1 62  ? 4.741   -10.856 -15.129 1.00 34.56  1  63  LYS A NZ  1 
ATOM   501  N  N   . GLN A 1 63  ? 3.471   -14.974 -9.783  1.00 44.72  0  64  GLN A N   1 
ATOM   502  C  CA  . GLN A 1 63  ? 3.805   -15.816 -8.642  1.00 39.64  0  64  GLN A CA  1 
ATOM   503  C  C   . GLN A 1 63  ? 4.868   -15.128 -7.799  1.00 36.56  0  64  GLN A C   1 
ATOM   504  O  O   . GLN A 1 63  ? 5.904   -14.705 -8.322  1.00 37.42  0  64  GLN A O   1 
ATOM   505  C  CB  . GLN A 1 63  ? 4.296   -17.194 -9.100  1.00 45.07  0  64  GLN A CB  1 
ATOM   506  C  CG  . GLN A 1 63  ? 4.634   -18.159 -7.967  1.00 51.91  0  64  GLN A CG  1 
ATOM   507  C  CD  . GLN A 1 63  ? 5.419   -19.360 -8.454  1.00 63.80  0  64  GLN A CD  1 
ATOM   508  O  OE1 . GLN A 1 63  ? 4.843   -20.375 -8.848  1.00 62.90  0  64  GLN A OE1 1 
ATOM   509  N  NE2 . GLN A 1 63  ? 6.743   -19.248 -8.440  1.00 57.04  0  64  GLN A NE2 1 
ATOM   510  N  N   . PHE A 1 64  ? 4.609   -15.012 -6.498  1.00 34.41  0  65  PHE A N   1 
ATOM   511  C  CA  . PHE A 1 64  ? 5.519   -14.353 -5.570  1.00 36.14  0  65  PHE A CA  1 
ATOM   512  C  C   . PHE A 1 64  ? 5.901   -15.312 -4.453  1.00 38.43  0  65  PHE A C   1 
ATOM   513  O  O   . PHE A 1 64  ? 5.045   -16.014 -3.905  1.00 37.19  0  65  PHE A O   1 
ATOM   514  C  CB  . PHE A 1 64  ? 4.887   -13.089 -4.968  1.00 31.32  0  65  PHE A CB  1 
ATOM   515  C  CG  . PHE A 1 64  ? 4.545   -12.036 -5.983  1.00 31.97  0  65  PHE A CG  1 
ATOM   516  C  CD1 . PHE A 1 64  ? 5.362   -11.819 -7.080  1.00 30.79  0  65  PHE A CD1 1 
ATOM   517  C  CD2 . PHE A 1 64  ? 3.406   -11.261 -5.837  1.00 31.62  0  65  PHE A CD2 1 
ATOM   518  C  CE1 . PHE A 1 64  ? 5.047   -10.850 -8.016  1.00 29.43  0  65  PHE A CE1 1 
ATOM   519  C  CE2 . PHE A 1 64  ? 3.086   -10.291 -6.770  1.00 30.92  0  65  PHE A CE2 1 
ATOM   520  C  CZ  . PHE A 1 64  ? 3.909   -10.084 -7.860  1.00 24.77  0  65  PHE A CZ  1 
ATOM   521  N  N   . ASN A 1 65  ? 7.190   -15.344 -4.122  1.00 39.66  0  66  ASN A N   1 
ATOM   522  C  CA  . ASN A 1 65  ? 7.681   -16.109 -2.980  1.00 45.25  0  66  ASN A CA  1 
ATOM   523  C  C   . ASN A 1 65  ? 7.571   -15.223 -1.745  1.00 40.72  0  66  ASN A C   1 
ATOM   524  O  O   . ASN A 1 65  ? 8.323   -14.252 -1.600  1.00 40.16  0  66  ASN A O   1 
ATOM   525  C  CB  . ASN A 1 65  ? 9.118   -16.571 -3.207  1.00 50.12  0  66  ASN A CB  1 
ATOM   526  C  CG  . ASN A 1 65  ? 9.620   -17.476 -2.097  1.00 57.05  0  66  ASN A CG  1 
ATOM   527  O  OD1 . ASN A 1 65  ? 10.187  -17.008 -1.109  1.00 59.57  0  66  ASN A OD1 1 
ATOM   528  N  ND2 . ASN A 1 65  ? 9.409   -18.778 -2.252  1.00 52.72  0  66  ASN A ND2 1 
ATOM   529  N  N   . VAL A 1 66  ? 6.634   -15.550 -0.858  1.00 37.25  0  67  VAL A N   1 
ATOM   530  C  CA  . VAL A 1 66  ? 6.319   -14.711 0.288   1.00 37.66  0  67  VAL A CA  1 
ATOM   531  C  C   . VAL A 1 66  ? 6.518   -15.504 1.573   1.00 40.68  0  67  VAL A C   1 
ATOM   532  O  O   . VAL A 1 66  ? 6.466   -16.736 1.592   1.00 41.78  0  67  VAL A O   1 
ATOM   533  C  CB  . VAL A 1 66  ? 4.884   -14.153 0.211   1.00 34.60  0  67  VAL A CB  1 
ATOM   534  C  CG1 . VAL A 1 66  ? 4.712   -13.314 -1.045  1.00 31.94  0  67  VAL A CG1 1 
ATOM   535  C  CG2 . VAL A 1 66  ? 3.873   -15.290 0.242   1.00 33.78  0  67  VAL A CG2 1 
ATOM   536  N  N   . ARG A 1 67  ? 6.746   -14.769 2.659   1.00 37.87  0  68  ARG A N   1 
ATOM   537  C  CA  . ARG A 1 67  ? 6.932   -15.362 3.975   1.00 41.90  0  68  ARG A CA  1 
ATOM   538  C  C   . ARG A 1 67  ? 6.618   -14.311 5.029   1.00 41.64  0  68  ARG A C   1 
ATOM   539  O  O   . ARG A 1 67  ? 6.596   -13.110 4.745   1.00 36.46  0  68  ARG A O   1 
ATOM   540  C  CB  . ARG A 1 67  ? 8.358   -15.902 4.155   1.00 47.63  0  68  ARG A CB  1 
ATOM   541  C  CG  . ARG A 1 67  ? 9.427   -14.821 4.251   1.00 43.11  0  68  ARG A CG  1 
ATOM   542  C  CD  . ARG A 1 67  ? 10.827  -15.420 4.311   1.00 55.37  0  68  ARG A CD  1 
ATOM   543  N  NE  . ARG A 1 67  ? 10.986  -16.339 5.435   1.00 65.88  0  68  ARG A NE  1 
ATOM   544  C  CZ  . ARG A 1 67  ? 12.139  -16.897 5.788   1.00 72.75  0  68  ARG A CZ  1 
ATOM   545  N  NH1 . ARG A 1 67  ? 13.245  -16.630 5.106   1.00 67.42  1  68  ARG A NH1 1 
ATOM   546  N  NH2 . ARG A 1 67  ? 12.189  -17.722 6.826   1.00 63.76  0  68  ARG A NH2 1 
ATOM   547  N  N   . ASN A 1 68  ? 6.369   -14.781 6.250   1.00 39.39  0  69  ASN A N   1 
ATOM   548  C  CA  . ASN A 1 68  ? 6.096   -13.885 7.372   1.00 43.00  0  69  ASN A CA  1 
ATOM   549  C  C   . ASN A 1 68  ? 6.449   -14.622 8.656   1.00 45.40  0  69  ASN A C   1 
ATOM   550  O  O   . ASN A 1 68  ? 5.701   -15.506 9.084   1.00 39.71  0  69  ASN A O   1 
ATOM   551  C  CB  . ASN A 1 68  ? 4.638   -13.439 7.372   1.00 37.47  0  69  ASN A CB  1 
ATOM   552  C  CG  . ASN A 1 68  ? 4.374   -12.293 8.334   1.00 36.18  0  69  ASN A CG  1 
ATOM   553  O  OD1 . ASN A 1 68  ? 5.222   -11.943 9.154   1.00 36.55  0  69  ASN A OD1 1 
ATOM   554  N  ND2 . ASN A 1 68  ? 3.186   -11.703 8.238   1.00 34.63  0  69  ASN A ND2 1 
ATOM   555  N  N   . ASP A 1 69  ? 7.576   -14.260 9.266   1.00 50.35  0  70  ASP A N   1 
ATOM   556  C  CA  . ASP A 1 69  ? 8.025   -14.875 10.508  1.00 55.61  0  70  ASP A CA  1 
ATOM   557  C  C   . ASP A 1 69  ? 7.495   -14.165 11.747  1.00 58.28  0  70  ASP A C   1 
ATOM   558  O  O   . ASP A 1 69  ? 7.885   -14.521 12.863  1.00 58.12  0  70  ASP A O   1 
ATOM   559  C  CB  . ASP A 1 69  ? 9.557   -14.908 10.563  1.00 59.10  0  70  ASP A CB  1 
ATOM   560  C  CG  . ASP A 1 69  ? 10.183  -15.411 9.276   1.00 74.96  0  70  ASP A CG  1 
ATOM   561  O  OD1 . ASP A 1 69  ? 9.560   -16.254 8.595   1.00 76.88  0  70  ASP A OD1 1 
ATOM   562  O  OD2 . ASP A 1 69  ? 11.305  -14.963 8.952   1.00 75.75  -1 70  ASP A OD2 1 
ATOM   563  N  N   . SER A 1 70  ? 6.616   -13.182 11.580  1.00 44.99  0  71  SER A N   1 
ATOM   564  C  CA  . SER A 1 70  ? 6.217   -12.298 12.663  1.00 42.68  0  71  SER A CA  1 
ATOM   565  C  C   . SER A 1 70  ? 4.808   -12.616 13.146  1.00 42.68  0  71  SER A C   1 
ATOM   566  O  O   . SER A 1 70  ? 4.041   -13.328 12.490  1.00 41.85  0  71  SER A O   1 
ATOM   567  C  CB  . SER A 1 70  ? 6.295   -10.833 12.216  1.00 37.06  0  71  SER A CB  1 
ATOM   568  O  OG  . SER A 1 70  ? 5.297   -10.052 12.849  1.00 47.75  0  71  SER A OG  1 
ATOM   569  N  N   . ASP A 1 71  ? 4.484   -12.079 14.326  1.00 46.92  0  72  ASP A N   1 
ATOM   570  C  CA  . ASP A 1 71  ? 3.125   -12.143 14.846  1.00 45.48  0  72  ASP A CA  1 
ATOM   571  C  C   . ASP A 1 71  ? 2.195   -11.171 14.136  1.00 44.59  0  72  ASP A C   1 
ATOM   572  O  O   . ASP A 1 71  ? 0.972   -11.303 14.254  1.00 44.04  0  72  ASP A O   1 
ATOM   573  C  CB  . ASP A 1 71  ? 3.113   -11.836 16.345  1.00 53.35  0  72  ASP A CB  1 
ATOM   574  C  CG  . ASP A 1 71  ? 3.580   -13.004 17.186  1.00 66.18  0  72  ASP A CG  1 
ATOM   575  O  OD1 . ASP A 1 71  ? 3.314   -14.161 16.800  1.00 69.49  0  72  ASP A OD1 1 
ATOM   576  O  OD2 . ASP A 1 71  ? 4.210   -12.764 18.237  1.00 69.48  -1 72  ASP A OD2 1 
ATOM   577  N  N   . LYS A 1 72  ? 2.744   -10.197 13.422  1.00 36.30  0  73  LYS A N   1 
ATOM   578  C  CA  . LYS A 1 72  ? 1.962   -9.161  12.769  1.00 33.57  0  73  LYS A CA  1 
ATOM   579  C  C   . LYS A 1 72  ? 1.803   -9.465  11.285  1.00 31.20  0  73  LYS A C   1 
ATOM   580  O  O   . LYS A 1 72  ? 2.481   -10.325 10.718  1.00 33.69  0  73  LYS A O   1 
ATOM   581  C  CB  . LYS A 1 72  ? 2.622   -7.792  12.962  1.00 32.69  0  73  LYS A CB  1 
ATOM   582  C  CG  . LYS A 1 72  ? 2.897   -7.431  14.412  1.00 33.54  0  73  LYS A CG  1 
ATOM   583  C  CD  . LYS A 1 72  ? 3.607   -6.091  14.521  1.00 35.83  0  73  LYS A CD  1 
ATOM   584  C  CE  . LYS A 1 72  ? 3.938   -5.758  15.967  1.00 36.14  0  73  LYS A CE  1 
ATOM   585  N  NZ  . LYS A 1 72  ? 4.683   -4.475  16.085  1.00 42.40  1  73  LYS A NZ  1 
ATOM   586  N  N   . TRP A 1 73  ? 0.882   -8.741  10.658  1.00 35.79  0  74  TRP A N   1 
ATOM   587  C  CA  . TRP A 1 73  ? 0.712   -8.834  9.217   1.00 34.66  0  74  TRP A CA  1 
ATOM   588  C  C   . TRP A 1 73  ? 1.857   -8.130  8.501   1.00 31.87  0  74  TRP A C   1 
ATOM   589  O  O   . TRP A 1 73  ? 2.437   -7.164  9.005   1.00 30.91  0  74  TRP A O   1 
ATOM   590  C  CB  . TRP A 1 73  ? -0.622  -8.219  8.797   1.00 29.64  0  74  TRP A CB  1 
ATOM   591  C  CG  . TRP A 1 73  ? -1.790  -9.115  9.029   1.00 33.61  0  74  TRP A CG  1 
ATOM   592  C  CD1 . TRP A 1 73  ? -2.340  -9.448  10.232  1.00 31.55  0  74  TRP A CD1 1 
ATOM   593  C  CD2 . TRP A 1 73  ? -2.557  -9.799  8.032   1.00 33.53  0  74  TRP A CD2 1 
ATOM   594  N  NE1 . TRP A 1 73  ? -3.403  -10.299 10.046  1.00 31.05  0  74  TRP A NE1 1 
ATOM   595  C  CE2 . TRP A 1 73  ? -3.558  -10.528 8.705   1.00 33.81  0  74  TRP A CE2 1 
ATOM   596  C  CE3 . TRP A 1 73  ? -2.495  -9.865  6.638   1.00 23.80  0  74  TRP A CE3 1 
ATOM   597  C  CZ2 . TRP A 1 73  ? -4.489  -11.314 8.030   1.00 29.12  0  74  TRP A CZ2 1 
ATOM   598  C  CZ3 . TRP A 1 73  ? -3.420  -10.646 5.969   1.00 30.25  0  74  TRP A CZ3 1 
ATOM   599  C  CH2 . TRP A 1 73  ? -4.403  -11.359 6.666   1.00 32.53  0  74  TRP A CH2 1 
ATOM   600  N  N   . LYS A 1 74  ? 2.187   -8.632  7.317   1.00 24.37  0  75  LYS A N   1 
ATOM   601  C  CA  . LYS A 1 74  ? 3.192   -8.022  6.458   1.00 29.68  0  75  LYS A CA  1 
ATOM   602  C  C   . LYS A 1 74  ? 2.544   -7.633  5.139   1.00 28.57  0  75  LYS A C   1 
ATOM   603  O  O   . LYS A 1 74  ? 1.892   -8.459  4.492   1.00 22.35  0  75  LYS A O   1 
ATOM   604  C  CB  . LYS A 1 74  ? 4.373   -8.969  6.220   1.00 30.84  0  75  LYS A CB  1 
ATOM   605  C  CG  . LYS A 1 74  ? 5.402   -8.958  7.344   1.00 32.89  0  75  LYS A CG  1 
ATOM   606  C  CD  . LYS A 1 74  ? 6.604   -9.829  7.015   1.00 30.30  0  75  LYS A CD  1 
ATOM   607  C  CE  . LYS A 1 74  ? 7.575   -9.893  8.187   1.00 42.30  0  75  LYS A CE  1 
ATOM   608  N  NZ  . LYS A 1 74  ? 8.122   -8.555  8.545   1.00 34.62  1  75  LYS A NZ  1 
ATOM   609  N  N   . PHE A 1 75  ? 2.710   -6.372  4.756   1.00 27.18  0  76  PHE A N   1 
ATOM   610  C  CA  . PHE A 1 75  ? 2.200   -5.849  3.495   1.00 25.01  0  76  PHE A CA  1 
ATOM   611  C  C   . PHE A 1 75  ? 3.394   -5.597  2.586   1.00 22.13  0  76  PHE A C   1 
ATOM   612  O  O   . PHE A 1 75  ? 4.218   -4.717  2.858   1.00 26.35  0  76  PHE A O   1 
ATOM   613  C  CB  . PHE A 1 75  ? 1.375   -4.588  3.727   1.00 19.99  0  76  PHE A CB  1 
ATOM   614  C  CG  . PHE A 1 75  ? 0.216   -4.804  4.651   1.00 27.41  0  76  PHE A CG  1 
ATOM   615  C  CD1 . PHE A 1 75  ? -0.963  -5.361  4.181   1.00 27.70  0  76  PHE A CD1 1 
ATOM   616  C  CD2 . PHE A 1 75  ? 0.313   -4.481  5.995   1.00 20.35  0  76  PHE A CD2 1 
ATOM   617  C  CE1 . PHE A 1 75  ? -2.031  -5.578  5.031   1.00 23.24  0  76  PHE A CE1 1 
ATOM   618  C  CE2 . PHE A 1 75  ? -0.751  -4.697  6.849   1.00 28.48  0  76  PHE A CE2 1 
ATOM   619  C  CZ  . PHE A 1 75  ? -1.924  -5.247  6.365   1.00 29.93  0  76  PHE A CZ  1 
ATOM   620  N  N   . LEU A 1 76  ? 3.489   -6.381  1.517   1.00 22.96  0  77  LEU A N   1 
ATOM   621  C  CA  . LEU A 1 76  ? 4.655   -6.399  0.647   1.00 23.77  0  77  LEU A CA  1 
ATOM   622  C  C   . LEU A 1 76  ? 4.400   -5.505  -0.559  1.00 24.79  0  77  LEU A C   1 
ATOM   623  O  O   . LEU A 1 76  ? 3.452   -5.737  -1.318  1.00 22.88  0  77  LEU A O   1 
ATOM   624  C  CB  . LEU A 1 76  ? 4.965   -7.825  0.191   1.00 23.28  0  77  LEU A CB  1 
ATOM   625  C  CG  . LEU A 1 76  ? 5.844   -8.743  1.048   1.00 29.86  0  77  LEU A CG  1 
ATOM   626  C  CD1 . LEU A 1 76  ? 5.576   -8.581  2.536   1.00 28.71  0  77  LEU A CD1 1 
ATOM   627  C  CD2 . LEU A 1 76  ? 5.630   -10.187 0.624   1.00 26.97  0  77  LEU A CD2 1 
ATOM   628  N  N   . GLU A 1 77  ? 5.248   -4.495  -0.739  1.00 24.50  0  78  GLU A N   1 
ATOM   629  C  CA  . GLU A 1 77  ? 5.207   -3.656  -1.932  1.00 25.00  0  78  GLU A CA  1 
ATOM   630  C  C   . GLU A 1 77  ? 5.966   -4.359  -3.051  1.00 24.39  0  78  GLU A C   1 
ATOM   631  O  O   . GLU A 1 77  ? 7.197   -4.454  -3.009  1.00 25.51  0  78  GLU A O   1 
ATOM   632  C  CB  . GLU A 1 77  ? 5.809   -2.283  -1.649  1.00 19.69  0  78  GLU A CB  1 
ATOM   633  C  CG  . GLU A 1 77  ? 4.902   -1.348  -0.873  1.00 25.43  0  78  GLU A CG  1 
ATOM   634  C  CD  . GLU A 1 77  ? 5.482   0.047   -0.741  1.00 29.10  0  78  GLU A CD  1 
ATOM   635  O  OE1 . GLU A 1 77  ? 5.178   0.723   0.264   1.00 28.09  0  78  GLU A OE1 1 
ATOM   636  O  OE2 . GLU A 1 77  ? 6.242   0.467   -1.642  1.00 25.26  -1 78  GLU A OE2 1 
ATOM   637  N  N   . MET A 1 78  ? 5.238   -4.857  -4.047  1.00 18.77  0  79  MET A N   1 
ATOM   638  C  CA  . MET A 1 78  ? 5.846   -5.451  -5.231  1.00 19.69  0  79  MET A CA  1 
ATOM   639  C  C   . MET A 1 78  ? 5.942   -4.383  -6.315  1.00 25.27  0  79  MET A C   1 
ATOM   640  O  O   . MET A 1 78  ? 4.918   -3.879  -6.791  1.00 22.15  0  79  MET A O   1 
ATOM   641  C  CB  . MET A 1 78  ? 5.036   -6.652  -5.716  1.00 20.14  0  79  MET A CB  1 
ATOM   642  C  CG  . MET A 1 78  ? 4.756   -7.691  -4.637  1.00 25.25  0  79  MET A CG  1 
ATOM   643  S  SD  . MET A 1 78  ? 6.249   -8.325  -3.840  1.00 24.85  0  79  MET A SD  1 
ATOM   644  C  CE  . MET A 1 78  ? 7.062   -9.122  -5.226  1.00 30.79  0  79  MET A CE  1 
ATOM   645  N  N   . PHE A 1 79  ? 7.168   -4.038  -6.700  1.00 23.39  0  80  PHE A N   1 
ATOM   646  C  CA  . PHE A 1 79  ? 7.420   -2.910  -7.580  1.00 23.42  0  80  PHE A CA  1 
ATOM   647  C  C   . PHE A 1 79  ? 8.138   -3.352  -8.848  1.00 24.81  0  80  PHE A C   1 
ATOM   648  O  O   . PHE A 1 79  ? 8.955   -4.277  -8.832  1.00 23.44  0  80  PHE A O   1 
ATOM   649  C  CB  . PHE A 1 79  ? 8.257   -1.830  -6.872  1.00 23.56  0  80  PHE A CB  1 
ATOM   650  C  CG  . PHE A 1 79  ? 8.759   -0.751  -7.791  1.00 23.97  0  80  PHE A CG  1 
ATOM   651  C  CD1 . PHE A 1 79  ? 7.954   0.328   -8.114  1.00 22.12  0  80  PHE A CD1 1 
ATOM   652  C  CD2 . PHE A 1 79  ? 10.032  -0.820  -8.336  1.00 19.48  0  80  PHE A CD2 1 
ATOM   653  C  CE1 . PHE A 1 79  ? 8.409   1.320   -8.963  1.00 22.85  0  80  PHE A CE1 1 
ATOM   654  C  CE2 . PHE A 1 79  ? 10.490  0.166   -9.185  1.00 24.86  0  80  PHE A CE2 1 
ATOM   655  C  CZ  . PHE A 1 79  ? 9.679   1.239   -9.498  1.00 24.70  0  80  PHE A CZ  1 
ATOM   656  N  N   . ARG A 1 80  ? 7.815   -2.673  -9.947  1.00 19.14  0  81  ARG A N   1 
ATOM   657  C  CA  . ARG A 1 80  ? 8.594   -2.733  -11.174 1.00 22.30  0  81  ARG A CA  1 
ATOM   658  C  C   . ARG A 1 80  ? 8.527   -1.361  -11.831 1.00 25.05  0  81  ARG A C   1 
ATOM   659  O  O   . ARG A 1 80  ? 7.545   -0.630  -11.668 1.00 22.56  0  81  ARG A O   1 
ATOM   660  C  CB  . ARG A 1 80  ? 8.088   -3.824  -12.128 1.00 25.17  0  81  ARG A CB  1 
ATOM   661  C  CG  . ARG A 1 80  ? 6.743   -3.517  -12.759 1.00 28.02  0  81  ARG A CG  1 
ATOM   662  C  CD  . ARG A 1 80  ? 6.181   -4.701  -13.528 1.00 23.39  0  81  ARG A CD  1 
ATOM   663  N  NE  . ARG A 1 80  ? 4.882   -4.384  -14.113 1.00 25.58  0  81  ARG A NE  1 
ATOM   664  C  CZ  . ARG A 1 80  ? 4.114   -5.256  -14.759 1.00 30.00  0  81  ARG A CZ  1 
ATOM   665  N  NH1 . ARG A 1 80  ? 4.514   -6.512  -14.908 1.00 28.27  1  81  ARG A NH1 1 
ATOM   666  N  NH2 . ARG A 1 80  ? 2.947   -4.872  -15.257 1.00 28.71  0  81  ARG A NH2 1 
ATOM   667  N  N   . SER A 1 81  ? 9.587   -1.006  -12.554 1.00 21.73  0  82  SER A N   1 
ATOM   668  C  CA  . SER A 1 81  ? 9.683   0.298   -13.196 1.00 27.22  0  82  SER A CA  1 
ATOM   669  C  C   . SER A 1 81  ? 9.267   0.270   -14.659 1.00 22.94  0  82  SER A C   1 
ATOM   670  O  O   . SER A 1 81  ? 9.288   1.314   -15.318 1.00 27.55  0  82  SER A O   1 
ATOM   671  C  CB  . SER A 1 81  ? 11.110  0.845   -13.078 1.00 23.35  0  82  SER A CB  1 
ATOM   672  O  OG  . SER A 1 81  ? 12.020  0.037   -13.803 1.00 27.69  0  82  SER A OG  1 
ATOM   673  N  N   . SER A 1 82  ? 8.897   -0.895  -15.179 1.00 20.98  0  83  SER A N   1 
ATOM   674  C  CA  . SER A 1 82  ? 8.431   -1.021  -16.552 1.00 27.72  0  83  SER A CA  1 
ATOM   675  C  C   . SER A 1 82  ? 7.607   -2.295  -16.649 1.00 31.08  0  83  SER A C   1 
ATOM   676  O  O   . SER A 1 82  ? 7.764   -3.216  -15.844 1.00 30.52  0  83  SER A O   1 
ATOM   677  C  CB  . SER A 1 82  ? 9.597   -1.040  -17.547 1.00 26.80  0  83  SER A CB  1 
ATOM   678  O  OG  . SER A 1 82  ? 9.589   -2.227  -18.319 1.00 37.21  0  83  SER A OG  1 
ATOM   679  N  N   . SER A 1 83  ? 6.722   -2.336  -17.646 1.00 26.73  0  84  SER A N   1 
ATOM   680  C  CA  . SER A 1 83  ? 5.866   -3.506  -17.814 1.00 36.02  0  84  SER A CA  1 
ATOM   681  C  C   . SER A 1 83  ? 6.664   -4.761  -18.136 1.00 33.58  0  84  SER A C   1 
ATOM   682  O  O   . SER A 1 83  ? 6.151   -5.871  -17.960 1.00 37.84  0  84  SER A O   1 
ATOM   683  C  CB  . SER A 1 83  ? 4.824   -3.250  -18.906 1.00 34.08  0  84  SER A CB  1 
ATOM   684  O  OG  . SER A 1 83  ? 5.440   -3.041  -20.165 1.00 40.59  0  84  SER A OG  1 
ATOM   685  N  N   . GLN A 1 84  ? 7.910   -4.616  -18.591 1.00 35.34  0  85  GLN A N   1 
ATOM   686  C  CA  . GLN A 1 84  ? 8.758   -5.761  -18.881 1.00 41.17  0  85  GLN A CA  1 
ATOM   687  C  C   . GLN A 1 84  ? 9.684   -6.136  -17.731 1.00 44.17  0  85  GLN A C   1 
ATOM   688  O  O   . GLN A 1 84  ? 10.172  -7.270  -17.698 1.00 47.64  0  85  GLN A O   1 
ATOM   689  C  CB  . GLN A 1 84  ? 9.602   -5.495  -20.135 1.00 49.78  0  85  GLN A CB  1 
ATOM   690  C  CG  . GLN A 1 84  ? 8.816   -5.536  -21.441 1.00 54.33  0  85  GLN A CG  1 
ATOM   691  C  CD  . GLN A 1 84  ? 7.631   -6.487  -21.388 1.00 63.60  0  85  GLN A CD  1 
ATOM   692  O  OE1 . GLN A 1 84  ? 6.496   -6.071  -21.149 1.00 66.29  0  85  GLN A OE1 1 
ATOM   693  N  NE2 . GLN A 1 84  ? 7.890   -7.771  -21.616 1.00 59.17  0  85  GLN A NE2 1 
ATOM   694  N  N   . ASN A 1 85  ? 9.942   -5.220  -16.800 1.00 28.82  0  86  ASN A N   1 
ATOM   695  C  CA  . ASN A 1 85  ? 10.797  -5.537  -15.665 1.00 29.19  0  86  ASN A CA  1 
ATOM   696  C  C   . ASN A 1 85  ? 10.077  -6.461  -14.689 1.00 30.88  0  86  ASN A C   1 
ATOM   697  O  O   . ASN A 1 85  ? 8.846   -6.475  -14.604 1.00 31.47  0  86  ASN A O   1 
ATOM   698  C  CB  . ASN A 1 85  ? 11.236  -4.262  -14.944 1.00 27.40  0  86  ASN A CB  1 
ATOM   699  C  CG  . ASN A 1 85  ? 12.262  -3.472  -15.730 1.00 30.68  0  86  ASN A CG  1 
ATOM   700  O  OD1 . ASN A 1 85  ? 12.859  -3.980  -16.677 1.00 31.02  0  86  ASN A OD1 1 
ATOM   701  N  ND2 . ASN A 1 85  ? 12.471  -2.221  -15.339 1.00 26.47  0  86  ASN A ND2 1 
ATOM   702  N  N   . GLU A 1 86  ? 10.864  -7.237  -13.948 1.00 28.68  0  87  GLU A N   1 
ATOM   703  C  CA  . GLU A 1 86  ? 10.318  -8.200  -13.002 1.00 32.87  0  87  GLU A CA  1 
ATOM   704  C  C   . GLU A 1 86  ? 9.970   -7.528  -11.680 1.00 27.23  0  87  GLU A C   1 
ATOM   705  O  O   . GLU A 1 86  ? 10.687  -6.642  -11.204 1.00 28.06  0  87  GLU A O   1 
ATOM   706  C  CB  . GLU A 1 86  ? 11.318  -9.341  -12.782 1.00 38.49  0  87  GLU A CB  1 
ATOM   707  C  CG  . GLU A 1 86  ? 11.370  -9.961  -11.386 1.00 48.07  0  87  GLU A CG  1 
ATOM   708  C  CD  . GLU A 1 86  ? 12.677  -10.692 -11.122 1.00 59.35  0  87  GLU A CD  1 
ATOM   709  O  OE1 . GLU A 1 86  ? 12.754  -11.898 -11.459 1.00 64.96  0  87  GLU A OE1 1 
ATOM   710  O  OE2 . GLU A 1 86  ? 13.619  -10.058 -10.590 1.00 48.33  -1 87  GLU A OE2 1 
ATOM   711  N  N   . PHE A 1 87  ? 8.849   -7.946  -11.099 1.00 22.36  0  88  PHE A N   1 
ATOM   712  C  CA  . PHE A 1 87  ? 8.465   -7.470  -9.779  1.00 24.71  0  88  PHE A CA  1 
ATOM   713  C  C   . PHE A 1 87  ? 9.480   -7.911  -8.730  1.00 24.36  0  88  PHE A C   1 
ATOM   714  O  O   . PHE A 1 87  ? 10.040  -9.009  -8.792  1.00 27.11  0  88  PHE A O   1 
ATOM   715  C  CB  . PHE A 1 87  ? 7.086   -8.009  -9.399  1.00 22.50  0  88  PHE A CB  1 
ATOM   716  C  CG  . PHE A 1 87  ? 5.945   -7.300  -10.066 1.00 24.49  0  88  PHE A CG  1 
ATOM   717  C  CD1 . PHE A 1 87  ? 5.147   -7.962  -10.987 1.00 23.73  0  88  PHE A CD1 1 
ATOM   718  C  CD2 . PHE A 1 87  ? 5.659   -5.979  -9.762  1.00 22.67  0  88  PHE A CD2 1 
ATOM   719  C  CE1 . PHE A 1 87  ? 4.086   -7.317  -11.597 1.00 24.40  0  88  PHE A CE1 1 
ATOM   720  C  CE2 . PHE A 1 87  ? 4.600   -5.326  -10.371 1.00 25.83  0  88  PHE A CE2 1 
ATOM   721  C  CZ  . PHE A 1 87  ? 3.812   -5.997  -11.288 1.00 23.37  0  88  PHE A CZ  1 
ATOM   722  N  N   . TYR A 1 88  ? 9.705   -7.047  -7.746  1.00 23.73  0  89  TYR A N   1 
ATOM   723  C  CA  . TYR A 1 88  ? 10.497  -7.431  -6.589  1.00 25.64  0  89  TYR A CA  1 
ATOM   724  C  C   . TYR A 1 88  ? 9.939   -6.733  -5.359  1.00 27.65  0  89  TYR A C   1 
ATOM   725  O  O   . TYR A 1 88  ? 9.369   -5.642  -5.450  1.00 27.08  0  89  TYR A O   1 
ATOM   726  C  CB  . TYR A 1 88  ? 11.988  -7.111  -6.777  1.00 27.23  0  89  TYR A CB  1 
ATOM   727  C  CG  . TYR A 1 88  ? 12.357  -5.643  -6.729  1.00 24.44  0  89  TYR A CG  1 
ATOM   728  C  CD1 . TYR A 1 88  ? 12.860  -5.072  -5.567  1.00 24.05  0  89  TYR A CD1 1 
ATOM   729  C  CD2 . TYR A 1 88  ? 12.233  -4.835  -7.853  1.00 23.17  0  89  TYR A CD2 1 
ATOM   730  C  CE1 . TYR A 1 88  ? 13.213  -3.734  -5.518  1.00 27.33  0  89  TYR A CE1 1 
ATOM   731  C  CE2 . TYR A 1 88  ? 12.581  -3.496  -7.816  1.00 23.63  0  89  TYR A CE2 1 
ATOM   732  C  CZ  . TYR A 1 88  ? 13.072  -2.951  -6.647  1.00 28.97  0  89  TYR A CZ  1 
ATOM   733  O  OH  . TYR A 1 88  ? 13.420  -1.620  -6.607  1.00 25.76  0  89  TYR A OH  1 
ATOM   734  N  N   . ASN A 1 89  ? 10.098  -7.383  -4.210  1.00 23.32  0  90  ASN A N   1 
ATOM   735  C  CA  . ASN A 1 89  ? 9.633   -6.825  -2.946  1.00 22.54  0  90  ASN A CA  1 
ATOM   736  C  C   . ASN A 1 89  ? 10.512  -5.631  -2.600  1.00 23.91  0  90  ASN A C   1 
ATOM   737  O  O   . ASN A 1 89  ? 11.618  -5.785  -2.079  1.00 23.45  0  90  ASN A O   1 
ATOM   738  C  CB  . ASN A 1 89  ? 9.674   -7.885  -1.851  1.00 25.15  0  90  ASN A CB  1 
ATOM   739  C  CG  . ASN A 1 89  ? 9.190   -7.360  -0.512  1.00 27.13  0  90  ASN A CG  1 
ATOM   740  O  OD1 . ASN A 1 89  ? 8.471   -6.362  -0.446  1.00 24.24  0  90  ASN A OD1 1 
ATOM   741  N  ND2 . ASN A 1 89  ? 9.584   -8.032  0.564   1.00 22.94  0  90  ASN A ND2 1 
ATOM   742  N  N   . ARG A 1 90  ? 10.016  -4.428  -2.895  1.00 28.48  0  91  ARG A N   1 
ATOM   743  C  CA  . ARG A 1 90  ? 10.800  -3.218  -2.673  1.00 27.09  0  91  ARG A CA  1 
ATOM   744  C  C   . ARG A 1 90  ? 10.735  -2.764  -1.220  1.00 28.07  0  91  ARG A C   1 
ATOM   745  O  O   . ARG A 1 90  ? 11.745  -2.318  -0.664  1.00 28.84  0  91  ARG A O   1 
ATOM   746  C  CB  . ARG A 1 90  ? 10.313  -2.104  -3.602  1.00 28.04  0  91  ARG A CB  1 
ATOM   747  C  CG  . ARG A 1 90  ? 11.076  -0.792  -3.470  1.00 29.19  0  91  ARG A CG  1 
ATOM   748  C  CD  . ARG A 1 90  ? 10.684  0.180   -4.575  1.00 28.20  0  91  ARG A CD  1 
ATOM   749  N  NE  . ARG A 1 90  ? 11.417  1.440   -4.493  1.00 29.20  0  91  ARG A NE  1 
ATOM   750  C  CZ  . ARG A 1 90  ? 11.342  2.406   -5.403  1.00 25.72  0  91  ARG A CZ  1 
ATOM   751  N  NH1 . ARG A 1 90  ? 10.565  2.259   -6.467  1.00 31.35  1  91  ARG A NH1 1 
ATOM   752  N  NH2 . ARG A 1 90  ? 12.042  3.521   -5.249  1.00 29.61  0  91  ARG A NH2 1 
ATOM   753  N  N   . ARG A 1 91  ? 9.562   -2.860  -0.596  1.00 26.80  0  92  ARG A N   1 
ATOM   754  C  CA  . ARG A 1 91  ? 9.375   -2.405  0.773   1.00 26.69  0  92  ARG A CA  1 
ATOM   755  C  C   . ARG A 1 91  ? 8.367   -3.305  1.468   1.00 25.74  0  92  ARG A C   1 
ATOM   756  O  O   . ARG A 1 91  ? 7.595   -4.021  0.825   1.00 26.29  0  92  ARG A O   1 
ATOM   757  C  CB  . ARG A 1 91  ? 8.886   -0.955  0.838   1.00 27.65  0  92  ARG A CB  1 
ATOM   758  C  CG  . ARG A 1 91  ? 9.790   0.056   0.184   1.00 33.59  0  92  ARG A CG  1 
ATOM   759  C  CD  . ARG A 1 91  ? 9.197   1.433   0.311   1.00 24.54  0  92  ARG A CD  1 
ATOM   760  N  NE  . ARG A 1 91  ? 9.940   2.415   -0.468  1.00 30.47  0  92  ARG A NE  1 
ATOM   761  C  CZ  . ARG A 1 91  ? 9.559   2.858   -1.659  1.00 26.13  0  92  ARG A CZ  1 
ATOM   762  N  NH1 . ARG A 1 91  ? 8.438   2.404   -2.204  1.00 22.07  1  92  ARG A NH1 1 
ATOM   763  N  NH2 . ARG A 1 91  ? 10.295  3.754   -2.302  1.00 28.52  0  92  ARG A NH2 1 
ATOM   764  N  N   . THR A 1 92  ? 8.366   -3.237  2.797   1.00 24.75  0  93  THR A N   1 
ATOM   765  C  CA  . THR A 1 92  ? 7.452   -4.021  3.613   1.00 25.21  0  93  THR A CA  1 
ATOM   766  C  C   . THR A 1 92  ? 6.989   -3.188  4.798   1.00 24.45  0  93  THR A C   1 
ATOM   767  O  O   . THR A 1 92  ? 7.788   -2.492  5.430   1.00 20.93  0  93  THR A O   1 
ATOM   768  C  CB  . THR A 1 92  ? 8.110   -5.316  4.108   1.00 29.34  0  93  THR A CB  1 
ATOM   769  O  OG1 . THR A 1 92  ? 8.574   -6.079  2.987   1.00 29.66  0  93  THR A OG1 1 
ATOM   770  C  CG2 . THR A 1 92  ? 7.118   -6.155  4.904   1.00 28.12  0  93  THR A CG2 1 
ATOM   771  N  N   . LEU A 1 93  ? 5.691   -3.256  5.084   1.00 21.07  0  94  LEU A N   1 
ATOM   772  C  CA  . LEU A 1 93  ? 5.105   -2.654  6.276   1.00 25.27  0  94  LEU A CA  1 
ATOM   773  C  C   . LEU A 1 93  ? 4.604   -3.786  7.165   1.00 22.64  0  94  LEU A C   1 
ATOM   774  O  O   . LEU A 1 93  ? 3.672   -4.507  6.793   1.00 22.39  0  94  LEU A O   1 
ATOM   775  C  CB  . LEU A 1 93  ? 3.975   -1.694  5.908   1.00 19.59  0  94  LEU A CB  1 
ATOM   776  C  CG  . LEU A 1 93  ? 3.082   -1.206  7.051   1.00 23.08  0  94  LEU A CG  1 
ATOM   777  C  CD1 . LEU A 1 93  ? 3.894   -0.445  8.088   1.00 24.74  0  94  LEU A CD1 1 
ATOM   778  C  CD2 . LEU A 1 93  ? 1.947   -0.341  6.518   1.00 23.86  0  94  LEU A CD2 1 
ATOM   779  N  N   . THR A 1 94  ? 5.232   -3.953  8.326   1.00 23.40  0  95  THR A N   1 
ATOM   780  C  CA  . THR A 1 94  ? 4.821   -4.960  9.298   1.00 27.13  0  95  THR A CA  1 
ATOM   781  C  C   . THR A 1 94  ? 3.893   -4.303  10.313  1.00 25.63  0  95  THR A C   1 
ATOM   782  O  O   . THR A 1 94  ? 4.313   -3.409  11.054  1.00 23.48  0  95  THR A O   1 
ATOM   783  C  CB  . THR A 1 94  ? 6.032   -5.581  9.990   1.00 27.66  0  95  THR A CB  1 
ATOM   784  O  OG1 . THR A 1 94  ? 6.952   -6.064  9.003   1.00 31.86  0  95  THR A OG1 1 
ATOM   785  C  CG2 . THR A 1 94  ? 5.597   -6.739  10.873  1.00 25.27  0  95  THR A CG2 1 
ATOM   786  N  N   . SER A 1 95  ? 2.638   -4.746  10.349  1.00 23.48  0  96  SER A N   1 
ATOM   787  C  CA  . SER A 1 95  ? 1.611   -4.003  11.061  1.00 28.18  0  96  SER A CA  1 
ATOM   788  C  C   . SER A 1 95  ? 0.591   -4.945  11.684  1.00 30.17  0  96  SER A C   1 
ATOM   789  O  O   . SER A 1 95  ? 0.244   -5.975  11.101  1.00 29.36  0  96  SER A O   1 
ATOM   790  C  CB  . SER A 1 95  ? 0.900   -3.025  10.119  1.00 25.69  0  96  SER A CB  1 
ATOM   791  O  OG  . SER A 1 95  ? -0.352  -2.618  10.644  1.00 26.95  0  96  SER A OG  1 
ATOM   792  N  N   . ASP A 1 96  ? 0.111   -4.573  12.868  1.00 29.42  0  97  ASP A N   1 
ATOM   793  C  CA  . ASP A 1 96  ? -1.050  -5.208  13.472  1.00 32.35  0  97  ASP A CA  1 
ATOM   794  C  C   . ASP A 1 96  ? -2.309  -4.361  13.335  1.00 29.87  0  97  ASP A C   1 
ATOM   795  O  O   . ASP A 1 96  ? -3.377  -4.779  13.788  1.00 32.39  0  97  ASP A O   1 
ATOM   796  C  CB  . ASP A 1 96  ? -0.784  -5.517  14.952  1.00 36.81  0  97  ASP A CB  1 
ATOM   797  C  CG  . ASP A 1 96  ? -0.294  -4.305  15.729  1.00 39.25  0  97  ASP A CG  1 
ATOM   798  O  OD1 . ASP A 1 96  ? -0.157  -3.217  15.130  1.00 44.17  0  97  ASP A OD1 1 
ATOM   799  O  OD2 . ASP A 1 96  ? -0.045  -4.445  16.946  1.00 48.99  -1 97  ASP A OD2 1 
ATOM   800  N  N   . THR A 1 97  ? -2.205  -3.179  12.725  1.00 23.15  0  98  THR A N   1 
ATOM   801  C  CA  . THR A 1 97  ? -3.368  -2.341  12.462  1.00 27.04  0  98  THR A CA  1 
ATOM   802  C  C   . THR A 1 97  ? -3.982  -2.597  11.094  1.00 29.05  0  98  THR A C   1 
ATOM   803  O  O   . THR A 1 97  ? -5.134  -2.209  10.867  1.00 26.05  0  98  THR A O   1 
ATOM   804  C  CB  . THR A 1 97  ? -2.997  -0.859  12.569  1.00 22.94  0  98  THR A CB  1 
ATOM   805  O  OG1 . THR A 1 97  ? -2.203  -0.480  11.437  1.00 27.17  0  98  THR A OG1 1 
ATOM   806  C  CG2 . THR A 1 97  ? -2.212  -0.594  13.847  1.00 25.79  0  98  THR A CG2 1 
ATOM   807  N  N   . LYS A 1 98  ? -3.237  -3.229  10.183  1.00 25.85  0  99  LYS A N   1 
ATOM   808  C  CA  . LYS A 1 98  ? -3.714  -3.564  8.839   1.00 30.26  0  99  LYS A CA  1 
ATOM   809  C  C   . LYS A 1 98  ? -4.063  -2.318  8.030   1.00 29.47  0  99  LYS A C   1 
ATOM   810  O  O   . LYS A 1 98  ? -4.884  -2.370  7.112   1.00 25.87  0  99  LYS A O   1 
ATOM   811  C  CB  . LYS A 1 98  ? -4.911  -4.519  8.889   1.00 28.89  0  99  LYS A CB  1 
ATOM   812  C  CG  . LYS A 1 98  ? -4.618  -5.849  9.566   1.00 30.82  0  99  LYS A CG  1 
ATOM   813  C  CD  . LYS A 1 98  ? -5.858  -6.727  9.598   1.00 33.26  0  99  LYS A CD  1 
ATOM   814  C  CE  . LYS A 1 98  ? -5.631  -7.973  10.430  1.00 43.39  0  99  LYS A CE  1 
ATOM   815  N  NZ  . LYS A 1 98  ? -6.817  -8.875  10.405  1.00 52.67  1  99  LYS A NZ  1 
ATOM   816  N  N   . LEU A 1 99  ? -3.443  -1.190  8.360   1.00 22.64  0  100 LEU A N   1 
ATOM   817  C  CA  . LEU A 1 99  ? -3.662  0.061   7.647   1.00 21.04  0  100 LEU A CA  1 
ATOM   818  C  C   . LEU A 1 99  ? -2.470  0.348   6.743   1.00 24.59  0  100 LEU A C   1 
ATOM   819  O  O   . LEU A 1 99  ? -1.318  0.295   7.187   1.00 19.21  0  100 LEU A O   1 
ATOM   820  C  CB  . LEU A 1 99  ? -3.886  1.214   8.626   1.00 19.87  0  100 LEU A CB  1 
ATOM   821  C  CG  . LEU A 1 99  ? -5.300  1.270   9.215   1.00 30.37  0  100 LEU A CG  1 
ATOM   822  C  CD1 . LEU A 1 99  ? -5.407  2.323   10.308  1.00 30.78  0  100 LEU A CD1 1 
ATOM   823  C  CD2 . LEU A 1 99  ? -6.321  1.529   8.118   1.00 21.91  0  100 LEU A CD2 1 
ATOM   824  N  N   . VAL A 1 100 ? -2.754  0.648   5.479   1.00 25.08  0  101 VAL A N   1 
ATOM   825  C  CA  . VAL A 1 100 ? -1.742  0.913   4.464   1.00 25.34  0  101 VAL A CA  1 
ATOM   826  C  C   . VAL A 1 100 ? -2.020  2.283   3.862   1.00 30.62  0  101 VAL A C   1 
ATOM   827  O  O   . VAL A 1 100 ? -3.183  2.656   3.665   1.00 32.55  0  101 VAL A O   1 
ATOM   828  C  CB  . VAL A 1 100 ? -1.745  -0.191  3.382   1.00 33.96  0  101 VAL A CB  1 
ATOM   829  C  CG1 . VAL A 1 100 ? -0.925  0.219   2.176   1.00 31.84  0  101 VAL A CG1 1 
ATOM   830  C  CG2 . VAL A 1 100 ? -1.227  -1.502  3.961   1.00 30.44  0  101 VAL A CG2 1 
ATOM   831  N  N   . GLY A 1 101 ? -0.965  3.035   3.587   1.00 24.44  0  102 GLY A N   1 
ATOM   832  C  CA  . GLY A 1 101 ? -1.107  4.395   3.091   1.00 26.29  0  102 GLY A CA  1 
ATOM   833  C  C   . GLY A 1 101 ? -0.257  4.663   1.869   1.00 24.21  0  102 GLY A C   1 
ATOM   834  O  O   . GLY A 1 101 ? 0.869   4.180   1.762   1.00 26.18  0  102 GLY A O   1 
ATOM   835  N  N   . ILE A 1 102 ? -0.813  5.446   0.944   1.00 18.78  0  103 ILE A N   1 
ATOM   836  C  CA  . ILE A 1 102 ? -0.118  5.859   -0.272  1.00 20.35  0  103 ILE A CA  1 
ATOM   837  C  C   . ILE A 1 102 ? -0.489  7.306   -0.570  1.00 21.70  0  103 ILE A C   1 
ATOM   838  O  O   . ILE A 1 102 ? -1.663  7.687   -0.489  1.00 21.53  0  103 ILE A O   1 
ATOM   839  C  CB  . ILE A 1 102 ? -0.447  4.938   -1.468  1.00 23.65  0  103 ILE A CB  1 
ATOM   840  C  CG1 . ILE A 1 102 ? 0.129   5.514   -2.767  1.00 23.29  0  103 ILE A CG1 1 
ATOM   841  C  CG2 . ILE A 1 102 ? -1.948  4.716   -1.590  1.00 17.49  0  103 ILE A CG2 1 
ATOM   842  C  CD1 . ILE A 1 102 ? 0.191   4.520   -3.911  1.00 24.36  0  103 ILE A CD1 1 
ATOM   843  N  N   . LEU A 1 103 ? 0.514   8.114   -0.913  1.00 21.99  0  104 LEU A N   1 
ATOM   844  C  CA  . LEU A 1 103 ? 0.323   9.539   -1.139  1.00 21.08  0  104 LEU A CA  1 
ATOM   845  C  C   . LEU A 1 103 ? 1.069   9.976   -2.392  1.00 21.16  0  104 LEU A C   1 
ATOM   846  O  O   . LEU A 1 103 ? 2.212   9.569   -2.617  1.00 21.19  0  104 LEU A O   1 
ATOM   847  C  CB  . LEU A 1 103 ? 0.809   10.360  0.063   1.00 20.19  0  104 LEU A CB  1 
ATOM   848  C  CG  . LEU A 1 103 ? 1.153   11.830  -0.193  1.00 25.15  0  104 LEU A CG  1 
ATOM   849  C  CD1 . LEU A 1 103 ? -0.109  12.679  -0.275  1.00 20.08  0  104 LEU A CD1 1 
ATOM   850  C  CD2 . LEU A 1 103 ? 2.099   12.365  0.876   1.00 21.89  0  104 LEU A CD2 1 
ATOM   851  N  N   . LYS A 1 104 ? 0.413   10.804  -3.203  1.00 19.66  0  105 LYS A N   1 
ATOM   852  C  CA  . LYS A 1 104 ? 1.038   11.454  -4.349  1.00 22.83  0  105 LYS A CA  1 
ATOM   853  C  C   . LYS A 1 104 ? 1.312   12.909  -3.987  1.00 26.48  0  105 LYS A C   1 
ATOM   854  O  O   . LYS A 1 104 ? 0.374   13.678  -3.749  1.00 25.20  0  105 LYS A O   1 
ATOM   855  C  CB  . LYS A 1 104 ? 0.140   11.370  -5.584  1.00 17.77  0  105 LYS A CB  1 
ATOM   856  C  CG  . LYS A 1 104 ? -0.195  9.953   -6.022  1.00 23.41  0  105 LYS A CG  1 
ATOM   857  C  CD  . LYS A 1 104 ? -1.497  9.910   -6.811  1.00 21.83  0  105 LYS A CD  1 
ATOM   858  C  CE  . LYS A 1 104 ? -1.418  10.772  -8.062  1.00 25.34  0  105 LYS A CE  1 
ATOM   859  N  NZ  . LYS A 1 104 ? -2.651  10.666  -8.899  1.00 22.67  1  105 LYS A NZ  1 
ATOM   860  N  N   . TYR A 1 105 ? 2.591   13.283  -3.940  1.00 19.12  0  106 TYR A N   1 
ATOM   861  C  CA  . TYR A 1 105 ? 2.964   14.637  -3.553  1.00 22.33  0  106 TYR A CA  1 
ATOM   862  C  C   . TYR A 1 105 ? 4.389   14.929  -4.000  1.00 27.82  0  106 TYR A C   1 
ATOM   863  O  O   . TYR A 1 105 ? 5.262   14.060  -3.920  1.00 23.77  0  106 TYR A O   1 
ATOM   864  C  CB  . TYR A 1 105 ? 2.847   14.838  -2.037  1.00 23.38  0  106 TYR A CB  1 
ATOM   865  C  CG  . TYR A 1 105 ? 3.443   16.143  -1.552  1.00 29.50  0  106 TYR A CG  1 
ATOM   866  C  CD1 . TYR A 1 105 ? 2.770   17.344  -1.735  1.00 30.10  0  106 TYR A CD1 1 
ATOM   867  C  CD2 . TYR A 1 105 ? 4.680   16.175  -0.915  1.00 33.09  0  106 TYR A CD2 1 
ATOM   868  C  CE1 . TYR A 1 105 ? 3.308   18.541  -1.295  1.00 30.76  0  106 TYR A CE1 1 
ATOM   869  C  CE2 . TYR A 1 105 ? 5.226   17.367  -0.473  1.00 32.91  0  106 TYR A CE2 1 
ATOM   870  C  CZ  . TYR A 1 105 ? 4.536   18.546  -0.665  1.00 33.29  0  106 TYR A CZ  1 
ATOM   871  O  OH  . TYR A 1 105 ? 5.072   19.735  -0.227  1.00 49.66  0  106 TYR A OH  1 
ATOM   872  N  N   . GLY A 1 106 ? 4.613   16.161  -4.449  1.00 28.66  0  107 GLY A N   1 
ATOM   873  C  CA  . GLY A 1 106 ? 5.952   16.618  -4.798  1.00 28.00  0  107 GLY A CA  1 
ATOM   874  C  C   . GLY A 1 106 ? 6.641   15.785  -5.855  1.00 27.32  0  107 GLY A C   1 
ATOM   875  O  O   . GLY A 1 106 ? 7.858   15.574  -5.780  1.00 26.60  0  107 GLY A O   1 
ATOM   876  N  N   . GLY A 1 107 ? 5.889   15.304  -6.844  1.00 28.72  0  108 GLY A N   1 
ATOM   877  C  CA  . GLY A 1 107 ? 6.466   14.486  -7.892  1.00 27.34  0  108 GLY A CA  1 
ATOM   878  C  C   . GLY A 1 107 ? 6.864   13.091  -7.470  1.00 30.84  0  108 GLY A C   1 
ATOM   879  O  O   . GLY A 1 107 ? 7.595   12.419  -8.202  1.00 27.74  0  108 GLY A O   1 
ATOM   880  N  N   . ARG A 1 108 ? 6.396   12.628  -6.312  1.00 25.79  0  109 ARG A N   1 
ATOM   881  C  CA  . ARG A 1 108 ? 6.793   11.333  -5.780  1.00 25.56  0  109 ARG A CA  1 
ATOM   882  C  C   . ARG A 1 108 ? 5.576   10.610  -5.225  1.00 24.44  0  109 ARG A C   1 
ATOM   883  O  O   . ARG A 1 108 ? 4.533   11.213  -4.965  1.00 21.92  0  109 ARG A O   1 
ATOM   884  C  CB  . ARG A 1 108 ? 7.854   11.474  -4.678  1.00 29.80  0  109 ARG A CB  1 
ATOM   885  C  CG  . ARG A 1 108 ? 9.258   11.763  -5.184  1.00 30.40  0  109 ARG A CG  1 
ATOM   886  C  CD  . ARG A 1 108 ? 9.879   12.939  -4.446  1.00 39.09  0  109 ARG A CD  1 
ATOM   887  N  NE  . ARG A 1 108 ? 10.829  12.513  -3.423  1.00 53.38  0  109 ARG A NE  1 
ATOM   888  C  CZ  . ARG A 1 108 ? 11.365  13.327  -2.519  1.00 66.83  0  109 ARG A CZ  1 
ATOM   889  N  NH1 . ARG A 1 108 ? 12.223  12.854  -1.623  1.00 63.23  1  109 ARG A NH1 1 
ATOM   890  N  NH2 . ARG A 1 108 ? 11.046  14.615  -2.511  1.00 64.48  0  109 ARG A NH2 1 
ATOM   891  N  N   . ILE A 1 109 ? 5.729   9.299   -5.049  1.00 27.00  0  110 ILE A N   1 
ATOM   892  C  CA  . ILE A 1 109 ? 4.754   8.466   -4.354  1.00 22.71  0  110 ILE A CA  1 
ATOM   893  C  C   . ILE A 1 109 ? 5.310   8.147   -2.976  1.00 25.35  0  110 ILE A C   1 
ATOM   894  O  O   . ILE A 1 109 ? 6.450   7.681   -2.851  1.00 22.50  0  110 ILE A O   1 
ATOM   895  C  CB  . ILE A 1 109 ? 4.456   7.171   -5.133  1.00 26.80  0  110 ILE A CB  1 
ATOM   896  C  CG1 . ILE A 1 109 ? 3.875   7.486   -6.510  1.00 23.74  0  110 ILE A CG1 1 
ATOM   897  C  CG2 . ILE A 1 109 ? 3.516   6.267   -4.337  1.00 20.04  0  110 ILE A CG2 1 
ATOM   898  C  CD1 . ILE A 1 109 ? 4.895   7.401   -7.617  1.00 32.14  0  110 ILE A CD1 1 
ATOM   899  N  N   . TRP A 1 110 ? 4.513   8.396   -1.943  1.00 24.26  0  111 TRP A N   1 
ATOM   900  C  CA  . TRP A 1 110 ? 4.920   8.167   -0.563  1.00 23.82  0  111 TRP A CA  1 
ATOM   901  C  C   . TRP A 1 110 ? 4.078   7.052   0.040   1.00 24.66  0  111 TRP A C   1 
ATOM   902  O  O   . TRP A 1 110 ? 2.856   7.027   -0.137  1.00 24.49  0  111 TRP A O   1 
ATOM   903  C  CB  . TRP A 1 110 ? 4.785   9.446   0.267   1.00 21.09  0  111 TRP A CB  1 
ATOM   904  C  CG  . TRP A 1 110 ? 5.539   10.611  -0.303  1.00 29.50  0  111 TRP A CG  1 
ATOM   905  C  CD1 . TRP A 1 110 ? 5.160   11.401  -1.348  1.00 27.93  0  111 TRP A CD1 1 
ATOM   906  C  CD2 . TRP A 1 110 ? 6.804   11.117  0.144   1.00 32.29  0  111 TRP A CD2 1 
ATOM   907  N  NE1 . TRP A 1 110 ? 6.108   12.368  -1.581  1.00 32.82  0  111 TRP A NE1 1 
ATOM   908  C  CE2 . TRP A 1 110 ? 7.129   12.215  -0.678  1.00 35.77  0  111 TRP A CE2 1 
ATOM   909  C  CE3 . TRP A 1 110 ? 7.694   10.750  1.159   1.00 34.37  0  111 TRP A CE3 1 
ATOM   910  C  CZ2 . TRP A 1 110 ? 8.303   12.948  -0.516  1.00 41.79  0  111 TRP A CZ2 1 
ATOM   911  C  CZ3 . TRP A 1 110 ? 8.860   11.479  1.318   1.00 38.89  0  111 TRP A CZ3 1 
ATOM   912  C  CH2 . TRP A 1 110 ? 9.154   12.564  0.484   1.00 40.63  0  111 TRP A CH2 1 
ATOM   913  N  N   . THR A 1 111 ? 4.735   6.130   0.740   1.00 20.74  0  112 THR A N   1 
ATOM   914  C  CA  . THR A 1 111 ? 4.065   5.060   1.465   1.00 21.30  0  112 THR A CA  1 
ATOM   915  C  C   . THR A 1 111 ? 4.680   4.935   2.851   1.00 25.38  0  112 THR A C   1 
ATOM   916  O  O   . THR A 1 111 ? 5.680   5.582   3.173   1.00 23.82  0  112 THR A O   1 
ATOM   917  C  CB  . THR A 1 111 ? 4.164   3.715   0.731   1.00 20.04  0  112 THR A CB  1 
ATOM   918  O  OG1 . THR A 1 111 ? 5.540   3.335   0.608   1.00 22.97  0  112 THR A OG1 1 
ATOM   919  C  CG2 . THR A 1 111 ? 3.532   3.798   -0.656  1.00 17.60  0  112 THR A CG2 1 
ATOM   920  N  N   . PHE A 1 112 ? 4.067   4.093   3.678   1.00 25.72  0  113 PHE A N   1 
ATOM   921  C  CA  . PHE A 1 112 ? 4.571   3.792   5.011   1.00 24.74  0  113 PHE A CA  1 
ATOM   922  C  C   . PHE A 1 112 ? 5.240   2.425   5.009   1.00 28.70  0  113 PHE A C   1 
ATOM   923  O  O   . PHE A 1 112 ? 4.713   1.465   4.439   1.00 26.28  0  113 PHE A O   1 
ATOM   924  C  CB  . PHE A 1 112 ? 3.447   3.816   6.049   1.00 21.00  0  113 PHE A CB  1 
ATOM   925  C  CG  . PHE A 1 112 ? 3.085   5.194   6.526   1.00 27.22  0  113 PHE A CG  1 
ATOM   926  C  CD1 . PHE A 1 112 ? 2.123   5.940   5.864   1.00 28.67  0  113 PHE A CD1 1 
ATOM   927  C  CD2 . PHE A 1 112 ? 3.696   5.739   7.643   1.00 30.05  0  113 PHE A CD2 1 
ATOM   928  C  CE1 . PHE A 1 112 ? 1.781   7.207   6.304   1.00 25.81  0  113 PHE A CE1 1 
ATOM   929  C  CE2 . PHE A 1 112 ? 3.360   7.006   8.089   1.00 30.29  0  113 PHE A CE2 1 
ATOM   930  C  CZ  . PHE A 1 112 ? 2.401   7.741   7.417   1.00 28.76  0  113 PHE A CZ  1 
ATOM   931  N  N   . HIS A 1 113 ? 6.408   2.344   5.644   1.00 23.61  0  114 HIS A N   1 
ATOM   932  C  CA  . HIS A 1 113 ? 7.157   1.101   5.741   1.00 24.15  0  114 HIS A CA  1 
ATOM   933  C  C   . HIS A 1 113 ? 7.712   0.964   7.151   1.00 21.26  0  114 HIS A C   1 
ATOM   934  O  O   . HIS A 1 113 ? 7.637   1.887   7.965   1.00 23.38  0  114 HIS A O   1 
ATOM   935  C  CB  . HIS A 1 113 ? 8.287   1.039   4.705   1.00 24.54  0  114 HIS A CB  1 
ATOM   936  C  CG  . HIS A 1 113 ? 9.503   1.822   5.093   1.00 28.71  0  114 HIS A CG  1 
ATOM   937  N  ND1 . HIS A 1 113 ? 9.557   3.198   5.025   1.00 33.29  0  114 HIS A ND1 1 
ATOM   938  C  CD2 . HIS A 1 113 ? 10.713  1.421   5.553   1.00 29.10  0  114 HIS A CD2 1 
ATOM   939  C  CE1 . HIS A 1 113 ? 10.746  3.611   5.425   1.00 30.62  0  114 HIS A CE1 1 
ATOM   940  N  NE2 . HIS A 1 113 ? 11.466  2.554   5.753   1.00 33.86  0  114 HIS A NE2 1 
ATOM   941  N  N   . GLY A 1 114 ? 8.288   -0.201  7.432   1.00 22.51  0  115 GLY A N   1 
ATOM   942  C  CA  . GLY A 1 114 ? 8.804   -0.475  8.758   1.00 24.62  0  115 GLY A CA  1 
ATOM   943  C  C   . GLY A 1 114 ? 7.852   -1.320  9.577   1.00 27.59  0  115 GLY A C   1 
ATOM   944  O  O   . GLY A 1 114 ? 7.072   -2.099  9.017   1.00 25.31  0  115 GLY A O   1 
ATOM   945  N  N   . GLU A 1 115 ? 7.898   -1.181  10.899  1.00 25.53  0  116 GLU A N   1 
ATOM   946  C  CA  . GLU A 1 115 ? 7.040   -1.958  11.783  1.00 33.63  0  116 GLU A CA  1 
ATOM   947  C  C   . GLU A 1 115 ? 6.297   -1.026  12.728  1.00 32.46  0  116 GLU A C   1 
ATOM   948  O  O   . GLU A 1 115 ? 6.905   -0.150  13.351  1.00 29.59  0  116 GLU A O   1 
ATOM   949  C  CB  . GLU A 1 115 ? 7.843   -2.989  12.581  1.00 33.74  0  116 GLU A CB  1 
ATOM   950  C  CG  . GLU A 1 115 ? 6.970   -3.978  13.338  1.00 39.10  0  116 GLU A CG  1 
ATOM   951  C  CD  . GLU A 1 115 ? 7.776   -4.960  14.163  1.00 48.32  0  116 GLU A CD  1 
ATOM   952  O  OE1 . GLU A 1 115 ? 9.021   -4.936  14.068  1.00 49.23  0  116 GLU A OE1 1 
ATOM   953  O  OE2 . GLU A 1 115 ? 7.163   -5.754  14.908  1.00 50.92  -1 116 GLU A OE2 1 
ATOM   954  N  N   . THR A 1 116 ? 4.984   -1.219  12.827  1.00 27.98  0  117 THR A N   1 
ATOM   955  C  CA  . THR A 1 116 ? 4.189   -0.460  13.775  1.00 29.74  0  117 THR A CA  1 
ATOM   956  C  C   . THR A 1 116 ? 4.638   -0.785  15.200  1.00 29.16  0  117 THR A C   1 
ATOM   957  O  O   . THR A 1 116 ? 5.079   -1.904  15.479  1.00 25.91  0  117 THR A O   1 
ATOM   958  C  CB  . THR A 1 116 ? 2.705   -0.778  13.598  1.00 27.94  0  117 THR A CB  1 
ATOM   959  O  OG1 . THR A 1 116 ? 2.494   -2.188  13.745  1.00 26.18  0  117 THR A OG1 1 
ATOM   960  C  CG2 . THR A 1 116 ? 2.232   -0.341  12.220  1.00 25.36  0  117 THR A CG2 1 
ATOM   961  N  N   . PRO A 1 117 ? 4.537   0.178   16.131  1.00 35.35  0  118 PRO A N   1 
ATOM   962  C  CA  . PRO A 1 117 ? 3.996   1.529   15.947  1.00 28.20  0  118 PRO A CA  1 
ATOM   963  C  C   . PRO A 1 117 ? 5.038   2.572   15.555  1.00 29.10  0  118 PRO A C   1 
ATOM   964  O  O   . PRO A 1 117 ? 4.847   3.751   15.853  1.00 30.54  0  118 PRO A O   1 
ATOM   965  C  CB  . PRO A 1 117 ? 3.427   1.847   17.326  1.00 34.84  0  118 PRO A CB  1 
ATOM   966  C  CG  . PRO A 1 117 ? 4.397   1.176   18.256  1.00 29.38  0  118 PRO A CG  1 
ATOM   967  C  CD  . PRO A 1 117 ? 4.895   -0.069  17.541  1.00 31.84  0  118 PRO A CD  1 
ATOM   968  N  N   . ARG A 1 118 ? 6.117   2.152   14.893  1.00 32.81  0  119 ARG A N   1 
ATOM   969  C  CA  . ARG A 1 118 ? 7.200   3.055   14.520  1.00 36.53  0  119 ARG A CA  1 
ATOM   970  C  C   . ARG A 1 118 ? 7.427   3.078   13.012  1.00 35.21  0  119 ARG A C   1 
ATOM   971  O  O   . ARG A 1 118 ? 8.549   3.289   12.548  1.00 33.40  0  119 ARG A O   1 
ATOM   972  C  CB  . ARG A 1 118 ? 8.488   2.679   15.254  1.00 39.92  0  119 ARG A CB  1 
ATOM   973  C  CG  . ARG A 1 118 ? 8.464   3.007   16.739  1.00 43.62  0  119 ARG A CG  1 
ATOM   974  C  CD  . ARG A 1 118 ? 9.702   2.485   17.452  1.00 44.54  0  119 ARG A CD  1 
ATOM   975  N  NE  . ARG A 1 118 ? 9.621   1.051   17.714  1.00 57.32  0  119 ARG A NE  1 
ATOM   976  C  CZ  . ARG A 1 118 ? 9.014   0.515   18.769  1.00 60.29  0  119 ARG A CZ  1 
ATOM   977  N  NH1 . ARG A 1 118 ? 8.990   -0.802  18.924  1.00 52.85  1  119 ARG A NH1 1 
ATOM   978  N  NH2 . ARG A 1 118 ? 8.429   1.296   19.667  1.00 55.78  0  119 ARG A NH2 1 
ATOM   979  N  N   . ALA A 1 119 ? 6.368   2.868   12.234  1.00 33.25  0  120 ALA A N   1 
ATOM   980  C  CA  . ALA A 1 119 ? 6.490   2.923   10.784  1.00 34.17  0  120 ALA A CA  1 
ATOM   981  C  C   . ALA A 1 119 ? 6.680   4.364   10.326  1.00 29.54  0  120 ALA A C   1 
ATOM   982  O  O   . ALA A 1 119 ? 6.087   5.294   10.879  1.00 30.23  0  120 ALA A O   1 
ATOM   983  C  CB  . ALA A 1 119 ? 5.256   2.316   10.118  1.00 30.70  0  120 ALA A CB  1 
ATOM   984  N  N   . THR A 1 120 ? 7.514   4.544   9.307   1.00 21.54  0  121 THR A N   1 
ATOM   985  C  CA  . THR A 1 120 ? 7.846   5.857   8.774   1.00 26.55  0  121 THR A CA  1 
ATOM   986  C  C   . THR A 1 120 ? 7.538   5.902   7.283   1.00 25.78  0  121 THR A C   1 
ATOM   987  O  O   . THR A 1 120 ? 7.175   4.897   6.666   1.00 23.38  0  121 THR A O   1 
ATOM   988  C  CB  . THR A 1 120 ? 9.323   6.198   9.016   1.00 27.51  0  121 THR A CB  1 
ATOM   989  O  OG1 . THR A 1 120 ? 10.150  5.212   8.385   1.00 28.06  0  121 THR A OG1 1 
ATOM   990  C  CG2 . THR A 1 120 ? 9.627   6.234   10.506  1.00 24.52  0  121 THR A CG2 1 
ATOM   991  N  N   . THR A 1 121 ? 7.704   7.086   6.703   1.00 28.42  0  122 THR A N   1 
ATOM   992  C  CA  . THR A 1 121 ? 7.393   7.319   5.301   1.00 29.23  0  122 THR A CA  1 
ATOM   993  C  C   . THR A 1 121 ? 8.645   7.224   4.437   1.00 31.61  0  122 THR A C   1 
ATOM   994  O  O   . THR A 1 121 ? 9.768   7.427   4.903   1.00 33.74  0  122 THR A O   1 
ATOM   995  C  CB  . THR A 1 121 ? 6.738   8.688   5.101   1.00 27.50  0  122 THR A CB  1 
ATOM   996  O  OG1 . THR A 1 121 ? 7.637   9.720   5.525   1.00 31.72  0  122 THR A OG1 1 
ATOM   997  C  CG2 . THR A 1 121 ? 5.449   8.781   5.904   1.00 29.20  0  122 THR A CG2 1 
ATOM   998  N  N   . ASP A 1 122 ? 8.427   6.909   3.162   1.00 35.61  0  123 ASP A N   1 
ATOM   999  C  CA  . ASP A 1 122 ? 9.478   6.813   2.163   1.00 31.15  0  123 ASP A CA  1 
ATOM   1000 C  C   . ASP A 1 122 ? 8.908   7.297   0.839   1.00 35.30  0  123 ASP A C   1 
ATOM   1001 O  O   . ASP A 1 122 ? 7.693   7.426   0.677   1.00 32.44  0  123 ASP A O   1 
ATOM   1002 C  CB  . ASP A 1 122 ? 9.992   5.379   2.030   1.00 34.37  0  123 ASP A CB  1 
ATOM   1003 C  CG  . ASP A 1 122 ? 8.868   4.386   1.801   1.00 47.97  0  123 ASP A CG  1 
ATOM   1004 O  OD1 . ASP A 1 122 ? 8.586   3.579   2.712   1.00 47.38  0  123 ASP A OD1 1 
ATOM   1005 O  OD2 . ASP A 1 122 ? 8.251   4.421   0.713   1.00 43.62  -1 123 ASP A OD2 1 
ATOM   1006 N  N   . SER A 1 123 ? 9.789   7.543   -0.126  1.00 27.63  0  124 SER A N   1 
ATOM   1007 C  CA  . SER A 1 123 ? 9.374   8.088   -1.409  1.00 25.92  0  124 SER A CA  1 
ATOM   1008 C  C   . SER A 1 123 ? 9.912   7.248   -2.559  1.00 26.32  0  124 SER A C   1 
ATOM   1009 O  O   . SER A 1 123 ? 10.968  6.616   -2.455  1.00 26.22  0  124 SER A O   1 
ATOM   1010 C  CB  . SER A 1 123 ? 9.833   9.543   -1.572  1.00 28.46  0  124 SER A CB  1 
ATOM   1011 O  OG  . SER A 1 123 ? 11.238  9.654   -1.431  1.00 42.10  0  124 SER A OG  1 
ATOM   1012 N  N   . SER A 1 124 ? 9.159   7.248   -3.656  1.00 24.28  0  125 SER A N   1 
ATOM   1013 C  CA  . SER A 1 124 ? 9.585   6.684   -4.927  1.00 24.42  0  125 SER A CA  1 
ATOM   1014 C  C   . SER A 1 124 ? 9.395   7.742   -6.004  1.00 27.50  0  125 SER A C   1 
ATOM   1015 O  O   . SER A 1 124 ? 8.389   8.458   -6.010  1.00 24.02  0  125 SER A O   1 
ATOM   1016 C  CB  . SER A 1 124 ? 8.792   5.419   -5.287  1.00 21.39  0  125 SER A CB  1 
ATOM   1017 O  OG  . SER A 1 124 ? 8.860   4.459   -4.247  1.00 24.01  0  125 SER A OG  1 
ATOM   1018 N  N   . ASN A 1 125 ? 10.359  7.839   -6.909  1.00 32.73  0  126 ASN A N   1 
ATOM   1019 C  CA  . ASN A 1 125 ? 10.332  8.870   -7.934  1.00 31.16  0  126 ASN A CA  1 
ATOM   1020 C  C   . ASN A 1 125 ? 9.536   8.416   -9.150  1.00 28.20  0  126 ASN A C   1 
ATOM   1021 O  O   . ASN A 1 125 ? 9.416   7.221   -9.431  1.00 26.17  0  126 ASN A O   1 
ATOM   1022 C  CB  . ASN A 1 125 ? 11.750  9.252   -8.354  1.00 30.70  0  126 ASN A CB  1 
ATOM   1023 C  CG  . ASN A 1 125 ? 12.188  10.572  -7.765  1.00 50.74  0  126 ASN A CG  1 
ATOM   1024 O  OD1 . ASN A 1 125 ? 11.850  11.636  -8.285  1.00 53.69  0  126 ASN A OD1 1 
ATOM   1025 N  ND2 . ASN A 1 125 ? 12.933  10.514  -6.666  1.00 49.26  0  126 ASN A ND2 1 
ATOM   1026 N  N   . THR A 1 126 ? 8.989   9.394   -9.867  1.00 27.80  0  127 THR A N   1 
ATOM   1027 C  CA  . THR A 1 126 ? 8.262   9.145   -11.102 1.00 27.60  0  127 THR A CA  1 
ATOM   1028 C  C   . THR A 1 126 ? 8.312   10.397  -11.962 1.00 30.91  0  127 THR A C   1 
ATOM   1029 O  O   . THR A 1 126 ? 8.345   11.520  -11.451 1.00 24.60  0  127 THR A O   1 
ATOM   1030 C  CB  . THR A 1 126 ? 6.801   8.751   -10.847 1.00 24.47  0  127 THR A CB  1 
ATOM   1031 O  OG1 . THR A 1 126 ? 6.116   8.623   -12.101 1.00 24.56  0  127 THR A OG1 1 
ATOM   1032 C  CG2 . THR A 1 126 ? 6.099   9.809   -10.009 1.00 21.34  0  127 THR A CG2 1 
ATOM   1033 N  N   . ALA A 1 127 ? 8.327   10.191  -13.278 1.00 30.07  0  128 ALA A N   1 
ATOM   1034 C  CA  . ALA A 1 127 ? 8.253   11.296  -14.222 1.00 33.39  0  128 ALA A CA  1 
ATOM   1035 C  C   . ALA A 1 127 ? 6.822   11.665  -14.586 1.00 30.82  0  128 ALA A C   1 
ATOM   1036 O  O   . ALA A 1 127 ? 6.609   12.711  -15.207 1.00 34.77  0  128 ALA A O   1 
ATOM   1037 C  CB  . ALA A 1 127 ? 9.034   10.959  -15.500 1.00 27.83  0  128 ALA A CB  1 
ATOM   1038 N  N   . ASN A 1 128 ? 5.843   10.836  -14.219 1.00 32.82  0  129 ASN A N   1 
ATOM   1039 C  CA  . ASN A 1 128 ? 4.428   11.097  -14.486 1.00 30.09  0  129 ASN A CA  1 
ATOM   1040 C  C   . ASN A 1 128 ? 3.642   10.799  -13.210 1.00 32.24  0  129 ASN A C   1 
ATOM   1041 O  O   . ASN A 1 128 ? 3.130   9.691   -13.030 1.00 25.01  0  129 ASN A O   1 
ATOM   1042 C  CB  . ASN A 1 128 ? 3.931   10.265  -15.666 1.00 26.20  0  129 ASN A CB  1 
ATOM   1043 C  CG  . ASN A 1 128 ? 2.573   10.716  -16.169 1.00 33.22  0  129 ASN A CG  1 
ATOM   1044 O  OD1 . ASN A 1 128 ? 1.906   11.542  -15.545 1.00 37.71  0  129 ASN A OD1 1 
ATOM   1045 N  ND2 . ASN A 1 128 ? 2.155   10.171  -17.306 1.00 42.62  0  129 ASN A ND2 1 
ATOM   1046 N  N   . LEU A 1 129 ? 3.529   11.799  -12.336 1.00 28.71  0  130 LEU A N   1 
ATOM   1047 C  CA  . LEU A 1 129 ? 2.755   11.628  -11.112 1.00 29.47  0  130 LEU A CA  1 
ATOM   1048 C  C   . LEU A 1 129 ? 1.258   11.767  -11.361 1.00 32.00  0  130 LEU A C   1 
ATOM   1049 O  O   . LEU A 1 129 ? 0.457   11.148  -10.653 1.00 30.96  0  130 LEU A O   1 
ATOM   1050 C  CB  . LEU A 1 129 ? 3.205   12.642  -10.059 1.00 26.54  0  130 LEU A CB  1 
ATOM   1051 C  CG  . LEU A 1 129 ? 2.570   12.522  -8.672  1.00 26.87  0  130 LEU A CG  1 
ATOM   1052 C  CD1 . LEU A 1 129 ? 3.008   11.233  -7.990  1.00 23.18  0  130 LEU A CD1 1 
ATOM   1053 C  CD2 . LEU A 1 129 ? 2.907   13.732  -7.812  1.00 24.75  0  130 LEU A CD2 1 
ATOM   1054 N  N   . ASN A 1 130 ? 0.869   12.551  -12.369 1.00 36.40  0  131 ASN A N   1 
ATOM   1055 C  CA  . ASN A 1 130 ? -0.544  12.849  -12.584 1.00 38.63  0  131 ASN A CA  1 
ATOM   1056 C  C   . ASN A 1 130 ? -1.331  11.627  -13.040 1.00 33.39  0  131 ASN A C   1 
ATOM   1057 O  O   . ASN A 1 130 ? -2.512  11.496  -12.702 1.00 34.27  0  131 ASN A O   1 
ATOM   1058 C  CB  . ASN A 1 130 ? -0.688  13.976  -13.606 1.00 42.25  0  131 ASN A CB  1 
ATOM   1059 C  CG  . ASN A 1 130 ? -1.045  15.299  -12.965 1.00 53.45  0  131 ASN A CG  1 
ATOM   1060 O  OD1 . ASN A 1 130 ? -2.219  15.595  -12.736 1.00 55.11  0  131 ASN A OD1 1 
ATOM   1061 N  ND2 . ASN A 1 130 ? -0.031  16.103  -12.665 1.00 49.63  0  131 ASN A ND2 1 
ATOM   1062 N  N   . ASP A 1 131 ? -0.706  10.730  -13.799 1.00 26.50  0  132 ASP A N   1 
ATOM   1063 C  CA  . ASP A 1 131 ? -1.394  9.580   -14.369 1.00 27.09  0  132 ASP A CA  1 
ATOM   1064 C  C   . ASP A 1 131 ? -1.408  8.369   -13.443 1.00 27.03  0  132 ASP A C   1 
ATOM   1065 O  O   . ASP A 1 131 ? -1.813  7.282   -13.870 1.00 25.10  0  132 ASP A O   1 
ATOM   1066 C  CB  . ASP A 1 131 ? -0.757  9.202   -15.708 1.00 27.45  0  132 ASP A CB  1 
ATOM   1067 C  CG  . ASP A 1 131 ? -1.055  10.214  -16.797 1.00 39.12  0  132 ASP A CG  1 
ATOM   1068 O  OD1 . ASP A 1 131 ? -1.816  11.167  -16.525 1.00 36.56  0  132 ASP A OD1 1 
ATOM   1069 O  OD2 . ASP A 1 131 ? -0.530  10.060  -17.919 1.00 36.37  -1 132 ASP A OD2 1 
ATOM   1070 N  N   . ILE A 1 132 ? -0.982  8.527   -12.193 1.00 25.62  0  133 ILE A N   1 
ATOM   1071 C  CA  . ILE A 1 132 ? -0.966  7.414   -11.249 1.00 26.75  0  133 ILE A CA  1 
ATOM   1072 C  C   . ILE A 1 132 ? -2.386  7.204   -10.734 1.00 26.06  0  133 ILE A C   1 
ATOM   1073 O  O   . ILE A 1 132 ? -2.910  8.026   -9.980  1.00 27.46  0  133 ILE A O   1 
ATOM   1074 C  CB  . ILE A 1 132 ? 0.010   7.666   -10.096 1.00 27.06  0  133 ILE A CB  1 
ATOM   1075 C  CG1 . ILE A 1 132 ? 1.421   7.908   -10.644 1.00 26.55  0  133 ILE A CG1 1 
ATOM   1076 C  CG2 . ILE A 1 132 ? -0.037  6.510   -9.094  1.00 27.09  0  133 ILE A CG2 1 
ATOM   1077 C  CD1 . ILE A 1 132 ? 2.447   6.891   -10.215 1.00 24.42  0  133 ILE A CD1 1 
ATOM   1078 N  N   . SER A 1 133 ? -3.012  6.108   -11.149 1.00 24.55  0  134 SER A N   1 
ATOM   1079 C  CA  . SER A 1 133 ? -4.308  5.690   -10.639 1.00 30.59  0  134 SER A CA  1 
ATOM   1080 C  C   . SER A 1 133 ? -4.141  4.424   -9.808  1.00 24.85  0  134 SER A C   1 
ATOM   1081 O  O   . SER A 1 133 ? -3.067  3.818   -9.763  1.00 27.88  0  134 SER A O   1 
ATOM   1082 C  CB  . SER A 1 133 ? -5.303  5.464   -11.784 1.00 31.56  0  134 SER A CB  1 
ATOM   1083 O  OG  . SER A 1 133 ? -4.850  4.450   -12.660 1.00 43.60  0  134 SER A OG  1 
ATOM   1084 N  N   . ILE A 1 134 ? -5.219  4.021   -9.142  1.00 20.51  0  135 ILE A N   1 
ATOM   1085 C  CA  . ILE A 1 134 ? -5.150  2.940   -8.169  1.00 19.51  0  135 ILE A CA  1 
ATOM   1086 C  C   . ILE A 1 134 ? -6.414  2.097   -8.247  1.00 23.49  0  135 ILE A C   1 
ATOM   1087 O  O   . ILE A 1 134 ? -7.513  2.615   -8.472  1.00 26.24  0  135 ILE A O   1 
ATOM   1088 C  CB  . ILE A 1 134 ? -4.933  3.488   -6.739  1.00 18.72  0  135 ILE A CB  1 
ATOM   1089 C  CG1 . ILE A 1 134 ? -4.569  2.360   -5.772  1.00 16.68  0  135 ILE A CG1 1 
ATOM   1090 C  CG2 . ILE A 1 134 ? -6.164  4.237   -6.249  1.00 24.49  0  135 ILE A CG2 1 
ATOM   1091 C  CD1 . ILE A 1 134 ? -4.148  2.852   -4.402  1.00 15.44  0  135 ILE A CD1 1 
ATOM   1092 N  N   . ILE A 1 135 ? -6.244  0.788   -8.092  1.00 23.19  0  136 ILE A N   1 
ATOM   1093 C  CA  . ILE A 1 135 ? -7.339  -0.152  -7.882  1.00 19.39  0  136 ILE A CA  1 
ATOM   1094 C  C   . ILE A 1 135 ? -7.267  -0.575  -6.423  1.00 17.90  0  136 ILE A C   1 
ATOM   1095 O  O   . ILE A 1 135 ? -6.347  -1.298  -6.027  1.00 17.89  0  136 ILE A O   1 
ATOM   1096 C  CB  . ILE A 1 135 ? -7.244  -1.365  -8.816  1.00 20.49  0  136 ILE A CB  1 
ATOM   1097 C  CG1 . ILE A 1 135 ? -7.213  -0.921  -10.277 1.00 24.10  0  136 ILE A CG1 1 
ATOM   1098 C  CG2 . ILE A 1 135 ? -8.398  -2.327  -8.562  1.00 18.33  0  136 ILE A CG2 1 
ATOM   1099 C  CD1 . ILE A 1 135 ? -6.933  -2.054  -11.238 1.00 25.29  0  136 ILE A CD1 1 
ATOM   1100 N  N   . ILE A 1 136 ? -8.219  -0.117  -5.618  1.00 17.75  0  137 ILE A N   1 
ATOM   1101 C  CA  . ILE A 1 136 ? -8.230  -0.381  -4.184  1.00 20.14  0  137 ILE A CA  1 
ATOM   1102 C  C   . ILE A 1 136 ? -9.192  -1.531  -3.921  1.00 23.43  0  137 ILE A C   1 
ATOM   1103 O  O   . ILE A 1 136 ? -10.371 -1.458  -4.283  1.00 21.80  0  137 ILE A O   1 
ATOM   1104 C  CB  . ILE A 1 136 ? -8.626  0.873   -3.388  1.00 22.64  0  137 ILE A CB  1 
ATOM   1105 C  CG1 . ILE A 1 136 ? -7.706  2.042   -3.754  1.00 15.84  0  137 ILE A CG1 1 
ATOM   1106 C  CG2 . ILE A 1 136 ? -8.570  0.599   -1.898  1.00 18.16  0  137 ILE A CG2 1 
ATOM   1107 C  CD1 . ILE A 1 136 ? -8.058  3.338   -3.056  1.00 17.51  0  137 ILE A CD1 1 
ATOM   1108 N  N   . HIS A 1 137 ? -8.690  -2.593  -3.293  1.00 23.16  0  138 HIS A N   1 
ATOM   1109 C  CA  . HIS A 1 137 ? -9.462  -3.810  -3.080  1.00 21.83  0  138 HIS A CA  1 
ATOM   1110 C  C   . HIS A 1 137 ? -10.169 -3.853  -1.730  1.00 21.83  0  138 HIS A C   1 
ATOM   1111 O  O   . HIS A 1 137 ? -10.834 -4.850  -1.433  1.00 29.32  0  138 HIS A O   1 
ATOM   1112 C  CB  . HIS A 1 137 ? -8.555  -5.040  -3.203  1.00 21.71  0  138 HIS A CB  1 
ATOM   1113 C  CG  . HIS A 1 137 ? -8.002  -5.254  -4.578  1.00 25.28  0  138 HIS A CG  1 
ATOM   1114 N  ND1 . HIS A 1 137 ? -8.111  -6.456  -5.243  1.00 29.83  0  138 HIS A ND1 1 
ATOM   1115 C  CD2 . HIS A 1 137 ? -7.326  -4.425  -5.409  1.00 24.66  0  138 HIS A CD2 1 
ATOM   1116 C  CE1 . HIS A 1 137 ? -7.532  -6.357  -6.426  1.00 24.56  0  138 HIS A CE1 1 
ATOM   1117 N  NE2 . HIS A 1 137 ? -7.048  -5.135  -6.551  1.00 26.16  0  138 HIS A NE2 1 
ATOM   1118 N  N   . SER A 1 138 ? -10.042 -2.814  -0.907  1.00 25.63  0  139 SER A N   1 
ATOM   1119 C  CA  . SER A 1 138 ? -10.631 -2.812  0.424   1.00 26.54  0  139 SER A CA  1 
ATOM   1120 C  C   . SER A 1 138 ? -11.179 -1.424  0.730   1.00 30.86  0  139 SER A C   1 
ATOM   1121 O  O   . SER A 1 138 ? -11.017 -0.480  -0.052  1.00 31.64  0  139 SER A O   1 
ATOM   1122 C  CB  . SER A 1 138 ? -9.609  -3.233  1.488   1.00 28.77  0  139 SER A CB  1 
ATOM   1123 O  OG  . SER A 1 138 ? -8.864  -4.364  1.074   1.00 35.77  0  139 SER A OG  1 
ATOM   1124 N  N   . GLU A 1 139 ? -11.841 -1.310  1.880   1.00 25.33  0  140 GLU A N   1 
ATOM   1125 C  CA  . GLU A 1 139 ? -12.278 -0.015  2.379   1.00 26.34  0  140 GLU A CA  1 
ATOM   1126 C  C   . GLU A 1 139 ? -11.079 0.902   2.574   1.00 22.77  0  140 GLU A C   1 
ATOM   1127 O  O   . GLU A 1 139 ? -9.998  0.460   2.976   1.00 19.33  0  140 GLU A O   1 
ATOM   1128 C  CB  . GLU A 1 139 ? -13.019 -0.184  3.706   1.00 28.74  0  140 GLU A CB  1 
ATOM   1129 C  CG  . GLU A 1 139 ? -14.520 -0.008  3.623   1.00 38.01  0  140 GLU A CG  1 
ATOM   1130 C  CD  . GLU A 1 139 ? -15.189 -0.188  4.971   1.00 46.89  0  140 GLU A CD  1 
ATOM   1131 O  OE1 . GLU A 1 139 ? -14.485 -0.549  5.941   1.00 41.32  0  140 GLU A OE1 1 
ATOM   1132 O  OE2 . GLU A 1 139 ? -16.415 0.028   5.059   1.00 56.86  -1 140 GLU A OE2 1 
ATOM   1133 N  N   . PHE A 1 140 ? -11.271 2.190   2.295   1.00 17.44  0  141 PHE A N   1 
ATOM   1134 C  CA  . PHE A 1 140 ? -10.169 3.133   2.404   1.00 20.79  0  141 PHE A CA  1 
ATOM   1135 C  C   . PHE A 1 140 ? -10.687 4.495   2.839   1.00 19.73  0  141 PHE A C   1 
ATOM   1136 O  O   . PHE A 1 140 ? -11.886 4.779   2.787   1.00 18.53  0  141 PHE A O   1 
ATOM   1137 C  CB  . PHE A 1 140 ? -9.387  3.242   1.087   1.00 16.72  0  141 PHE A CB  1 
ATOM   1138 C  CG  . PHE A 1 140 ? -10.152 3.889   -0.034  1.00 19.16  0  141 PHE A CG  1 
ATOM   1139 C  CD1 . PHE A 1 140 ? -9.994  5.239   -0.313  1.00 18.10  0  141 PHE A CD1 1 
ATOM   1140 C  CD2 . PHE A 1 140 ? -11.010 3.143   -0.826  1.00 19.06  0  141 PHE A CD2 1 
ATOM   1141 C  CE1 . PHE A 1 140 ? -10.687 5.835   -1.350  1.00 16.17  0  141 PHE A CE1 1 
ATOM   1142 C  CE2 . PHE A 1 140 ? -11.708 3.733   -1.865  1.00 17.62  0  141 PHE A CE2 1 
ATOM   1143 C  CZ  . PHE A 1 140 ? -11.545 5.081   -2.128  1.00 19.98  0  141 PHE A CZ  1 
ATOM   1144 N  N   . TYR A 1 141 ? -9.753  5.336   3.276   1.00 22.58  0  142 TYR A N   1 
ATOM   1145 C  CA  . TYR A 1 141 ? -10.046 6.679   3.746   1.00 19.35  0  142 TYR A CA  1 
ATOM   1146 C  C   . TYR A 1 141 ? -9.167  7.670   2.999   1.00 22.10  0  142 TYR A C   1 
ATOM   1147 O  O   . TYR A 1 141 ? -8.183  7.297   2.355   1.00 24.02  0  142 TYR A O   1 
ATOM   1148 C  CB  . TYR A 1 141 ? -9.824  6.808   5.263   1.00 20.30  0  142 TYR A CB  1 
ATOM   1149 C  CG  . TYR A 1 141 ? -10.608 5.801   6.073   1.00 22.85  0  142 TYR A CG  1 
ATOM   1150 C  CD1 . TYR A 1 141 ? -11.835 6.134   6.633   1.00 26.59  0  142 TYR A CD1 1 
ATOM   1151 C  CD2 . TYR A 1 141 ? -10.129 4.512   6.264   1.00 21.71  0  142 TYR A CD2 1 
ATOM   1152 C  CE1 . TYR A 1 141 ? -12.558 5.214   7.366   1.00 29.33  0  142 TYR A CE1 1 
ATOM   1153 C  CE2 . TYR A 1 141 ? -10.845 3.585   6.994   1.00 30.89  0  142 TYR A CE2 1 
ATOM   1154 C  CZ  . TYR A 1 141 ? -12.059 3.940   7.543   1.00 32.15  0  142 TYR A CZ  1 
ATOM   1155 O  OH  . TYR A 1 141 ? -12.776 3.019   8.271   1.00 30.75  0  142 TYR A OH  1 
ATOM   1156 N  N   . ILE A 1 142 ? -9.533  8.945   3.091   1.00 23.70  0  143 ILE A N   1 
ATOM   1157 C  CA  . ILE A 1 142 ? -8.811  10.025  2.429   1.00 23.59  0  143 ILE A CA  1 
ATOM   1158 C  C   . ILE A 1 142 ? -8.463  11.068  3.481   1.00 24.83  0  143 ILE A C   1 
ATOM   1159 O  O   . ILE A 1 142 ? -9.352  11.580  4.170   1.00 28.87  0  143 ILE A O   1 
ATOM   1160 C  CB  . ILE A 1 142 ? -9.630  10.649  1.287   1.00 25.12  0  143 ILE A CB  1 
ATOM   1161 C  CG1 . ILE A 1 142 ? -9.955  9.586   0.233   1.00 24.37  0  143 ILE A CG1 1 
ATOM   1162 C  CG2 . ILE A 1 142 ? -8.875  11.811  0.663   1.00 23.34  0  143 ILE A CG2 1 
ATOM   1163 C  CD1 . ILE A 1 142 ? -10.813 10.092  -0.907  1.00 26.35  0  143 ILE A CD1 1 
ATOM   1164 N  N   . ILE A 1 143 ? -7.176  11.371  3.613   1.00 20.11  0  144 ILE A N   1 
ATOM   1165 C  CA  . ILE A 1 143 ? -6.696  12.313  4.620   1.00 21.12  0  144 ILE A CA  1 
ATOM   1166 C  C   . ILE A 1 143 ? -5.822  13.361  3.942   1.00 21.63  0  144 ILE A C   1 
ATOM   1167 O  O   . ILE A 1 143 ? -4.865  13.007  3.236   1.00 20.51  0  144 ILE A O   1 
ATOM   1168 C  CB  . ILE A 1 143 ? -5.924  11.593  5.739   1.00 24.16  0  144 ILE A CB  1 
ATOM   1169 C  CG1 . ILE A 1 143 ? -6.776  10.478  6.350   1.00 25.47  0  144 ILE A CG1 1 
ATOM   1170 C  CG2 . ILE A 1 143 ? -5.492  12.583  6.813   1.00 22.25  0  144 ILE A CG2 1 
ATOM   1171 C  CD1 . ILE A 1 143 ? -6.091  9.731   7.477   1.00 23.45  0  144 ILE A CD1 1 
ATOM   1172 N  N   . PRO A 1 144 ? -6.108  14.649  4.121   1.00 24.55  0  145 PRO A N   1 
ATOM   1173 C  CA  . PRO A 1 144 ? -5.230  15.677  3.555   1.00 20.81  0  145 PRO A CA  1 
ATOM   1174 C  C   . PRO A 1 144 ? -3.842  15.597  4.173   1.00 24.27  0  145 PRO A C   1 
ATOM   1175 O  O   . PRO A 1 144 ? -3.681  15.249  5.345   1.00 19.44  0  145 PRO A O   1 
ATOM   1176 C  CB  . PRO A 1 144 ? -5.932  16.988  3.924   1.00 26.04  0  145 PRO A CB  1 
ATOM   1177 C  CG  . PRO A 1 144 ? -6.749  16.645  5.129   1.00 21.92  0  145 PRO A CG  1 
ATOM   1178 C  CD  . PRO A 1 144 ? -7.203  15.230  4.917   1.00 17.62  0  145 PRO A CD  1 
ATOM   1179 N  N   . ARG A 1 145 ? -2.829  15.921  3.363   1.00 25.91  0  146 ARG A N   1 
ATOM   1180 C  CA  . ARG A 1 145 ? -1.460  15.891  3.863   1.00 30.26  0  146 ARG A CA  1 
ATOM   1181 C  C   . ARG A 1 145 ? -1.239  16.901  4.981   1.00 26.20  0  146 ARG A C   1 
ATOM   1182 O  O   . ARG A 1 145 ? -0.295  16.749  5.760   1.00 27.01  0  146 ARG A O   1 
ATOM   1183 C  CB  . ARG A 1 145 ? -0.463  16.139  2.734   1.00 28.67  0  146 ARG A CB  1 
ATOM   1184 C  CG  . ARG A 1 145 ? 0.892   15.511  3.013   1.00 29.75  0  146 ARG A CG  1 
ATOM   1185 C  CD  . ARG A 1 145 ? 1.941   15.948  2.014   1.00 30.30  0  146 ARG A CD  1 
ATOM   1186 N  NE  . ARG A 1 145 ? 2.295   17.351  2.185   1.00 39.44  0  146 ARG A NE  1 
ATOM   1187 C  CZ  . ARG A 1 145 ? 3.511   17.785  2.494   1.00 39.79  0  146 ARG A CZ  1 
ATOM   1188 N  NH1 . ARG A 1 145 ? 3.731   19.086  2.624   1.00 44.53  1  146 ARG A NH1 1 
ATOM   1189 N  NH2 . ARG A 1 145 ? 4.504   16.926  2.676   1.00 42.87  0  146 ARG A NH2 1 
ATOM   1190 N  N   . SER A 1 146 ? -2.096  17.918  5.077   1.00 25.56  0  147 SER A N   1 
ATOM   1191 C  CA  . SER A 1 146 ? -2.047  18.831  6.212   1.00 30.93  0  147 SER A CA  1 
ATOM   1192 C  C   . SER A 1 146 ? -2.348  18.126  7.527   1.00 33.11  0  147 SER A C   1 
ATOM   1193 O  O   . SER A 1 146 ? -2.037  18.662  8.594   1.00 37.58  0  147 SER A O   1 
ATOM   1194 C  CB  . SER A 1 146 ? -3.033  19.981  5.998   1.00 33.18  0  147 SER A CB  1 
ATOM   1195 O  OG  . SER A 1 146 ? -4.353  19.504  5.798   1.00 33.07  0  147 SER A OG  1 
ATOM   1196 N  N   . GLN A 1 147 ? -2.945  16.939  7.471   1.00 29.43  0  148 GLN A N   1 
ATOM   1197 C  CA  . GLN A 1 147 ? -3.244  16.133  8.647   1.00 30.24  0  148 GLN A CA  1 
ATOM   1198 C  C   . GLN A 1 147 ? -2.494  14.807  8.599   1.00 29.75  0  148 GLN A C   1 
ATOM   1199 O  O   . GLN A 1 147 ? -3.007  13.769  9.019   1.00 30.92  0  148 GLN A O   1 
ATOM   1200 C  CB  . GLN A 1 147 ? -4.748  15.895  8.771   1.00 32.00  0  148 GLN A CB  1 
ATOM   1201 C  CG  . GLN A 1 147 ? -5.579  17.168  8.851   1.00 32.34  0  148 GLN A CG  1 
ATOM   1202 C  CD  . GLN A 1 147 ? -7.073  16.900  8.758   1.00 54.94  0  148 GLN A CD  1 
ATOM   1203 O  OE1 . GLN A 1 147 ? -7.521  15.759  8.895   1.00 54.87  0  148 GLN A OE1 1 
ATOM   1204 N  NE2 . GLN A 1 147 ? -7.849  17.952  8.525   1.00 52.81  0  148 GLN A NE2 1 
ATOM   1205 N  N   . GLU A 1 148 ? -1.255  14.830  8.091   1.00 27.51  0  149 GLU A N   1 
ATOM   1206 C  CA  . GLU A 1 148 ? -0.494  13.592  7.942   1.00 25.85  0  149 GLU A CA  1 
ATOM   1207 C  C   . GLU A 1 148 ? -0.167  12.966  9.293   1.00 24.22  0  149 GLU A C   1 
ATOM   1208 O  O   . GLU A 1 148 ? -0.179  11.736  9.430   1.00 23.20  0  149 GLU A O   1 
ATOM   1209 C  CB  . GLU A 1 148 ? 0.789   13.847  7.151   1.00 21.83  0  149 GLU A CB  1 
ATOM   1210 C  CG  . GLU A 1 148 ? 1.801   12.723  7.282   1.00 24.36  0  149 GLU A CG  1 
ATOM   1211 C  CD  . GLU A 1 148 ? 2.822   12.700  6.168   1.00 30.47  0  149 GLU A CD  1 
ATOM   1212 O  OE1 . GLU A 1 148 ? 2.548   13.265  5.090   1.00 29.09  0  149 GLU A OE1 1 
ATOM   1213 O  OE2 . GLU A 1 148 ? 3.898   12.101  6.370   1.00 33.53  -1 149 GLU A OE2 1 
ATOM   1214 N  N   . SER A 1 149 ? 0.128   13.789  10.305  1.00 27.24  0  150 SER A N   1 
ATOM   1215 C  CA  . SER A 1 149 ? 0.413   13.243  11.628  1.00 30.85  0  150 SER A CA  1 
ATOM   1216 C  C   . SER A 1 149 ? -0.763  12.435  12.163  1.00 31.24  0  150 SER A C   1 
ATOM   1217 O  O   . SER A 1 149 ? -0.570  11.498  12.945  1.00 30.83  0  150 SER A O   1 
ATOM   1218 C  CB  . SER A 1 149 ? 0.777   14.369  12.598  1.00 29.36  0  150 SER A CB  1 
ATOM   1219 O  OG  . SER A 1 149 ? -0.307  15.259  12.778  1.00 37.96  0  150 SER A OG  1 
ATOM   1220 N  N   . LYS A 1 150 ? -1.985  12.774  11.743  1.00 30.56  0  151 LYS A N   1 
ATOM   1221 C  CA  . LYS A 1 150 ? -3.139  11.944  12.070  1.00 29.99  0  151 LYS A CA  1 
ATOM   1222 C  C   . LYS A 1 150 ? -3.119  10.644  11.273  1.00 30.30  0  151 LYS A C   1 
ATOM   1223 O  O   . LYS A 1 150 ? -3.457  9.578   11.802  1.00 28.65  0  151 LYS A O   1 
ATOM   1224 C  CB  . LYS A 1 150 ? -4.428  12.722  11.810  1.00 29.96  0  151 LYS A CB  1 
ATOM   1225 C  CG  . LYS A 1 150 ? -5.674  12.081  12.390  1.00 47.29  0  151 LYS A CG  1 
ATOM   1226 C  CD  . LYS A 1 150 ? -5.572  11.924  13.900  1.00 50.55  0  151 LYS A CD  1 
ATOM   1227 C  CE  . LYS A 1 150 ? -5.501  13.272  14.602  1.00 53.54  0  151 LYS A CE  1 
ATOM   1228 N  NZ  . LYS A 1 150 ? -5.522  13.123  16.086  1.00 53.32  1  151 LYS A NZ  1 
ATOM   1229 N  N   . CYS A 1 151 ? -2.723  10.713  9.998   1.00 29.55  0  152 CYS A N   1 
ATOM   1230 C  CA  . CYS A 1 151 ? -2.562  9.496   9.210   1.00 30.00  0  152 CYS A CA  1 
ATOM   1231 C  C   . CYS A 1 151 ? -1.447  8.628   9.774   1.00 28.89  0  152 CYS A C   1 
ATOM   1232 O  O   . CYS A 1 151 ? -1.586  7.402   9.861   1.00 24.89  0  152 CYS A O   1 
ATOM   1233 C  CB  . CYS A 1 151 ? -2.284  9.849   7.749   1.00 25.91  0  152 CYS A CB  1 
ATOM   1234 S  SG  . CYS A 1 151 ? -2.124  8.424   6.647   1.00 26.31  0  152 CYS A SG  1 
ATOM   1235 N  N   . ASN A 1 152 ? -0.331  9.253   10.164  1.00 27.10  0  153 ASN A N   1 
ATOM   1236 C  CA  . ASN A 1 152 ? 0.749   8.528   10.826  1.00 25.92  0  153 ASN A CA  1 
ATOM   1237 C  C   . ASN A 1 152 ? 0.244   7.821   12.079  1.00 25.52  0  153 ASN A C   1 
ATOM   1238 O  O   . ASN A 1 152 ? 0.582   6.657   12.323  1.00 21.88  0  153 ASN A O   1 
ATOM   1239 C  CB  . ASN A 1 152 ? 1.884   9.499   11.169  1.00 25.76  0  153 ASN A CB  1 
ATOM   1240 C  CG  . ASN A 1 152 ? 3.145   8.795   11.655  1.00 28.40  0  153 ASN A CG  1 
ATOM   1241 O  OD1 . ASN A 1 152 ? 3.102   7.955   12.554  1.00 30.74  0  153 ASN A OD1 1 
ATOM   1242 N  ND2 . ASN A 1 152 ? 4.280   9.147   11.061  1.00 32.44  0  153 ASN A ND2 1 
ATOM   1243 N  N   . GLU A 1 153 ? -0.575  8.508   12.879  1.00 25.44  0  154 GLU A N   1 
ATOM   1244 C  CA  . GLU A 1 153 ? -1.096  7.899   14.099  1.00 30.60  0  154 GLU A CA  1 
ATOM   1245 C  C   . GLU A 1 153 ? -2.001  6.714   13.782  1.00 30.03  0  154 GLU A C   1 
ATOM   1246 O  O   . GLU A 1 153 ? -1.988  5.706   14.500  1.00 29.51  0  154 GLU A O   1 
ATOM   1247 C  CB  . GLU A 1 153 ? -1.846  8.942   14.927  1.00 28.72  0  154 GLU A CB  1 
ATOM   1248 C  CG  . GLU A 1 153 ? -2.171  8.487   16.340  1.00 42.38  0  154 GLU A CG  1 
ATOM   1249 C  CD  . GLU A 1 153 ? -3.193  9.377   17.024  1.00 53.98  0  154 GLU A CD  1 
ATOM   1250 O  OE1 . GLU A 1 153 ? -3.686  10.327  16.379  1.00 48.28  0  154 GLU A OE1 1 
ATOM   1251 O  OE2 . GLU A 1 153 ? -3.502  9.126   18.207  1.00 54.15  -1 154 GLU A OE2 1 
ATOM   1252 N  N   . TYR A 1 154 ? -2.791  6.812   12.710  1.00 27.55  0  155 TYR A N   1 
ATOM   1253 C  CA  . TYR A 1 154 ? -3.653  5.697   12.330  1.00 23.91  0  155 TYR A CA  1 
ATOM   1254 C  C   . TYR A 1 154 ? -2.834  4.516   11.825  1.00 25.52  0  155 TYR A C   1 
ATOM   1255 O  O   . TYR A 1 154 ? -3.093  3.368   12.204  1.00 26.02  0  155 TYR A O   1 
ATOM   1256 C  CB  . TYR A 1 154 ? -4.658  6.140   11.267  1.00 24.91  0  155 TYR A CB  1 
ATOM   1257 C  CG  . TYR A 1 154 ? -5.631  7.201   11.735  1.00 30.89  0  155 TYR A CG  1 
ATOM   1258 C  CD1 . TYR A 1 154 ? -5.987  7.303   13.074  1.00 34.45  0  155 TYR A CD1 1 
ATOM   1259 C  CD2 . TYR A 1 154 ? -6.194  8.099   10.836  1.00 29.66  0  155 TYR A CD2 1 
ATOM   1260 C  CE1 . TYR A 1 154 ? -6.875  8.272   13.504  1.00 37.03  0  155 TYR A CE1 1 
ATOM   1261 C  CE2 . TYR A 1 154 ? -7.084  9.068   11.257  1.00 32.45  0  155 TYR A CE2 1 
ATOM   1262 C  CZ  . TYR A 1 154 ? -7.421  9.150   12.592  1.00 41.01  0  155 TYR A CZ  1 
ATOM   1263 O  OH  . TYR A 1 154 ? -8.304  10.115  13.019  1.00 41.96  0  155 TYR A OH  1 
ATOM   1264 N  N   . ILE A 1 155 ? -1.842  4.780   10.970  1.00 25.46  0  156 ILE A N   1 
ATOM   1265 C  CA  . ILE A 1 155 ? -1.014  3.708   10.423  1.00 20.91  0  156 ILE A CA  1 
ATOM   1266 C  C   . ILE A 1 155 ? -0.371  2.904   11.544  1.00 25.33  0  156 ILE A C   1 
ATOM   1267 O  O   . ILE A 1 155 ? -0.335  1.667   11.502  1.00 21.63  0  156 ILE A O   1 
ATOM   1268 C  CB  . ILE A 1 155 ? 0.047   4.293   9.471   1.00 24.60  0  156 ILE A CB  1 
ATOM   1269 C  CG1 . ILE A 1 155 ? -0.589  4.690   8.133   1.00 23.94  0  156 ILE A CG1 1 
ATOM   1270 C  CG2 . ILE A 1 155 ? 1.198   3.308   9.268   1.00 19.60  0  156 ILE A CG2 1 
ATOM   1271 C  CD1 . ILE A 1 155 ? -0.624  3.571   7.108   1.00 18.46  0  156 ILE A CD1 1 
ATOM   1272 N  N   . ASN A 1 156 ? 0.121   3.588   12.575  1.00 22.83  0  157 ASN A N   1 
ATOM   1273 C  CA  . ASN A 1 156 ? 0.909   2.947   13.619  1.00 26.74  0  157 ASN A CA  1 
ATOM   1274 C  C   . ASN A 1 156 ? 0.073   2.423   14.779  1.00 26.33  0  157 ASN A C   1 
ATOM   1275 O  O   . ASN A 1 156 ? 0.470   1.441   15.416  1.00 26.47  0  157 ASN A O   1 
ATOM   1276 C  CB  . ASN A 1 156 ? 1.960   3.927   14.148  1.00 25.14  0  157 ASN A CB  1 
ATOM   1277 C  CG  . ASN A 1 156 ? 3.158   4.039   13.230  1.00 28.34  0  157 ASN A CG  1 
ATOM   1278 O  OD1 . ASN A 1 156 ? 3.772   3.035   12.871  1.00 26.32  0  157 ASN A OD1 1 
ATOM   1279 N  ND2 . ASN A 1 156 ? 3.493   5.265   12.836  1.00 26.76  0  157 ASN A ND2 1 
ATOM   1280 N  N   . ASN A 1 157 ? -1.072  3.046   15.070  1.00 25.87  0  158 ASN A N   1 
ATOM   1281 C  CA  . ASN A 1 157 ? -1.876  2.669   16.224  1.00 28.77  0  158 ASN A CA  1 
ATOM   1282 C  C   . ASN A 1 157 ? -3.308  2.271   15.892  1.00 33.15  0  158 ASN A C   1 
ATOM   1283 O  O   . ASN A 1 157 ? -4.031  1.841   16.796  1.00 35.79  0  158 ASN A O   1 
ATOM   1284 C  CB  . ASN A 1 157 ? -1.907  3.813   17.251  1.00 27.64  0  158 ASN A CB  1 
ATOM   1285 C  CG  . ASN A 1 157 ? -0.519  4.291   17.632  1.00 33.07  0  158 ASN A CG  1 
ATOM   1286 O  OD1 . ASN A 1 157 ? 0.240   3.575   18.285  1.00 35.11  0  158 ASN A OD1 1 
ATOM   1287 N  ND2 . ASN A 1 157 ? -0.179  5.508   17.224  1.00 34.30  0  158 ASN A ND2 1 
ATOM   1288 N  N   . GLY A 1 158 ? -3.739  2.397   14.639  1.00 27.76  0  159 GLY A N   1 
ATOM   1289 C  CA  . GLY A 1 158 ? -5.077  2.005   14.251  1.00 22.99  0  159 GLY A CA  1 
ATOM   1290 C  C   . GLY A 1 158 ? -6.098  3.115   14.437  1.00 26.63  0  159 GLY A C   1 
ATOM   1291 O  O   . GLY A 1 158 ? -5.840  4.158   15.043  1.00 30.43  0  159 GLY A O   1 
ATOM   1292 N  N   . LEU A 1 159 ? -7.291  2.872   13.898  1.00 25.13  0  160 LEU A N   1 
ATOM   1293 C  CA  . LEU A 1 159 ? -8.393  3.824   13.987  1.00 31.51  0  160 LEU A CA  1 
ATOM   1294 C  C   . LEU A 1 159 ? -9.054  3.693   15.352  1.00 30.40  0  160 LEU A C   1 
ATOM   1295 O  O   . LEU A 1 159 ? -9.682  2.672   15.650  1.00 37.56  0  160 LEU A O   1 
ATOM   1296 C  CB  . LEU A 1 159 ? -9.406  3.580   12.873  1.00 32.51  0  160 LEU A CB  1 
ATOM   1297 C  CG  . LEU A 1 159 ? -8.906  3.680   11.434  1.00 32.41  0  160 LEU A CG  1 
ATOM   1298 C  CD1 . LEU A 1 159 ? -10.003 3.263   10.467  1.00 32.38  0  160 LEU A CD1 1 
ATOM   1299 C  CD2 . LEU A 1 159 ? -8.433  5.091   11.138  1.00 32.28  0  160 LEU A CD2 1 
ATOM   1300 N  N   . LEU A 1 160 ? -8.922  4.723   16.182  1.00 30.69  0  161 LEU A N   1 
ATOM   1301 C  CA  . LEU A 1 160 ? -9.509  4.728   17.517  1.00 36.34  0  161 LEU A CA  1 
ATOM   1302 C  C   . LEU A 1 160 ? -10.275 6.026   17.717  1.00 40.11  0  161 LEU A C   1 
ATOM   1303 O  O   . LEU A 1 160 ? -9.711  7.112   17.554  1.00 48.19  0  161 LEU A O   1 
ATOM   1304 C  CB  . LEU A 1 160 ? -8.433  4.573   18.595  1.00 34.13  0  161 LEU A CB  1 
ATOM   1305 C  CG  . LEU A 1 160 ? -7.437  3.422   18.439  1.00 32.13  0  161 LEU A CG  1 
ATOM   1306 C  CD1 . LEU A 1 160 ? -6.354  3.508   19.503  1.00 39.45  0  161 LEU A CD1 1 
ATOM   1307 C  CD2 . LEU A 1 160 ? -8.153  2.083   18.508  1.00 30.58  0  161 LEU A CD2 1 
ATOM   1308 N  N   . GLU A 1 161 ? -11.558 5.912   18.062  1.00 48.41  0  162 GLU A N   1 
ATOM   1309 C  CA  . GLU A 1 161 ? -12.322 7.080   18.480  1.00 55.60  0  162 GLU A CA  1 
ATOM   1310 C  C   . GLU A 1 161 ? -12.171 7.338   19.972  1.00 59.10  0  162 GLU A C   1 
ATOM   1311 O  O   . GLU A 1 161 ? -12.001 8.488   20.390  1.00 70.44  0  162 GLU A O   1 
ATOM   1312 C  CB  . GLU A 1 161 ? -13.804 6.916   18.130  1.00 58.36  0  162 GLU A CB  1 
ATOM   1313 C  CG  . GLU A 1 161 ? -14.186 5.566   17.548  1.00 51.56  0  162 GLU A CG  1 
ATOM   1314 C  CD  . GLU A 1 161 ? -15.690 5.362   17.506  1.00 56.66  0  162 GLU A CD  1 
ATOM   1315 O  OE1 . GLU A 1 161 ? -16.335 5.461   18.571  1.00 54.88  0  162 GLU A OE1 1 
ATOM   1316 O  OE2 . GLU A 1 161 ? -16.230 5.108   16.407  1.00 55.23  -1 162 GLU A OE2 1 
ATOM   1317 N  N   . HIS A 1 162 ? -12.226 6.285   20.781  1.00 55.24  0  163 HIS A N   1 
ATOM   1318 C  CA  . HIS A 1 162 ? -11.976 6.388   22.209  1.00 56.84  0  163 HIS A CA  1 
ATOM   1319 C  C   . HIS A 1 162 ? -10.484 6.244   22.482  1.00 61.19  0  163 HIS A C   1 
ATOM   1320 O  O   . HIS A 1 162 ? -9.760  5.562   21.752  1.00 56.71  0  163 HIS A O   1 
ATOM   1321 C  CB  . HIS A 1 162 ? -12.764 5.323   22.973  1.00 45.46  0  163 HIS A CB  1 
ATOM   1322 C  CG  . HIS A 1 162 ? -14.243 5.388   22.742  1.00 46.83  0  163 HIS A CG  1 
ATOM   1323 N  ND1 . HIS A 1 162 ? -15.104 6.026   23.608  1.00 45.85  0  163 HIS A ND1 1 
ATOM   1324 C  CD2 . HIS A 1 162 ? -15.011 4.900   21.739  1.00 43.06  0  163 HIS A CD2 1 
ATOM   1325 C  CE1 . HIS A 1 162 ? -16.339 5.927   23.151  1.00 44.26  0  163 HIS A CE1 1 
ATOM   1326 N  NE2 . HIS A 1 162 ? -16.311 5.247   22.018  1.00 46.46  0  163 HIS A NE2 1 
ATOM   1327 N  N   . HIS A 1 163 ? -10.030 6.896   23.546  1.00 83.46  0  164 HIS A N   1 
ATOM   1328 C  CA  . HIS A 1 163 ? -8.601  6.988   23.829  1.00 86.79  0  164 HIS A CA  1 
ATOM   1329 C  C   . HIS A 1 163 ? -8.073  5.758   24.559  1.00 75.74  0  164 HIS A C   1 
ATOM   1330 O  O   . HIS A 1 163 ? -7.085  5.154   24.136  1.00 76.12  0  164 HIS A O   1 
ATOM   1331 C  CB  . HIS A 1 163 ? -8.312  8.249   24.641  1.00 94.99  0  164 HIS A CB  1 
ATOM   1332 C  CG  . HIS A 1 163 ? -8.407  9.511   23.841  1.00 103.99 0  164 HIS A CG  1 
ATOM   1333 N  ND1 . HIS A 1 163 ? -7.663  9.726   22.700  1.00 104.34 0  164 HIS A ND1 1 
ATOM   1334 C  CD2 . HIS A 1 163 ? -9.168  10.618  24.007  1.00 110.20 0  164 HIS A CD2 1 
ATOM   1335 C  CE1 . HIS A 1 163 ? -7.956  10.915  22.204  1.00 110.70 0  164 HIS A CE1 1 
ATOM   1336 N  NE2 . HIS A 1 163 ? -8.867  11.477  22.978  1.00 112.87 0  164 HIS A NE2 1 
HETATM 1337 C  C1  . GAL B 2 .   ? 12.071  16.109  0.807   1.00 90.83  0  1   GAL B C1  1 
HETATM 1338 C  C2  . GAL B 2 .   ? 11.291  16.090  2.122   1.00 94.47  0  1   GAL B C2  1 
HETATM 1339 C  C3  . GAL B 2 .   ? 9.795   15.884  1.874   1.00 90.27  0  1   GAL B C3  1 
HETATM 1340 C  C4  . GAL B 2 .   ? 9.261   16.909  0.844   1.00 90.64  0  1   GAL B C4  1 
HETATM 1341 C  C5  . GAL B 2 .   ? 10.215  17.039  -0.365  1.00 94.89  0  1   GAL B C5  1 
HETATM 1342 C  C6  . GAL B 2 .   ? 9.932   18.243  -1.261  1.00 94.97  0  1   GAL B C6  1 
HETATM 1343 O  O2  . GAL B 2 .   ? 11.726  15.044  2.980   1.00 88.91  0  1   GAL B O2  1 
HETATM 1344 O  O3  . GAL B 2 .   ? 9.067   16.104  3.079   1.00 86.22  0  1   GAL B O3  1 
HETATM 1345 O  O4  . GAL B 2 .   ? 9.079   18.171  1.460   1.00 90.67  0  1   GAL B O4  1 
HETATM 1346 O  O5  . GAL B 2 .   ? 11.596  17.175  0.020   1.00 94.56  0  1   GAL B O5  1 
HETATM 1347 O  O6  . GAL B 2 .   ? 8.913   17.956  -2.201  1.00 89.51  0  1   GAL B O6  1 
HETATM 1348 C  C1  . NAG B 2 .   ? 8.472   14.886  3.568   1.00 65.15  0  2   NAG B C1  1 
HETATM 1349 C  C2  . NAG B 2 .   ? 8.308   15.032  5.082   1.00 66.25  0  2   NAG B C2  1 
HETATM 1350 C  C3  . NAG B 2 .   ? 7.580   13.820  5.675   1.00 64.66  0  2   NAG B C3  1 
HETATM 1351 C  C4  . NAG B 2 .   ? 6.334   13.465  4.873   1.00 51.44  0  2   NAG B C4  1 
HETATM 1352 C  C5  . NAG B 2 .   ? 6.611   13.436  3.374   1.00 50.34  0  2   NAG B C5  1 
HETATM 1353 C  C6  . NAG B 2 .   ? 5.351   13.290  2.555   1.00 40.31  0  2   NAG B C6  1 
HETATM 1354 C  C7  . NAG B 2 .   ? 9.997   16.363  6.273   1.00 75.91  0  2   NAG B C7  1 
HETATM 1355 C  C8  . NAG B 2 .   ? 11.365  16.363  6.885   1.00 73.38  0  2   NAG B C8  1 
HETATM 1356 N  N2  . NAG B 2 .   ? 9.602   15.210  5.722   1.00 73.59  0  2   NAG B N2  1 
HETATM 1357 O  O3  . NAG B 2 .   ? 7.159   14.162  6.991   1.00 60.14  0  2   NAG B O3  1 
HETATM 1358 O  O4  . NAG B 2 .   ? 5.859   12.185  5.273   1.00 44.20  0  2   NAG B O4  1 
HETATM 1359 O  O5  . NAG B 2 .   ? 7.216   14.670  2.973   1.00 55.41  0  2   NAG B O5  1 
HETATM 1360 O  O6  . NAG B 2 .   ? 4.271   13.996  3.150   1.00 33.13  0  2   NAG B O6  1 
HETATM 1361 O  O7  . NAG B 2 .   ? 9.282   17.360  6.278   1.00 70.82  0  2   NAG B O7  1 
HETATM 1362 C  C1  . GAL B 2 .   ? 7.865   13.468  8.037   1.00 66.46  0  3   GAL B C1  1 
HETATM 1363 C  C2  . GAL B 2 .   ? 7.416   14.113  9.359   1.00 76.68  0  3   GAL B C2  1 
HETATM 1364 C  C3  . GAL B 2 .   ? 8.143   13.478  10.553  1.00 75.79  0  3   GAL B C3  1 
HETATM 1365 C  C4  . GAL B 2 .   ? 7.966   11.945  10.546  1.00 73.44  0  3   GAL B C4  1 
HETATM 1366 C  C5  . GAL B 2 .   ? 8.260   11.366  9.147   1.00 64.73  0  3   GAL B C5  1 
HETATM 1367 C  C6  . GAL B 2 .   ? 7.851   9.900   8.986   1.00 51.98  0  3   GAL B C6  1 
HETATM 1368 O  O2  . GAL B 2 .   ? 7.683   15.519  9.360   1.00 79.87  0  3   GAL B O2  1 
HETATM 1369 O  O3  . GAL B 2 .   ? 7.620   13.946  11.794  1.00 71.16  0  3   GAL B O3  1 
HETATM 1370 O  O4  . GAL B 2 .   ? 6.653   11.589  10.965  1.00 66.76  0  3   GAL B O4  1 
HETATM 1371 O  O5  . GAL B 2 .   ? 7.581   12.079  8.082   1.00 61.52  0  3   GAL B O5  1 
HETATM 1372 O  O6  . GAL B 2 .   ? 8.648   9.249   8.011   1.00 43.37  0  3   GAL B O6  1 
HETATM 1373 C  C1  . FUC B 2 .   ? 6.578   16.262  9.929   1.00 72.60  0  4   FUC B C1  1 
HETATM 1374 C  C2  . FUC B 2 .   ? 7.057   17.727  10.111  1.00 80.28  0  4   FUC B C2  1 
HETATM 1375 C  C3  . FUC B 2 .   ? 7.212   18.424  8.755   1.00 78.20  0  4   FUC B C3  1 
HETATM 1376 C  C4  . FUC B 2 .   ? 5.892   18.362  7.974   1.00 78.45  0  4   FUC B C4  1 
HETATM 1377 C  C5  . FUC B 2 .   ? 5.429   16.901  7.839   1.00 73.71  0  4   FUC B C5  1 
HETATM 1378 C  C6  . FUC B 2 .   ? 4.026   16.778  7.258   1.00 61.00  0  4   FUC B C6  1 
HETATM 1379 O  O2  . FUC B 2 .   ? 8.263   17.806  10.861  1.00 71.48  0  4   FUC B O2  1 
HETATM 1380 O  O3  . FUC B 2 .   ? 7.545   19.798  8.942   1.00 70.84  0  4   FUC B O3  1 
HETATM 1381 O  O4  . FUC B 2 .   ? 4.896   19.132  8.633   1.00 76.12  0  4   FUC B O4  1 
HETATM 1382 O  O5  . FUC B 2 .   ? 5.403   16.201  9.113   1.00 69.80  0  4   FUC B O5  1 
HETATM 1383 NA NA  . NA  C 3 .   ? 13.817  2.934   -2.039  1.00 24.73  0  205 NA  A NA  1 
HETATM 1384 O  O   . HOH D 4 .   ? 12.322  13.237  2.241   1.00 59.44  0  301 HOH A O   1 
HETATM 1385 O  O   . HOH D 4 .   ? -3.895  -15.431 -9.844  1.00 54.79  0  302 HOH A O   1 
HETATM 1386 O  O   . HOH D 4 .   ? 10.062  -15.724 0.685   1.00 60.56  0  303 HOH A O   1 
HETATM 1387 O  O   . HOH D 4 .   ? 0.242   -5.334  -17.116 1.00 47.56  0  304 HOH A O   1 
HETATM 1388 O  O   . HOH D 4 .   ? 0.710   -0.323  -18.196 1.00 44.80  0  305 HOH A O   1 
HETATM 1389 O  O   . HOH D 4 .   ? 2.254   -17.294 -12.886 1.00 47.56  0  306 HOH A O   1 
HETATM 1390 O  O   . HOH D 4 .   ? 6.960   -8.082  -14.519 1.00 32.18  0  307 HOH A O   1 
HETATM 1391 O  O   . HOH D 4 .   ? -7.835  0.561   13.108  1.00 50.59  0  308 HOH A O   1 
HETATM 1392 O  O   . HOH D 4 .   ? -7.902  12.926  -8.812  1.00 42.93  0  309 HOH A O   1 
HETATM 1393 O  O   . HOH D 4 .   ? -12.437 9.365   -15.968 1.00 32.56  0  310 HOH A O   1 
HETATM 1394 O  O   . HOH D 4 .   ? -4.961  6.088   16.492  1.00 39.38  0  311 HOH A O   1 
HETATM 1395 O  O   . HOH D 4 .   ? 1.225   19.649  1.757   1.00 47.27  0  312 HOH A O   1 
HETATM 1396 O  O   . HOH D 4 .   ? -1.148  -13.667 0.663   1.00 29.25  0  313 HOH A O   1 
HETATM 1397 O  O   . HOH D 4 .   ? 6.786   5.201   -2.160  1.00 34.77  0  314 HOH A O   1 
HETATM 1398 O  O   . HOH D 4 .   ? 13.245  1.668   -15.426 1.00 43.26  0  315 HOH A O   1 
HETATM 1399 O  O   . HOH D 4 .   ? 0.135   -0.099  9.340   1.00 20.07  0  316 HOH A O   1 
HETATM 1400 O  O   . HOH D 4 .   ? -6.879  -8.084  -0.574  1.00 30.34  0  317 HOH A O   1 
HETATM 1401 O  O   . HOH D 4 .   ? -0.237  -0.492  17.089  1.00 36.16  0  318 HOH A O   1 
HETATM 1402 O  O   . HOH D 4 .   ? 4.778   11.143  8.682   1.00 32.18  0  319 HOH A O   1 
HETATM 1403 O  O   . HOH D 4 .   ? -6.355  -9.046  -7.863  1.00 32.29  0  320 HOH A O   1 
HETATM 1404 O  O   . HOH D 4 .   ? 8.010   -2.424  20.797  1.00 55.44  0  321 HOH A O   1 
HETATM 1405 O  O   . HOH D 4 .   ? 2.598   0.563   1.005   1.00 38.13  0  322 HOH A O   1 
HETATM 1406 O  O   . HOH D 4 .   ? -2.496  11.146  -3.308  1.00 21.08  0  323 HOH A O   1 
HETATM 1407 O  O   . HOH D 4 .   ? 11.234  13.124  6.303   1.00 58.63  0  324 HOH A O   1 
HETATM 1408 O  O   . HOH D 4 .   ? -7.281  -9.197  7.716   1.00 32.08  0  325 HOH A O   1 
HETATM 1409 O  O   . HOH D 4 .   ? 6.706   7.599   12.258  1.00 48.55  0  326 HOH A O   1 
HETATM 1410 O  O   . HOH D 4 .   ? 5.722   -0.513  2.807   1.00 22.15  0  327 HOH A O   1 
HETATM 1411 O  O   . HOH D 4 .   ? 12.946  -5.138  -11.724 1.00 33.19  0  328 HOH A O   1 
HETATM 1412 O  O   . HOH D 4 .   ? -17.406 12.100  1.072   1.00 41.31  0  329 HOH A O   1 
HETATM 1413 O  O   . HOH D 4 .   ? 12.098  -10.645 -7.835  1.00 38.96  0  330 HOH A O   1 
HETATM 1414 O  O   . HOH D 4 .   ? -6.932  -6.497  1.492   1.00 33.85  0  331 HOH A O   1 
HETATM 1415 O  O   . HOH D 4 .   ? 2.144   1.964   3.362   1.00 21.74  0  332 HOH A O   1 
HETATM 1416 O  O   . HOH D 4 .   ? 10.253  2.770   -17.551 1.00 48.97  0  333 HOH A O   1 
HETATM 1417 O  O   . HOH D 4 .   ? 3.583   -21.245 3.910   1.00 38.49  0  334 HOH A O   1 
HETATM 1418 O  O   . HOH D 4 .   ? 6.851   8.345   -16.897 1.00 31.68  0  335 HOH A O   1 
HETATM 1419 O  O   . HOH D 4 .   ? -3.271  13.168  -10.521 1.00 27.98  0  336 HOH A O   1 
HETATM 1420 O  O   . HOH D 4 .   ? -17.017 -2.085  -4.710  1.00 31.11  0  337 HOH A O   1 
HETATM 1421 O  O   . HOH D 4 .   ? 10.798  4.429   -8.360  1.00 31.56  0  338 HOH A O   1 
HETATM 1422 O  O   . HOH D 4 .   ? 7.043   0.015   -4.387  1.00 38.02  0  339 HOH A O   1 
HETATM 1423 O  O   . HOH D 4 .   ? -5.052  16.439  -7.759  1.00 31.10  0  340 HOH A O   1 
HETATM 1424 O  O   . HOH D 4 .   ? 14.218  -2.855  -2.125  1.00 35.01  0  341 HOH A O   1 
HETATM 1425 O  O   . HOH D 4 .   ? -9.832  -7.320  -0.227  1.00 44.27  0  342 HOH A O   1 
HETATM 1426 O  O   . HOH D 4 .   ? 3.969   0.555   -20.636 1.00 49.46  0  343 HOH A O   1 
HETATM 1427 O  O   . HOH D 4 .   ? -5.020  18.088  -5.601  1.00 28.93  0  344 HOH A O   1 
HETATM 1428 O  O   . HOH D 4 .   ? 2.001   -2.020  16.726  1.00 44.80  0  345 HOH A O   1 
HETATM 1429 O  O   . HOH D 4 .   ? -5.145  -7.879  6.319   1.00 28.78  0  346 HOH A O   1 
HETATM 1430 O  O   . HOH D 4 .   ? -8.660  -8.958  -3.759  1.00 41.33  0  347 HOH A O   1 
HETATM 1431 O  O   . HOH D 4 .   ? 12.123  -2.425  -11.978 1.00 22.26  0  348 HOH A O   1 
HETATM 1432 O  O   . HOH D 4 .   ? -13.026 -6.061  0.201   1.00 29.04  0  349 HOH A O   1 
HETATM 1433 O  O   . HOH D 4 .   ? 1.856   11.407  14.694  1.00 41.95  0  350 HOH A O   1 
HETATM 1434 O  O   . HOH D 4 .   ? 6.133   10.765  13.795  1.00 58.87  0  351 HOH A O   1 
HETATM 1435 O  O   . HOH D 4 .   ? 8.892   -4.221  7.651   1.00 48.38  0  352 HOH A O   1 
HETATM 1436 O  O   . HOH D 4 .   ? 11.323  -5.254  2.124   1.00 49.36  0  353 HOH A O   1 
HETATM 1437 O  O   . HOH D 4 .   ? 0.531   -20.945 3.787   1.00 49.92  0  354 HOH A O   1 
HETATM 1438 O  O   . HOH D 4 .   ? -4.655  11.591  -15.578 1.00 40.89  0  355 HOH A O   1 
HETATM 1439 O  O   . HOH D 4 .   ? -0.494  -2.239  -16.219 1.00 26.71  0  356 HOH A O   1 
HETATM 1440 O  O   . HOH D 4 .   ? 5.678   -14.689 -11.871 1.00 32.94  0  357 HOH A O   1 
HETATM 1441 O  O   . HOH D 4 .   ? -2.172  8.089   -3.473  1.00 26.89  0  358 HOH A O   1 
HETATM 1442 O  O   . HOH D 4 .   ? 6.622   -0.082  -19.709 1.00 32.35  0  359 HOH A O   1 
HETATM 1443 O  O   . HOH D 4 .   ? 2.641   18.449  -4.923  1.00 32.52  0  360 HOH A O   1 
HETATM 1444 O  O   . HOH D 4 .   ? 11.253  4.447   13.384  1.00 44.75  0  361 HOH A O   1 
HETATM 1445 O  O   . HOH D 4 .   ? 3.700   14.728  -13.235 1.00 42.25  0  362 HOH A O   1 
HETATM 1446 O  O   . HOH D 4 .   ? -0.584  -20.786 0.229   1.00 45.28  0  363 HOH A O   1 
HETATM 1447 O  O   . HOH D 4 .   ? 5.398   2.752   -3.549  1.00 43.60  0  364 HOH A O   1 
HETATM 1448 O  O   . HOH D 4 .   ? -5.256  4.141   -15.720 1.00 38.51  0  365 HOH A O   1 
HETATM 1449 O  O   . HOH D 4 .   ? 5.424   21.240  4.086   1.00 36.43  0  366 HOH A O   1 
HETATM 1450 O  O   . HOH D 4 .   ? -0.945  -13.823 -17.113 1.00 31.81  0  367 HOH A O   1 
HETATM 1451 O  O   . HOH D 4 .   ? 0.113   16.966  10.125  1.00 36.67  0  368 HOH A O   1 
HETATM 1452 O  O   . HOH D 4 .   ? 12.249  2.478   1.667   1.00 41.72  0  369 HOH A O   1 
HETATM 1453 O  O   . HOH D 4 .   ? 14.648  -0.379  -3.979  1.00 38.59  0  370 HOH A O   1 
HETATM 1454 O  O   . HOH D 4 .   ? 10.004  -7.806  6.124   1.00 52.08  0  371 HOH A O   1 
HETATM 1455 O  O   . HOH D 4 .   ? -2.441  -10.842 -18.971 1.00 42.84  0  372 HOH A O   1 
HETATM 1456 O  O   . HOH D 4 .   ? -5.575  -12.250 -6.677  1.00 31.90  0  373 HOH A O   1 
HETATM 1457 O  O   . HOH D 4 .   ? 3.520   -1.582  2.484   1.00 43.32  0  374 HOH A O   1 
HETATM 1458 O  O   . HOH D 4 .   ? 3.360   17.432  -7.319  1.00 41.82  0  375 HOH A O   1 
HETATM 1459 O  O   . HOH D 4 .   ? -5.526  -14.924 -7.176  1.00 52.26  0  376 HOH A O   1 
HETATM 1460 O  O   . HOH D 4 .   ? 0.696   19.731  -3.254  1.00 47.50  0  377 HOH A O   1 
HETATM 1461 O  O   . HOH D 4 .   ? -5.050  -12.272 -4.687  1.00 50.86  0  378 HOH A O   1 
HETATM 1462 O  O   . HOH D 4 .   ? 4.603   22.166  5.681   1.00 66.86  0  379 HOH A O   1 
HETATM 1463 O  O   . HOH D 4 .   ? -17.617 14.939  1.617   1.00 35.74  0  380 HOH A O   1 
# 
loop_
_pdbx_poly_seq_scheme.asym_id 
_pdbx_poly_seq_scheme.entity_id 
_pdbx_poly_seq_scheme.seq_id 
_pdbx_poly_seq_scheme.mon_id 
_pdbx_poly_seq_scheme.ndb_seq_num 
_pdbx_poly_seq_scheme.pdb_seq_num 
_pdbx_poly_seq_scheme.auth_seq_num 
_pdbx_poly_seq_scheme.pdb_mon_id 
_pdbx_poly_seq_scheme.auth_mon_id 
_pdbx_poly_seq_scheme.pdb_strand_id 
_pdbx_poly_seq_scheme.pdb_ins_code 
_pdbx_poly_seq_scheme.hetero 
A 1 1   LEU 1   2   2   LEU LEU A . n 
A 1 2   ASP 2   3   3   ASP ASP A . n 
A 1 3   GLY 3   4   4   GLY GLY A . n 
A 1 4   PRO 4   5   5   PRO PRO A . n 
A 1 5   TYR 5   6   6   TYR TYR A . n 
A 1 6   GLN 6   7   7   GLN GLN A . n 
A 1 7   PRO 7   8   8   PRO PRO A . n 
A 1 8   THR 8   9   9   THR THR A . n 
A 1 9   THR 9   10  10  THR THR A . n 
A 1 10  PHE 10  11  11  PHE PHE A . n 
A 1 11  THR 11  12  12  THR THR A . n 
A 1 12  PRO 12  13  13  PRO PRO A . n 
A 1 13  PRO 13  14  14  PRO PRO A . n 
A 1 14  ILE 14  15  15  ILE ILE A . n 
A 1 15  ASP 15  16  16  ASP ASP A . n 
A 1 16  TYR 16  17  17  TYR TYR A . n 
A 1 17  TRP 17  18  18  TRP TRP A . n 
A 1 18  ILE 18  19  19  ILE ILE A . n 
A 1 19  LEU 19  20  20  LEU LEU A . n 
A 1 20  ILE 20  21  21  ILE ILE A . n 
A 1 21  ASN 21  22  22  ASN ASN A . n 
A 1 22  SER 22  23  23  SER SER A . n 
A 1 23  ASN 23  24  24  ASN ASN A . n 
A 1 24  THR 24  25  25  THR THR A . n 
A 1 25  ASN 25  26  26  ASN ASN A . n 
A 1 26  GLY 26  27  27  GLY GLY A . n 
A 1 27  VAL 27  28  28  VAL VAL A . n 
A 1 28  VAL 28  29  29  VAL VAL A . n 
A 1 29  TYR 29  30  30  TYR TYR A . n 
A 1 30  GLU 30  31  31  GLU GLU A . n 
A 1 31  SER 31  32  32  SER SER A . n 
A 1 32  THR 32  33  33  THR THR A . n 
A 1 33  ASN 33  34  34  ASN ASN A . n 
A 1 34  ASN 34  35  35  ASN ASN A . n 
A 1 35  SER 35  36  36  SER SER A . n 
A 1 36  ASP 36  37  37  ASP ASP A . n 
A 1 37  PHE 37  38  38  PHE PHE A . n 
A 1 38  TRP 38  39  39  TRP TRP A . n 
A 1 39  THR 39  40  40  THR THR A . n 
A 1 40  ALA 40  41  41  ALA ALA A . n 
A 1 41  VAL 41  42  42  VAL VAL A . n 
A 1 42  VAL 42  43  43  VAL VAL A . n 
A 1 43  ALA 43  44  44  ALA ALA A . n 
A 1 44  ILE 44  45  45  ILE ILE A . n 
A 1 45  GLU 45  46  46  GLU GLU A . n 
A 1 46  PRO 46  47  47  PRO PRO A . n 
A 1 47  HIS 47  48  48  HIS HIS A . n 
A 1 48  VAL 48  49  49  VAL VAL A . n 
A 1 49  ASN 49  50  50  ASN ASN A . n 
A 1 50  PRO 50  51  51  PRO PRO A . n 
A 1 51  VAL 51  52  52  VAL VAL A . n 
A 1 52  ASP 52  53  53  ASP ASP A . n 
A 1 53  ARG 53  54  54  ARG ARG A . n 
A 1 54  GLN 54  55  55  GLN GLN A . n 
A 1 55  TYR 55  56  56  TYR TYR A . n 
A 1 56  THR 56  57  57  THR THR A . n 
A 1 57  VAL 57  58  58  VAL VAL A . n 
A 1 58  PHE 58  59  59  PHE PHE A . n 
A 1 59  GLY 59  60  60  GLY GLY A . n 
A 1 60  GLU 60  61  61  GLU GLU A . n 
A 1 61  ASN 61  62  62  ASN ASN A . n 
A 1 62  LYS 62  63  63  LYS LYS A . n 
A 1 63  GLN 63  64  64  GLN GLN A . n 
A 1 64  PHE 64  65  65  PHE PHE A . n 
A 1 65  ASN 65  66  66  ASN ASN A . n 
A 1 66  VAL 66  67  67  VAL VAL A . n 
A 1 67  ARG 67  68  68  ARG ARG A . n 
A 1 68  ASN 68  69  69  ASN ASN A . n 
A 1 69  ASP 69  70  70  ASP ASP A . n 
A 1 70  SER 70  71  71  SER SER A . n 
A 1 71  ASP 71  72  72  ASP ASP A . n 
A 1 72  LYS 72  73  73  LYS LYS A . n 
A 1 73  TRP 73  74  74  TRP TRP A . n 
A 1 74  LYS 74  75  75  LYS LYS A . n 
A 1 75  PHE 75  76  76  PHE PHE A . n 
A 1 76  LEU 76  77  77  LEU LEU A . n 
A 1 77  GLU 77  78  78  GLU GLU A . n 
A 1 78  MET 78  79  79  MET MET A . n 
A 1 79  PHE 79  80  80  PHE PHE A . n 
A 1 80  ARG 80  81  81  ARG ARG A . n 
A 1 81  SER 81  82  82  SER SER A . n 
A 1 82  SER 82  83  83  SER SER A . n 
A 1 83  SER 83  84  84  SER SER A . n 
A 1 84  GLN 84  85  85  GLN GLN A . n 
A 1 85  ASN 85  86  86  ASN ASN A . n 
A 1 86  GLU 86  87  87  GLU GLU A . n 
A 1 87  PHE 87  88  88  PHE PHE A . n 
A 1 88  TYR 88  89  89  TYR TYR A . n 
A 1 89  ASN 89  90  90  ASN ASN A . n 
A 1 90  ARG 90  91  91  ARG ARG A . n 
A 1 91  ARG 91  92  92  ARG ARG A . n 
A 1 92  THR 92  93  93  THR THR A . n 
A 1 93  LEU 93  94  94  LEU LEU A . n 
A 1 94  THR 94  95  95  THR THR A . n 
A 1 95  SER 95  96  96  SER SER A . n 
A 1 96  ASP 96  97  97  ASP ASP A . n 
A 1 97  THR 97  98  98  THR THR A . n 
A 1 98  LYS 98  99  99  LYS LYS A . n 
A 1 99  LEU 99  100 100 LEU LEU A . n 
A 1 100 VAL 100 101 101 VAL VAL A . n 
A 1 101 GLY 101 102 102 GLY GLY A . n 
A 1 102 ILE 102 103 103 ILE ILE A . n 
A 1 103 LEU 103 104 104 LEU LEU A . n 
A 1 104 LYS 104 105 105 LYS LYS A . n 
A 1 105 TYR 105 106 106 TYR TYR A . n 
A 1 106 GLY 106 107 107 GLY GLY A . n 
A 1 107 GLY 107 108 108 GLY GLY A . n 
A 1 108 ARG 108 109 109 ARG ARG A . n 
A 1 109 ILE 109 110 110 ILE ILE A . n 
A 1 110 TRP 110 111 111 TRP TRP A . n 
A 1 111 THR 111 112 112 THR THR A . n 
A 1 112 PHE 112 113 113 PHE PHE A . n 
A 1 113 HIS 113 114 114 HIS HIS A . n 
A 1 114 GLY 114 115 115 GLY GLY A . n 
A 1 115 GLU 115 116 116 GLU GLU A . n 
A 1 116 THR 116 117 117 THR THR A . n 
A 1 117 PRO 117 118 118 PRO PRO A . n 
A 1 118 ARG 118 119 119 ARG ARG A . n 
A 1 119 ALA 119 120 120 ALA ALA A . n 
A 1 120 THR 120 121 121 THR THR A . n 
A 1 121 THR 121 122 122 THR THR A . n 
A 1 122 ASP 122 123 123 ASP ASP A . n 
A 1 123 SER 123 124 124 SER SER A . n 
A 1 124 SER 124 125 125 SER SER A . n 
A 1 125 ASN 125 126 126 ASN ASN A . n 
A 1 126 THR 126 127 127 THR THR A . n 
A 1 127 ALA 127 128 128 ALA ALA A . n 
A 1 128 ASN 128 129 129 ASN ASN A . n 
A 1 129 LEU 129 130 130 LEU LEU A . n 
A 1 130 ASN 130 131 131 ASN ASN A . n 
A 1 131 ASP 131 132 132 ASP ASP A . n 
A 1 132 ILE 132 133 133 ILE ILE A . n 
A 1 133 SER 133 134 134 SER SER A . n 
A 1 134 ILE 134 135 135 ILE ILE A . n 
A 1 135 ILE 135 136 136 ILE ILE A . n 
A 1 136 ILE 136 137 137 ILE ILE A . n 
A 1 137 HIS 137 138 138 HIS HIS A . n 
A 1 138 SER 138 139 139 SER SER A . n 
A 1 139 GLU 139 140 140 GLU GLU A . n 
A 1 140 PHE 140 141 141 PHE PHE A . n 
A 1 141 TYR 141 142 142 TYR TYR A . n 
A 1 142 ILE 142 143 143 ILE ILE A . n 
A 1 143 ILE 143 144 144 ILE ILE A . n 
A 1 144 PRO 144 145 145 PRO PRO A . n 
A 1 145 ARG 145 146 146 ARG ARG A . n 
A 1 146 SER 146 147 147 SER SER A . n 
A 1 147 GLN 147 148 148 GLN GLN A . n 
A 1 148 GLU 148 149 149 GLU GLU A . n 
A 1 149 SER 149 150 150 SER SER A . n 
A 1 150 LYS 150 151 151 LYS LYS A . n 
A 1 151 CYS 151 152 152 CYS CYS A . n 
A 1 152 ASN 152 153 153 ASN ASN A . n 
A 1 153 GLU 153 154 154 GLU GLU A . n 
A 1 154 TYR 154 155 155 TYR TYR A . n 
A 1 155 ILE 155 156 156 ILE ILE A . n 
A 1 156 ASN 156 157 157 ASN ASN A . n 
A 1 157 ASN 157 158 158 ASN ASN A . n 
A 1 158 GLY 158 159 159 GLY GLY A . n 
A 1 159 LEU 159 160 160 LEU LEU A . n 
A 1 160 LEU 160 161 161 LEU LEU A . n 
A 1 161 GLU 161 162 162 GLU GLU A . n 
A 1 162 HIS 162 163 163 HIS HIS A . n 
A 1 163 HIS 163 164 164 HIS HIS A . n 
# 
loop_
_pdbx_nonpoly_scheme.asym_id 
_pdbx_nonpoly_scheme.entity_id 
_pdbx_nonpoly_scheme.mon_id 
_pdbx_nonpoly_scheme.ndb_seq_num 
_pdbx_nonpoly_scheme.pdb_seq_num 
_pdbx_nonpoly_scheme.auth_seq_num 
_pdbx_nonpoly_scheme.pdb_mon_id 
_pdbx_nonpoly_scheme.auth_mon_id 
_pdbx_nonpoly_scheme.pdb_strand_id 
_pdbx_nonpoly_scheme.pdb_ins_code 
C 3 NA  1  205 205 NA  NA  A . 
D 4 HOH 1  301 301 HOH HOH A . 
D 4 HOH 2  302 302 HOH HOH A . 
D 4 HOH 3  303 303 HOH HOH A . 
D 4 HOH 4  304 304 HOH HOH A . 
D 4 HOH 5  305 305 HOH HOH A . 
D 4 HOH 6  306 306 HOH HOH A . 
D 4 HOH 7  307 307 HOH HOH A . 
D 4 HOH 8  308 308 HOH HOH A . 
D 4 HOH 9  309 309 HOH HOH A . 
D 4 HOH 10 310 310 HOH HOH A . 
D 4 HOH 11 311 311 HOH HOH A . 
D 4 HOH 12 312 312 HOH HOH A . 
D 4 HOH 13 313 313 HOH HOH A . 
D 4 HOH 14 314 314 HOH HOH A . 
D 4 HOH 15 315 315 HOH HOH A . 
D 4 HOH 16 316 316 HOH HOH A . 
D 4 HOH 17 317 317 HOH HOH A . 
D 4 HOH 18 318 318 HOH HOH A . 
D 4 HOH 19 319 319 HOH HOH A . 
D 4 HOH 20 320 320 HOH HOH A . 
D 4 HOH 21 321 321 HOH HOH A . 
D 4 HOH 22 322 322 HOH HOH A . 
D 4 HOH 23 323 323 HOH HOH A . 
D 4 HOH 24 324 324 HOH HOH A . 
D 4 HOH 25 325 325 HOH HOH A . 
D 4 HOH 26 326 326 HOH HOH A . 
D 4 HOH 27 327 327 HOH HOH A . 
D 4 HOH 28 328 328 HOH HOH A . 
D 4 HOH 29 329 329 HOH HOH A . 
D 4 HOH 30 330 330 HOH HOH A . 
D 4 HOH 31 331 331 HOH HOH A . 
D 4 HOH 32 332 332 HOH HOH A . 
D 4 HOH 33 333 333 HOH HOH A . 
D 4 HOH 34 334 334 HOH HOH A . 
D 4 HOH 35 335 335 HOH HOH A . 
D 4 HOH 36 336 336 HOH HOH A . 
D 4 HOH 37 337 337 HOH HOH A . 
D 4 HOH 38 338 338 HOH HOH A . 
D 4 HOH 39 339 339 HOH HOH A . 
D 4 HOH 40 340 340 HOH HOH A . 
D 4 HOH 41 341 341 HOH HOH A . 
D 4 HOH 42 342 342 HOH HOH A . 
D 4 HOH 43 343 343 HOH HOH A . 
D 4 HOH 44 344 344 HOH HOH A . 
D 4 HOH 45 345 345 HOH HOH A . 
D 4 HOH 46 346 346 HOH HOH A . 
D 4 HOH 47 347 347 HOH HOH A . 
D 4 HOH 48 348 348 HOH HOH A . 
D 4 HOH 49 349 349 HOH HOH A . 
D 4 HOH 50 350 350 HOH HOH A . 
D 4 HOH 51 351 351 HOH HOH A . 
D 4 HOH 52 352 352 HOH HOH A . 
D 4 HOH 53 353 353 HOH HOH A . 
D 4 HOH 54 354 354 HOH HOH A . 
D 4 HOH 55 355 355 HOH HOH A . 
D 4 HOH 56 356 356 HOH HOH A . 
D 4 HOH 57 357 357 HOH HOH A . 
D 4 HOH 58 358 358 HOH HOH A . 
D 4 HOH 59 359 359 HOH HOH A . 
D 4 HOH 60 360 360 HOH HOH A . 
D 4 HOH 61 361 361 HOH HOH A . 
D 4 HOH 62 362 362 HOH HOH A . 
D 4 HOH 63 363 363 HOH HOH A . 
D 4 HOH 64 364 364 HOH HOH A . 
D 4 HOH 65 365 365 HOH HOH A . 
D 4 HOH 66 366 366 HOH HOH A . 
D 4 HOH 67 367 367 HOH HOH A . 
D 4 HOH 68 368 368 HOH HOH A . 
D 4 HOH 69 369 369 HOH HOH A . 
D 4 HOH 70 370 370 HOH HOH A . 
D 4 HOH 71 371 371 HOH HOH A . 
D 4 HOH 72 372 372 HOH HOH A . 
D 4 HOH 73 373 373 HOH HOH A . 
D 4 HOH 74 374 374 HOH HOH A . 
D 4 HOH 75 375 375 HOH HOH A . 
D 4 HOH 76 376 376 HOH HOH A . 
D 4 HOH 77 377 377 HOH HOH A . 
D 4 HOH 78 378 378 HOH HOH A . 
D 4 HOH 79 379 379 HOH HOH A . 
D 4 HOH 80 380 380 HOH HOH A . 
# 
_pdbx_struct_assembly.id                   1 
_pdbx_struct_assembly.details              author_defined_assembly 
_pdbx_struct_assembly.method_details       ? 
_pdbx_struct_assembly.oligomeric_details   hexameric 
_pdbx_struct_assembly.oligomeric_count     6 
# 
loop_
_pdbx_struct_assembly_gen.assembly_id 
_pdbx_struct_assembly_gen.oper_expression 
_pdbx_struct_assembly_gen.asym_id_list 
1 1 A,B,C,D 
1 2 A,B,C,D 
1 3 A,B,C,D 
1 4 A,B,C,D 
1 5 A,B,C,D 
1 6 A,B,C,D 
# 
loop_
_pdbx_struct_oper_list.id 
_pdbx_struct_oper_list.type 
_pdbx_struct_oper_list.name 
_pdbx_struct_oper_list.symmetry_operation 
_pdbx_struct_oper_list.matrix[1][1] 
_pdbx_struct_oper_list.matrix[1][2] 
_pdbx_struct_oper_list.matrix[1][3] 
_pdbx_struct_oper_list.vector[1] 
_pdbx_struct_oper_list.matrix[2][1] 
_pdbx_struct_oper_list.matrix[2][2] 
_pdbx_struct_oper_list.matrix[2][3] 
_pdbx_struct_oper_list.vector[2] 
_pdbx_struct_oper_list.matrix[3][1] 
_pdbx_struct_oper_list.matrix[3][2] 
_pdbx_struct_oper_list.matrix[3][3] 
_pdbx_struct_oper_list.vector[3] 
1 'identity operation'         1_555  x,y,z           1.0000000000  0.0000000000  0.0000000000  0.0000000000   0.0000000000  1.0000000000  0.0000000000  0.0000000000   0.0000000000  0.0000000000  1.0000000000  0.0000000000   
2 'crystal symmetry operation' 2_565  -y,x-y+1,z      0.3416911488  -0.0988526639 -0.9345990101 -18.2279802094 0.8786079372  -0.3194057621 0.3550042984  25.5312192476  -0.3336094297 -0.9424479349 -0.0222853867 -8.4974646320  
3 'crystal symmetry operation' 3_455  -x+y-1,-x,z     0.3416911488  0.8786079372  -0.3336094297 -19.0384267080 -0.0988526639 -0.3194057621 -0.9424479349 -1.6554838538  -0.9345990101 0.3550042984  -0.0222853867 -26.2889141195 
4 'crystal symmetry operation' 10_555 -y,-x,-z+1/2    -0.7728727843 -0.6288222788 -0.0851481116 -40.0453996762 -0.6288222788 0.7409514627  0.2357402630  -13.2251102417 -0.0851481116 0.2357402630  -0.9680786784 -9.1505983451  
5 'crystal symmetry operation' 11_455 -x+y-1,y,-z+1/2 -0.7881658219 0.3574976547  0.5009890859  -41.2885462612 0.3574976547  -0.3966763333 0.8454840705  15.1512495100  0.5009890859  0.8454840705  0.1848421551  6.6464304166   
6 'crystal symmetry operation' 12_565 x,x-y+1,-z+1/2  -0.1223436914 -0.5084306491 0.8523674655  -22.0516612948 -0.5084306491 -0.7054636052 -0.4937806970 -8.6773120854  0.8523674655  -0.4937806970 -0.1721927034 17.5299607740 
# 
loop_
_pdbx_audit_revision_history.ordinal 
_pdbx_audit_revision_history.data_content_type 
_pdbx_audit_revision_history.major_revision 
_pdbx_audit_revision_history.minor_revision 
_pdbx_audit_revision_history.revision_date 
1 'Structure model' 1 0 2019-10-09 
2 'Structure model' 1 1 2019-10-30 
3 'Structure model' 1 2 2020-05-13 
4 'Structure model' 2 0 2020-07-29 
5 'Structure model' 2 1 2023-11-22 
# 
loop_
_pdbx_audit_revision_details.ordinal 
_pdbx_audit_revision_details.revision_ordinal 
_pdbx_audit_revision_details.data_content_type 
_pdbx_audit_revision_details.provider 
_pdbx_audit_revision_details.type 
_pdbx_audit_revision_details.description 
_pdbx_audit_revision_details.details 
1 1 'Structure model' repository 'Initial release' ?                          ? 
2 4 'Structure model' repository Remediation       'Carbohydrate remediation' ? 
# 
loop_
_pdbx_audit_revision_group.ordinal 
_pdbx_audit_revision_group.revision_ordinal 
_pdbx_audit_revision_group.data_content_type 
_pdbx_audit_revision_group.group 
1  2 'Structure model' 'Data collection'        
2  2 'Structure model' 'Database references'    
3  3 'Structure model' 'Data collection'        
4  3 'Structure model' 'Database references'    
5  4 'Structure model' Advisory                 
6  4 'Structure model' 'Atomic model'           
7  4 'Structure model' 'Data collection'        
8  4 'Structure model' 'Derived calculations'   
9  4 'Structure model' 'Structure summary'      
10 5 'Structure model' 'Data collection'        
11 5 'Structure model' 'Database references'    
12 5 'Structure model' 'Derived calculations'   
13 5 'Structure model' 'Refinement description' 
14 5 'Structure model' 'Structure summary'      
# 
loop_
_pdbx_audit_revision_category.ordinal 
_pdbx_audit_revision_category.revision_ordinal 
_pdbx_audit_revision_category.data_content_type 
_pdbx_audit_revision_category.category 
1  2 'Structure model' citation                      
2  2 'Structure model' citation_author               
3  3 'Structure model' chem_comp                     
4  3 'Structure model' citation                      
5  4 'Structure model' atom_site                     
6  4 'Structure model' chem_comp                     
7  4 'Structure model' entity                        
8  4 'Structure model' pdbx_branch_scheme            
9  4 'Structure model' pdbx_chem_comp_identifier     
10 4 'Structure model' pdbx_entity_branch            
11 4 'Structure model' pdbx_entity_branch_descriptor 
12 4 'Structure model' pdbx_entity_branch_link       
13 4 'Structure model' pdbx_entity_branch_list       
14 4 'Structure model' pdbx_entity_nonpoly           
15 4 'Structure model' pdbx_nonpoly_scheme           
16 4 'Structure model' pdbx_struct_assembly_gen      
17 4 'Structure model' pdbx_unobs_or_zero_occ_atoms  
18 4 'Structure model' pdbx_validate_close_contact   
19 4 'Structure model' struct_asym                   
20 4 'Structure model' struct_conn                   
21 4 'Structure model' struct_site                   
22 4 'Structure model' struct_site_gen               
23 5 'Structure model' chem_comp                     
24 5 'Structure model' chem_comp_atom                
25 5 'Structure model' chem_comp_bond                
26 5 'Structure model' database_2                    
27 5 'Structure model' pdbx_initial_refinement_model 
28 5 'Structure model' struct_conn                   
# 
loop_
_pdbx_audit_revision_item.ordinal 
_pdbx_audit_revision_item.revision_ordinal 
_pdbx_audit_revision_item.data_content_type 
_pdbx_audit_revision_item.item 
1  2 'Structure model' '_citation.journal_abbrev'                    
2  2 'Structure model' '_citation.journal_id_CSD'                    
3  2 'Structure model' '_citation.journal_id_ISSN'                   
4  2 'Structure model' '_citation.pdbx_database_id_DOI'              
5  2 'Structure model' '_citation.pdbx_database_id_PubMed'           
6  2 'Structure model' '_citation.title'                             
7  2 'Structure model' '_citation.year'                              
8  3 'Structure model' '_chem_comp.type'                             
9  3 'Structure model' '_citation.journal_volume'                    
10 3 'Structure model' '_citation.page_first'                        
11 3 'Structure model' '_citation.page_last'                         
12 3 'Structure model' '_citation.year'                              
13 4 'Structure model' '_atom_site.auth_asym_id'                     
14 4 'Structure model' '_atom_site.auth_seq_id'                      
15 4 'Structure model' '_atom_site.label_asym_id'                    
16 4 'Structure model' '_atom_site.label_entity_id'                  
17 4 'Structure model' '_chem_comp.name'                             
18 4 'Structure model' '_pdbx_struct_assembly_gen.asym_id_list'      
19 4 'Structure model' '_pdbx_unobs_or_zero_occ_atoms.auth_asym_id'  
20 4 'Structure model' '_pdbx_unobs_or_zero_occ_atoms.auth_seq_id'   
21 4 'Structure model' '_pdbx_validate_close_contact.auth_asym_id_1' 
22 4 'Structure model' '_pdbx_validate_close_contact.auth_seq_id_1'  
23 4 'Structure model' '_struct_conn.ptnr1_auth_asym_id'             
24 4 'Structure model' '_struct_conn.ptnr1_auth_seq_id'              
25 4 'Structure model' '_struct_conn.ptnr1_label_asym_id'            
26 4 'Structure model' '_struct_conn.ptnr2_auth_asym_id'             
27 4 'Structure model' '_struct_conn.ptnr2_auth_seq_id'              
28 4 'Structure model' '_struct_conn.ptnr2_label_asym_id'            
29 5 'Structure model' '_chem_comp.pdbx_synonyms'                    
30 5 'Structure model' '_database_2.pdbx_DOI'                        
31 5 'Structure model' '_database_2.pdbx_database_accession'         
32 5 'Structure model' '_struct_conn.pdbx_leaving_atom_flag'         
# 
loop_
_software.citation_id 
_software.classification 
_software.compiler_name 
_software.compiler_version 
_software.contact_author 
_software.contact_author_email 
_software.date 
_software.description 
_software.dependencies 
_software.hardware 
_software.language 
_software.location 
_software.mods 
_software.name 
_software.os 
_software.os_version 
_software.type 
_software.version 
_software.pdbx_ordinal 
? 'data reduction'  ? ? ? ? ? ? ? ? ? ? ? HKL-2000    ? ? ? .           1 
? 'data scaling'    ? ? ? ? ? ? ? ? ? ? ? HKL-2000    ? ? ? .           2 
? refinement        ? ? ? ? ? ? ? ? ? ? ? PHENIX      ? ? ? 1.11.1_2575 3 
? 'data extraction' ? ? ? ? ? ? ? ? ? ? ? PDB_EXTRACT ? ? ? 3.24        4 
? phasing           ? ? ? ? ? ? ? ? ? ? ? PHASER      ? ? ? .           5 
# 
_pdbx_entry_details.entry_id                 6K2O 
_pdbx_entry_details.has_ligand_of_interest   Y 
_pdbx_entry_details.compound_details         ? 
_pdbx_entry_details.source_details           ? 
_pdbx_entry_details.nonpolymer_details       ? 
_pdbx_entry_details.sequence_details         ? 
# 
loop_
_pdbx_validate_close_contact.id 
_pdbx_validate_close_contact.PDB_model_num 
_pdbx_validate_close_contact.auth_atom_id_1 
_pdbx_validate_close_contact.auth_asym_id_1 
_pdbx_validate_close_contact.auth_comp_id_1 
_pdbx_validate_close_contact.auth_seq_id_1 
_pdbx_validate_close_contact.PDB_ins_code_1 
_pdbx_validate_close_contact.label_alt_id_1 
_pdbx_validate_close_contact.auth_atom_id_2 
_pdbx_validate_close_contact.auth_asym_id_2 
_pdbx_validate_close_contact.auth_comp_id_2 
_pdbx_validate_close_contact.auth_seq_id_2 
_pdbx_validate_close_contact.PDB_ins_code_2 
_pdbx_validate_close_contact.label_alt_id_2 
_pdbx_validate_close_contact.dist 
1 1 O   A HOH 366 ? ? O A HOH 379 ? ? 2.02 
2 1 O2  B GAL 1   ? ? O A HOH 301 ? ? 2.04 
3 1 O   A HOH 373 ? ? O A HOH 378 ? ? 2.06 
4 1 OD1 A ASN 62  ? ? O A HOH 302 ? ? 2.06 
# 
_pdbx_validate_symm_contact.id                1 
_pdbx_validate_symm_contact.PDB_model_num     1 
_pdbx_validate_symm_contact.auth_atom_id_1    O 
_pdbx_validate_symm_contact.auth_asym_id_1    A 
_pdbx_validate_symm_contact.auth_comp_id_1    HOH 
_pdbx_validate_symm_contact.auth_seq_id_1     312 
_pdbx_validate_symm_contact.PDB_ins_code_1    ? 
_pdbx_validate_symm_contact.label_alt_id_1    ? 
_pdbx_validate_symm_contact.site_symmetry_1   1_555 
_pdbx_validate_symm_contact.auth_atom_id_2    O 
_pdbx_validate_symm_contact.auth_asym_id_2    A 
_pdbx_validate_symm_contact.auth_comp_id_2    HOH 
_pdbx_validate_symm_contact.auth_seq_id_2     372 
_pdbx_validate_symm_contact.PDB_ins_code_2    ? 
_pdbx_validate_symm_contact.label_alt_id_2    ? 
_pdbx_validate_symm_contact.site_symmetry_2   2_565 
_pdbx_validate_symm_contact.dist              1.97 
# 
loop_
_pdbx_validate_torsion.id 
_pdbx_validate_torsion.PDB_model_num 
_pdbx_validate_torsion.auth_comp_id 
_pdbx_validate_torsion.auth_asym_id 
_pdbx_validate_torsion.auth_seq_id 
_pdbx_validate_torsion.PDB_ins_code 
_pdbx_validate_torsion.label_alt_id 
_pdbx_validate_torsion.phi 
_pdbx_validate_torsion.psi 
1 1 ASN A 26 ? ? -91.48  53.75 
2 1 ASP A 37 ? ? -140.65 14.31 
3 1 ASN A 90 ? ? -69.57  99.02 
# 
_pdbx_distant_solvent_atoms.id                                1 
_pdbx_distant_solvent_atoms.PDB_model_num                     1 
_pdbx_distant_solvent_atoms.auth_atom_id                      O 
_pdbx_distant_solvent_atoms.label_alt_id                      ? 
_pdbx_distant_solvent_atoms.auth_asym_id                      A 
_pdbx_distant_solvent_atoms.auth_comp_id                      HOH 
_pdbx_distant_solvent_atoms.auth_seq_id                       310 
_pdbx_distant_solvent_atoms.PDB_ins_code                      ? 
_pdbx_distant_solvent_atoms.neighbor_macromolecule_distance   6.65 
_pdbx_distant_solvent_atoms.neighbor_ligand_distance          . 
# 
_pdbx_unobs_or_zero_occ_atoms.id               1 
_pdbx_unobs_or_zero_occ_atoms.PDB_model_num    1 
_pdbx_unobs_or_zero_occ_atoms.polymer_flag     N 
_pdbx_unobs_or_zero_occ_atoms.occupancy_flag   1 
_pdbx_unobs_or_zero_occ_atoms.auth_asym_id     B 
_pdbx_unobs_or_zero_occ_atoms.auth_comp_id     GAL 
_pdbx_unobs_or_zero_occ_atoms.auth_seq_id      1 
_pdbx_unobs_or_zero_occ_atoms.PDB_ins_code     ? 
_pdbx_unobs_or_zero_occ_atoms.auth_atom_id     O1 
_pdbx_unobs_or_zero_occ_atoms.label_alt_id     ? 
_pdbx_unobs_or_zero_occ_atoms.label_asym_id    B 
_pdbx_unobs_or_zero_occ_atoms.label_comp_id    GAL 
_pdbx_unobs_or_zero_occ_atoms.label_seq_id     1 
_pdbx_unobs_or_zero_occ_atoms.label_atom_id    O1 
# 
loop_
_chem_comp_atom.comp_id 
_chem_comp_atom.atom_id 
_chem_comp_atom.type_symbol 
_chem_comp_atom.pdbx_aromatic_flag 
_chem_comp_atom.pdbx_stereo_config 
_chem_comp_atom.pdbx_ordinal 
ALA N    N  N N 1   
ALA CA   C  N S 2   
ALA C    C  N N 3   
ALA O    O  N N 4   
ALA CB   C  N N 5   
ALA OXT  O  N N 6   
ALA H    H  N N 7   
ALA H2   H  N N 8   
ALA HA   H  N N 9   
ALA HB1  H  N N 10  
ALA HB2  H  N N 11  
ALA HB3  H  N N 12  
ALA HXT  H  N N 13  
ARG N    N  N N 14  
ARG CA   C  N S 15  
ARG C    C  N N 16  
ARG O    O  N N 17  
ARG CB   C  N N 18  
ARG CG   C  N N 19  
ARG CD   C  N N 20  
ARG NE   N  N N 21  
ARG CZ   C  N N 22  
ARG NH1  N  N N 23  
ARG NH2  N  N N 24  
ARG OXT  O  N N 25  
ARG H    H  N N 26  
ARG H2   H  N N 27  
ARG HA   H  N N 28  
ARG HB2  H  N N 29  
ARG HB3  H  N N 30  
ARG HG2  H  N N 31  
ARG HG3  H  N N 32  
ARG HD2  H  N N 33  
ARG HD3  H  N N 34  
ARG HE   H  N N 35  
ARG HH11 H  N N 36  
ARG HH12 H  N N 37  
ARG HH21 H  N N 38  
ARG HH22 H  N N 39  
ARG HXT  H  N N 40  
ASN N    N  N N 41  
ASN CA   C  N S 42  
ASN C    C  N N 43  
ASN O    O  N N 44  
ASN CB   C  N N 45  
ASN CG   C  N N 46  
ASN OD1  O  N N 47  
ASN ND2  N  N N 48  
ASN OXT  O  N N 49  
ASN H    H  N N 50  
ASN H2   H  N N 51  
ASN HA   H  N N 52  
ASN HB2  H  N N 53  
ASN HB3  H  N N 54  
ASN HD21 H  N N 55  
ASN HD22 H  N N 56  
ASN HXT  H  N N 57  
ASP N    N  N N 58  
ASP CA   C  N S 59  
ASP C    C  N N 60  
ASP O    O  N N 61  
ASP CB   C  N N 62  
ASP CG   C  N N 63  
ASP OD1  O  N N 64  
ASP OD2  O  N N 65  
ASP OXT  O  N N 66  
ASP H    H  N N 67  
ASP H2   H  N N 68  
ASP HA   H  N N 69  
ASP HB2  H  N N 70  
ASP HB3  H  N N 71  
ASP HD2  H  N N 72  
ASP HXT  H  N N 73  
CYS N    N  N N 74  
CYS CA   C  N R 75  
CYS C    C  N N 76  
CYS O    O  N N 77  
CYS CB   C  N N 78  
CYS SG   S  N N 79  
CYS OXT  O  N N 80  
CYS H    H  N N 81  
CYS H2   H  N N 82  
CYS HA   H  N N 83  
CYS HB2  H  N N 84  
CYS HB3  H  N N 85  
CYS HG   H  N N 86  
CYS HXT  H  N N 87  
FUC C1   C  N R 88  
FUC C2   C  N S 89  
FUC C3   C  N R 90  
FUC C4   C  N S 91  
FUC C5   C  N S 92  
FUC C6   C  N N 93  
FUC O1   O  N N 94  
FUC O2   O  N N 95  
FUC O3   O  N N 96  
FUC O4   O  N N 97  
FUC O5   O  N N 98  
FUC H1   H  N N 99  
FUC H2   H  N N 100 
FUC H3   H  N N 101 
FUC H4   H  N N 102 
FUC H5   H  N N 103 
FUC H61  H  N N 104 
FUC H62  H  N N 105 
FUC H63  H  N N 106 
FUC HO1  H  N N 107 
FUC HO2  H  N N 108 
FUC HO3  H  N N 109 
FUC HO4  H  N N 110 
GAL C1   C  N R 111 
GAL C2   C  N R 112 
GAL C3   C  N S 113 
GAL C4   C  N R 114 
GAL C5   C  N R 115 
GAL C6   C  N N 116 
GAL O1   O  N N 117 
GAL O2   O  N N 118 
GAL O3   O  N N 119 
GAL O4   O  N N 120 
GAL O5   O  N N 121 
GAL O6   O  N N 122 
GAL H1   H  N N 123 
GAL H2   H  N N 124 
GAL H3   H  N N 125 
GAL H4   H  N N 126 
GAL H5   H  N N 127 
GAL H61  H  N N 128 
GAL H62  H  N N 129 
GAL HO1  H  N N 130 
GAL HO2  H  N N 131 
GAL HO3  H  N N 132 
GAL HO4  H  N N 133 
GAL HO6  H  N N 134 
GLN N    N  N N 135 
GLN CA   C  N S 136 
GLN C    C  N N 137 
GLN O    O  N N 138 
GLN CB   C  N N 139 
GLN CG   C  N N 140 
GLN CD   C  N N 141 
GLN OE1  O  N N 142 
GLN NE2  N  N N 143 
GLN OXT  O  N N 144 
GLN H    H  N N 145 
GLN H2   H  N N 146 
GLN HA   H  N N 147 
GLN HB2  H  N N 148 
GLN HB3  H  N N 149 
GLN HG2  H  N N 150 
GLN HG3  H  N N 151 
GLN HE21 H  N N 152 
GLN HE22 H  N N 153 
GLN HXT  H  N N 154 
GLU N    N  N N 155 
GLU CA   C  N S 156 
GLU C    C  N N 157 
GLU O    O  N N 158 
GLU CB   C  N N 159 
GLU CG   C  N N 160 
GLU CD   C  N N 161 
GLU OE1  O  N N 162 
GLU OE2  O  N N 163 
GLU OXT  O  N N 164 
GLU H    H  N N 165 
GLU H2   H  N N 166 
GLU HA   H  N N 167 
GLU HB2  H  N N 168 
GLU HB3  H  N N 169 
GLU HG2  H  N N 170 
GLU HG3  H  N N 171 
GLU HE2  H  N N 172 
GLU HXT  H  N N 173 
GLY N    N  N N 174 
GLY CA   C  N N 175 
GLY C    C  N N 176 
GLY O    O  N N 177 
GLY OXT  O  N N 178 
GLY H    H  N N 179 
GLY H2   H  N N 180 
GLY HA2  H  N N 181 
GLY HA3  H  N N 182 
GLY HXT  H  N N 183 
HIS N    N  N N 184 
HIS CA   C  N S 185 
HIS C    C  N N 186 
HIS O    O  N N 187 
HIS CB   C  N N 188 
HIS CG   C  Y N 189 
HIS ND1  N  Y N 190 
HIS CD2  C  Y N 191 
HIS CE1  C  Y N 192 
HIS NE2  N  Y N 193 
HIS OXT  O  N N 194 
HIS H    H  N N 195 
HIS H2   H  N N 196 
HIS HA   H  N N 197 
HIS HB2  H  N N 198 
HIS HB3  H  N N 199 
HIS HD1  H  N N 200 
HIS HD2  H  N N 201 
HIS HE1  H  N N 202 
HIS HE2  H  N N 203 
HIS HXT  H  N N 204 
HOH O    O  N N 205 
HOH H1   H  N N 206 
HOH H2   H  N N 207 
ILE N    N  N N 208 
ILE CA   C  N S 209 
ILE C    C  N N 210 
ILE O    O  N N 211 
ILE CB   C  N S 212 
ILE CG1  C  N N 213 
ILE CG2  C  N N 214 
ILE CD1  C  N N 215 
ILE OXT  O  N N 216 
ILE H    H  N N 217 
ILE H2   H  N N 218 
ILE HA   H  N N 219 
ILE HB   H  N N 220 
ILE HG12 H  N N 221 
ILE HG13 H  N N 222 
ILE HG21 H  N N 223 
ILE HG22 H  N N 224 
ILE HG23 H  N N 225 
ILE HD11 H  N N 226 
ILE HD12 H  N N 227 
ILE HD13 H  N N 228 
ILE HXT  H  N N 229 
LEU N    N  N N 230 
LEU CA   C  N S 231 
LEU C    C  N N 232 
LEU O    O  N N 233 
LEU CB   C  N N 234 
LEU CG   C  N N 235 
LEU CD1  C  N N 236 
LEU CD2  C  N N 237 
LEU OXT  O  N N 238 
LEU H    H  N N 239 
LEU H2   H  N N 240 
LEU HA   H  N N 241 
LEU HB2  H  N N 242 
LEU HB3  H  N N 243 
LEU HG   H  N N 244 
LEU HD11 H  N N 245 
LEU HD12 H  N N 246 
LEU HD13 H  N N 247 
LEU HD21 H  N N 248 
LEU HD22 H  N N 249 
LEU HD23 H  N N 250 
LEU HXT  H  N N 251 
LYS N    N  N N 252 
LYS CA   C  N S 253 
LYS C    C  N N 254 
LYS O    O  N N 255 
LYS CB   C  N N 256 
LYS CG   C  N N 257 
LYS CD   C  N N 258 
LYS CE   C  N N 259 
LYS NZ   N  N N 260 
LYS OXT  O  N N 261 
LYS H    H  N N 262 
LYS H2   H  N N 263 
LYS HA   H  N N 264 
LYS HB2  H  N N 265 
LYS HB3  H  N N 266 
LYS HG2  H  N N 267 
LYS HG3  H  N N 268 
LYS HD2  H  N N 269 
LYS HD3  H  N N 270 
LYS HE2  H  N N 271 
LYS HE3  H  N N 272 
LYS HZ1  H  N N 273 
LYS HZ2  H  N N 274 
LYS HZ3  H  N N 275 
LYS HXT  H  N N 276 
MET N    N  N N 277 
MET CA   C  N S 278 
MET C    C  N N 279 
MET O    O  N N 280 
MET CB   C  N N 281 
MET CG   C  N N 282 
MET SD   S  N N 283 
MET CE   C  N N 284 
MET OXT  O  N N 285 
MET H    H  N N 286 
MET H2   H  N N 287 
MET HA   H  N N 288 
MET HB2  H  N N 289 
MET HB3  H  N N 290 
MET HG2  H  N N 291 
MET HG3  H  N N 292 
MET HE1  H  N N 293 
MET HE2  H  N N 294 
MET HE3  H  N N 295 
MET HXT  H  N N 296 
NA  NA   NA N N 297 
NAG C1   C  N R 298 
NAG C2   C  N R 299 
NAG C3   C  N R 300 
NAG C4   C  N S 301 
NAG C5   C  N R 302 
NAG C6   C  N N 303 
NAG C7   C  N N 304 
NAG C8   C  N N 305 
NAG N2   N  N N 306 
NAG O1   O  N N 307 
NAG O3   O  N N 308 
NAG O4   O  N N 309 
NAG O5   O  N N 310 
NAG O6   O  N N 311 
NAG O7   O  N N 312 
NAG H1   H  N N 313 
NAG H2   H  N N 314 
NAG H3   H  N N 315 
NAG H4   H  N N 316 
NAG H5   H  N N 317 
NAG H61  H  N N 318 
NAG H62  H  N N 319 
NAG H81  H  N N 320 
NAG H82  H  N N 321 
NAG H83  H  N N 322 
NAG HN2  H  N N 323 
NAG HO1  H  N N 324 
NAG HO3  H  N N 325 
NAG HO4  H  N N 326 
NAG HO6  H  N N 327 
PHE N    N  N N 328 
PHE CA   C  N S 329 
PHE C    C  N N 330 
PHE O    O  N N 331 
PHE CB   C  N N 332 
PHE CG   C  Y N 333 
PHE CD1  C  Y N 334 
PHE CD2  C  Y N 335 
PHE CE1  C  Y N 336 
PHE CE2  C  Y N 337 
PHE CZ   C  Y N 338 
PHE OXT  O  N N 339 
PHE H    H  N N 340 
PHE H2   H  N N 341 
PHE HA   H  N N 342 
PHE HB2  H  N N 343 
PHE HB3  H  N N 344 
PHE HD1  H  N N 345 
PHE HD2  H  N N 346 
PHE HE1  H  N N 347 
PHE HE2  H  N N 348 
PHE HZ   H  N N 349 
PHE HXT  H  N N 350 
PRO N    N  N N 351 
PRO CA   C  N S 352 
PRO C    C  N N 353 
PRO O    O  N N 354 
PRO CB   C  N N 355 
PRO CG   C  N N 356 
PRO CD   C  N N 357 
PRO OXT  O  N N 358 
PRO H    H  N N 359 
PRO HA   H  N N 360 
PRO HB2  H  N N 361 
PRO HB3  H  N N 362 
PRO HG2  H  N N 363 
PRO HG3  H  N N 364 
PRO HD2  H  N N 365 
PRO HD3  H  N N 366 
PRO HXT  H  N N 367 
SER N    N  N N 368 
SER CA   C  N S 369 
SER C    C  N N 370 
SER O    O  N N 371 
SER CB   C  N N 372 
SER OG   O  N N 373 
SER OXT  O  N N 374 
SER H    H  N N 375 
SER H2   H  N N 376 
SER HA   H  N N 377 
SER HB2  H  N N 378 
SER HB3  H  N N 379 
SER HG   H  N N 380 
SER HXT  H  N N 381 
THR N    N  N N 382 
THR CA   C  N S 383 
THR C    C  N N 384 
THR O    O  N N 385 
THR CB   C  N R 386 
THR OG1  O  N N 387 
THR CG2  C  N N 388 
THR OXT  O  N N 389 
THR H    H  N N 390 
THR H2   H  N N 391 
THR HA   H  N N 392 
THR HB   H  N N 393 
THR HG1  H  N N 394 
THR HG21 H  N N 395 
THR HG22 H  N N 396 
THR HG23 H  N N 397 
THR HXT  H  N N 398 
TRP N    N  N N 399 
TRP CA   C  N S 400 
TRP C    C  N N 401 
TRP O    O  N N 402 
TRP CB   C  N N 403 
TRP CG   C  Y N 404 
TRP CD1  C  Y N 405 
TRP CD2  C  Y N 406 
TRP NE1  N  Y N 407 
TRP CE2  C  Y N 408 
TRP CE3  C  Y N 409 
TRP CZ2  C  Y N 410 
TRP CZ3  C  Y N 411 
TRP CH2  C  Y N 412 
TRP OXT  O  N N 413 
TRP H    H  N N 414 
TRP H2   H  N N 415 
TRP HA   H  N N 416 
TRP HB2  H  N N 417 
TRP HB3  H  N N 418 
TRP HD1  H  N N 419 
TRP HE1  H  N N 420 
TRP HE3  H  N N 421 
TRP HZ2  H  N N 422 
TRP HZ3  H  N N 423 
TRP HH2  H  N N 424 
TRP HXT  H  N N 425 
TYR N    N  N N 426 
TYR CA   C  N S 427 
TYR C    C  N N 428 
TYR O    O  N N 429 
TYR CB   C  N N 430 
TYR CG   C  Y N 431 
TYR CD1  C  Y N 432 
TYR CD2  C  Y N 433 
TYR CE1  C  Y N 434 
TYR CE2  C  Y N 435 
TYR CZ   C  Y N 436 
TYR OH   O  N N 437 
TYR OXT  O  N N 438 
TYR H    H  N N 439 
TYR H2   H  N N 440 
TYR HA   H  N N 441 
TYR HB2  H  N N 442 
TYR HB3  H  N N 443 
TYR HD1  H  N N 444 
TYR HD2  H  N N 445 
TYR HE1  H  N N 446 
TYR HE2  H  N N 447 
TYR HH   H  N N 448 
TYR HXT  H  N N 449 
VAL N    N  N N 450 
VAL CA   C  N S 451 
VAL C    C  N N 452 
VAL O    O  N N 453 
VAL CB   C  N N 454 
VAL CG1  C  N N 455 
VAL CG2  C  N N 456 
VAL OXT  O  N N 457 
VAL H    H  N N 458 
VAL H2   H  N N 459 
VAL HA   H  N N 460 
VAL HB   H  N N 461 
VAL HG11 H  N N 462 
VAL HG12 H  N N 463 
VAL HG13 H  N N 464 
VAL HG21 H  N N 465 
VAL HG22 H  N N 466 
VAL HG23 H  N N 467 
VAL HXT  H  N N 468 
# 
loop_
_chem_comp_bond.comp_id 
_chem_comp_bond.atom_id_1 
_chem_comp_bond.atom_id_2 
_chem_comp_bond.value_order 
_chem_comp_bond.pdbx_aromatic_flag 
_chem_comp_bond.pdbx_stereo_config 
_chem_comp_bond.pdbx_ordinal 
ALA N   CA   sing N N 1   
ALA N   H    sing N N 2   
ALA N   H2   sing N N 3   
ALA CA  C    sing N N 4   
ALA CA  CB   sing N N 5   
ALA CA  HA   sing N N 6   
ALA C   O    doub N N 7   
ALA C   OXT  sing N N 8   
ALA CB  HB1  sing N N 9   
ALA CB  HB2  sing N N 10  
ALA CB  HB3  sing N N 11  
ALA OXT HXT  sing N N 12  
ARG N   CA   sing N N 13  
ARG N   H    sing N N 14  
ARG N   H2   sing N N 15  
ARG CA  C    sing N N 16  
ARG CA  CB   sing N N 17  
ARG CA  HA   sing N N 18  
ARG C   O    doub N N 19  
ARG C   OXT  sing N N 20  
ARG CB  CG   sing N N 21  
ARG CB  HB2  sing N N 22  
ARG CB  HB3  sing N N 23  
ARG CG  CD   sing N N 24  
ARG CG  HG2  sing N N 25  
ARG CG  HG3  sing N N 26  
ARG CD  NE   sing N N 27  
ARG CD  HD2  sing N N 28  
ARG CD  HD3  sing N N 29  
ARG NE  CZ   sing N N 30  
ARG NE  HE   sing N N 31  
ARG CZ  NH1  sing N N 32  
ARG CZ  NH2  doub N N 33  
ARG NH1 HH11 sing N N 34  
ARG NH1 HH12 sing N N 35  
ARG NH2 HH21 sing N N 36  
ARG NH2 HH22 sing N N 37  
ARG OXT HXT  sing N N 38  
ASN N   CA   sing N N 39  
ASN N   H    sing N N 40  
ASN N   H2   sing N N 41  
ASN CA  C    sing N N 42  
ASN CA  CB   sing N N 43  
ASN CA  HA   sing N N 44  
ASN C   O    doub N N 45  
ASN C   OXT  sing N N 46  
ASN CB  CG   sing N N 47  
ASN CB  HB2  sing N N 48  
ASN CB  HB3  sing N N 49  
ASN CG  OD1  doub N N 50  
ASN CG  ND2  sing N N 51  
ASN ND2 HD21 sing N N 52  
ASN ND2 HD22 sing N N 53  
ASN OXT HXT  sing N N 54  
ASP N   CA   sing N N 55  
ASP N   H    sing N N 56  
ASP N   H2   sing N N 57  
ASP CA  C    sing N N 58  
ASP CA  CB   sing N N 59  
ASP CA  HA   sing N N 60  
ASP C   O    doub N N 61  
ASP C   OXT  sing N N 62  
ASP CB  CG   sing N N 63  
ASP CB  HB2  sing N N 64  
ASP CB  HB3  sing N N 65  
ASP CG  OD1  doub N N 66  
ASP CG  OD2  sing N N 67  
ASP OD2 HD2  sing N N 68  
ASP OXT HXT  sing N N 69  
CYS N   CA   sing N N 70  
CYS N   H    sing N N 71  
CYS N   H2   sing N N 72  
CYS CA  C    sing N N 73  
CYS CA  CB   sing N N 74  
CYS CA  HA   sing N N 75  
CYS C   O    doub N N 76  
CYS C   OXT  sing N N 77  
CYS CB  SG   sing N N 78  
CYS CB  HB2  sing N N 79  
CYS CB  HB3  sing N N 80  
CYS SG  HG   sing N N 81  
CYS OXT HXT  sing N N 82  
FUC C1  C2   sing N N 83  
FUC C1  O1   sing N N 84  
FUC C1  O5   sing N N 85  
FUC C1  H1   sing N N 86  
FUC C2  C3   sing N N 87  
FUC C2  O2   sing N N 88  
FUC C2  H2   sing N N 89  
FUC C3  C4   sing N N 90  
FUC C3  O3   sing N N 91  
FUC C3  H3   sing N N 92  
FUC C4  C5   sing N N 93  
FUC C4  O4   sing N N 94  
FUC C4  H4   sing N N 95  
FUC C5  C6   sing N N 96  
FUC C5  O5   sing N N 97  
FUC C5  H5   sing N N 98  
FUC C6  H61  sing N N 99  
FUC C6  H62  sing N N 100 
FUC C6  H63  sing N N 101 
FUC O1  HO1  sing N N 102 
FUC O2  HO2  sing N N 103 
FUC O3  HO3  sing N N 104 
FUC O4  HO4  sing N N 105 
GAL C1  C2   sing N N 106 
GAL C1  O1   sing N N 107 
GAL C1  O5   sing N N 108 
GAL C1  H1   sing N N 109 
GAL C2  C3   sing N N 110 
GAL C2  O2   sing N N 111 
GAL C2  H2   sing N N 112 
GAL C3  C4   sing N N 113 
GAL C3  O3   sing N N 114 
GAL C3  H3   sing N N 115 
GAL C4  C5   sing N N 116 
GAL C4  O4   sing N N 117 
GAL C4  H4   sing N N 118 
GAL C5  C6   sing N N 119 
GAL C5  O5   sing N N 120 
GAL C5  H5   sing N N 121 
GAL C6  O6   sing N N 122 
GAL C6  H61  sing N N 123 
GAL C6  H62  sing N N 124 
GAL O1  HO1  sing N N 125 
GAL O2  HO2  sing N N 126 
GAL O3  HO3  sing N N 127 
GAL O4  HO4  sing N N 128 
GAL O6  HO6  sing N N 129 
GLN N   CA   sing N N 130 
GLN N   H    sing N N 131 
GLN N   H2   sing N N 132 
GLN CA  C    sing N N 133 
GLN CA  CB   sing N N 134 
GLN CA  HA   sing N N 135 
GLN C   O    doub N N 136 
GLN C   OXT  sing N N 137 
GLN CB  CG   sing N N 138 
GLN CB  HB2  sing N N 139 
GLN CB  HB3  sing N N 140 
GLN CG  CD   sing N N 141 
GLN CG  HG2  sing N N 142 
GLN CG  HG3  sing N N 143 
GLN CD  OE1  doub N N 144 
GLN CD  NE2  sing N N 145 
GLN NE2 HE21 sing N N 146 
GLN NE2 HE22 sing N N 147 
GLN OXT HXT  sing N N 148 
GLU N   CA   sing N N 149 
GLU N   H    sing N N 150 
GLU N   H2   sing N N 151 
GLU CA  C    sing N N 152 
GLU CA  CB   sing N N 153 
GLU CA  HA   sing N N 154 
GLU C   O    doub N N 155 
GLU C   OXT  sing N N 156 
GLU CB  CG   sing N N 157 
GLU CB  HB2  sing N N 158 
GLU CB  HB3  sing N N 159 
GLU CG  CD   sing N N 160 
GLU CG  HG2  sing N N 161 
GLU CG  HG3  sing N N 162 
GLU CD  OE1  doub N N 163 
GLU CD  OE2  sing N N 164 
GLU OE2 HE2  sing N N 165 
GLU OXT HXT  sing N N 166 
GLY N   CA   sing N N 167 
GLY N   H    sing N N 168 
GLY N   H2   sing N N 169 
GLY CA  C    sing N N 170 
GLY CA  HA2  sing N N 171 
GLY CA  HA3  sing N N 172 
GLY C   O    doub N N 173 
GLY C   OXT  sing N N 174 
GLY OXT HXT  sing N N 175 
HIS N   CA   sing N N 176 
HIS N   H    sing N N 177 
HIS N   H2   sing N N 178 
HIS CA  C    sing N N 179 
HIS CA  CB   sing N N 180 
HIS CA  HA   sing N N 181 
HIS C   O    doub N N 182 
HIS C   OXT  sing N N 183 
HIS CB  CG   sing N N 184 
HIS CB  HB2  sing N N 185 
HIS CB  HB3  sing N N 186 
HIS CG  ND1  sing Y N 187 
HIS CG  CD2  doub Y N 188 
HIS ND1 CE1  doub Y N 189 
HIS ND1 HD1  sing N N 190 
HIS CD2 NE2  sing Y N 191 
HIS CD2 HD2  sing N N 192 
HIS CE1 NE2  sing Y N 193 
HIS CE1 HE1  sing N N 194 
HIS NE2 HE2  sing N N 195 
HIS OXT HXT  sing N N 196 
HOH O   H1   sing N N 197 
HOH O   H2   sing N N 198 
ILE N   CA   sing N N 199 
ILE N   H    sing N N 200 
ILE N   H2   sing N N 201 
ILE CA  C    sing N N 202 
ILE CA  CB   sing N N 203 
ILE CA  HA   sing N N 204 
ILE C   O    doub N N 205 
ILE C   OXT  sing N N 206 
ILE CB  CG1  sing N N 207 
ILE CB  CG2  sing N N 208 
ILE CB  HB   sing N N 209 
ILE CG1 CD1  sing N N 210 
ILE CG1 HG12 sing N N 211 
ILE CG1 HG13 sing N N 212 
ILE CG2 HG21 sing N N 213 
ILE CG2 HG22 sing N N 214 
ILE CG2 HG23 sing N N 215 
ILE CD1 HD11 sing N N 216 
ILE CD1 HD12 sing N N 217 
ILE CD1 HD13 sing N N 218 
ILE OXT HXT  sing N N 219 
LEU N   CA   sing N N 220 
LEU N   H    sing N N 221 
LEU N   H2   sing N N 222 
LEU CA  C    sing N N 223 
LEU CA  CB   sing N N 224 
LEU CA  HA   sing N N 225 
LEU C   O    doub N N 226 
LEU C   OXT  sing N N 227 
LEU CB  CG   sing N N 228 
LEU CB  HB2  sing N N 229 
LEU CB  HB3  sing N N 230 
LEU CG  CD1  sing N N 231 
LEU CG  CD2  sing N N 232 
LEU CG  HG   sing N N 233 
LEU CD1 HD11 sing N N 234 
LEU CD1 HD12 sing N N 235 
LEU CD1 HD13 sing N N 236 
LEU CD2 HD21 sing N N 237 
LEU CD2 HD22 sing N N 238 
LEU CD2 HD23 sing N N 239 
LEU OXT HXT  sing N N 240 
LYS N   CA   sing N N 241 
LYS N   H    sing N N 242 
LYS N   H2   sing N N 243 
LYS CA  C    sing N N 244 
LYS CA  CB   sing N N 245 
LYS CA  HA   sing N N 246 
LYS C   O    doub N N 247 
LYS C   OXT  sing N N 248 
LYS CB  CG   sing N N 249 
LYS CB  HB2  sing N N 250 
LYS CB  HB3  sing N N 251 
LYS CG  CD   sing N N 252 
LYS CG  HG2  sing N N 253 
LYS CG  HG3  sing N N 254 
LYS CD  CE   sing N N 255 
LYS CD  HD2  sing N N 256 
LYS CD  HD3  sing N N 257 
LYS CE  NZ   sing N N 258 
LYS CE  HE2  sing N N 259 
LYS CE  HE3  sing N N 260 
LYS NZ  HZ1  sing N N 261 
LYS NZ  HZ2  sing N N 262 
LYS NZ  HZ3  sing N N 263 
LYS OXT HXT  sing N N 264 
MET N   CA   sing N N 265 
MET N   H    sing N N 266 
MET N   H2   sing N N 267 
MET CA  C    sing N N 268 
MET CA  CB   sing N N 269 
MET CA  HA   sing N N 270 
MET C   O    doub N N 271 
MET C   OXT  sing N N 272 
MET CB  CG   sing N N 273 
MET CB  HB2  sing N N 274 
MET CB  HB3  sing N N 275 
MET CG  SD   sing N N 276 
MET CG  HG2  sing N N 277 
MET CG  HG3  sing N N 278 
MET SD  CE   sing N N 279 
MET CE  HE1  sing N N 280 
MET CE  HE2  sing N N 281 
MET CE  HE3  sing N N 282 
MET OXT HXT  sing N N 283 
NAG C1  C2   sing N N 284 
NAG C1  O1   sing N N 285 
NAG C1  O5   sing N N 286 
NAG C1  H1   sing N N 287 
NAG C2  C3   sing N N 288 
NAG C2  N2   sing N N 289 
NAG C2  H2   sing N N 290 
NAG C3  C4   sing N N 291 
NAG C3  O3   sing N N 292 
NAG C3  H3   sing N N 293 
NAG C4  C5   sing N N 294 
NAG C4  O4   sing N N 295 
NAG C4  H4   sing N N 296 
NAG C5  C6   sing N N 297 
NAG C5  O5   sing N N 298 
NAG C5  H5   sing N N 299 
NAG C6  O6   sing N N 300 
NAG C6  H61  sing N N 301 
NAG C6  H62  sing N N 302 
NAG C7  C8   sing N N 303 
NAG C7  N2   sing N N 304 
NAG C7  O7   doub N N 305 
NAG C8  H81  sing N N 306 
NAG C8  H82  sing N N 307 
NAG C8  H83  sing N N 308 
NAG N2  HN2  sing N N 309 
NAG O1  HO1  sing N N 310 
NAG O3  HO3  sing N N 311 
NAG O4  HO4  sing N N 312 
NAG O6  HO6  sing N N 313 
PHE N   CA   sing N N 314 
PHE N   H    sing N N 315 
PHE N   H2   sing N N 316 
PHE CA  C    sing N N 317 
PHE CA  CB   sing N N 318 
PHE CA  HA   sing N N 319 
PHE C   O    doub N N 320 
PHE C   OXT  sing N N 321 
PHE CB  CG   sing N N 322 
PHE CB  HB2  sing N N 323 
PHE CB  HB3  sing N N 324 
PHE CG  CD1  doub Y N 325 
PHE CG  CD2  sing Y N 326 
PHE CD1 CE1  sing Y N 327 
PHE CD1 HD1  sing N N 328 
PHE CD2 CE2  doub Y N 329 
PHE CD2 HD2  sing N N 330 
PHE CE1 CZ   doub Y N 331 
PHE CE1 HE1  sing N N 332 
PHE CE2 CZ   sing Y N 333 
PHE CE2 HE2  sing N N 334 
PHE CZ  HZ   sing N N 335 
PHE OXT HXT  sing N N 336 
PRO N   CA   sing N N 337 
PRO N   CD   sing N N 338 
PRO N   H    sing N N 339 
PRO CA  C    sing N N 340 
PRO CA  CB   sing N N 341 
PRO CA  HA   sing N N 342 
PRO C   O    doub N N 343 
PRO C   OXT  sing N N 344 
PRO CB  CG   sing N N 345 
PRO CB  HB2  sing N N 346 
PRO CB  HB3  sing N N 347 
PRO CG  CD   sing N N 348 
PRO CG  HG2  sing N N 349 
PRO CG  HG3  sing N N 350 
PRO CD  HD2  sing N N 351 
PRO CD  HD3  sing N N 352 
PRO OXT HXT  sing N N 353 
SER N   CA   sing N N 354 
SER N   H    sing N N 355 
SER N   H2   sing N N 356 
SER CA  C    sing N N 357 
SER CA  CB   sing N N 358 
SER CA  HA   sing N N 359 
SER C   O    doub N N 360 
SER C   OXT  sing N N 361 
SER CB  OG   sing N N 362 
SER CB  HB2  sing N N 363 
SER CB  HB3  sing N N 364 
SER OG  HG   sing N N 365 
SER OXT HXT  sing N N 366 
THR N   CA   sing N N 367 
THR N   H    sing N N 368 
THR N   H2   sing N N 369 
THR CA  C    sing N N 370 
THR CA  CB   sing N N 371 
THR CA  HA   sing N N 372 
THR C   O    doub N N 373 
THR C   OXT  sing N N 374 
THR CB  OG1  sing N N 375 
THR CB  CG2  sing N N 376 
THR CB  HB   sing N N 377 
THR OG1 HG1  sing N N 378 
THR CG2 HG21 sing N N 379 
THR CG2 HG22 sing N N 380 
THR CG2 HG23 sing N N 381 
THR OXT HXT  sing N N 382 
TRP N   CA   sing N N 383 
TRP N   H    sing N N 384 
TRP N   H2   sing N N 385 
TRP CA  C    sing N N 386 
TRP CA  CB   sing N N 387 
TRP CA  HA   sing N N 388 
TRP C   O    doub N N 389 
TRP C   OXT  sing N N 390 
TRP CB  CG   sing N N 391 
TRP CB  HB2  sing N N 392 
TRP CB  HB3  sing N N 393 
TRP CG  CD1  doub Y N 394 
TRP CG  CD2  sing Y N 395 
TRP CD1 NE1  sing Y N 396 
TRP CD1 HD1  sing N N 397 
TRP CD2 CE2  doub Y N 398 
TRP CD2 CE3  sing Y N 399 
TRP NE1 CE2  sing Y N 400 
TRP NE1 HE1  sing N N 401 
TRP CE2 CZ2  sing Y N 402 
TRP CE3 CZ3  doub Y N 403 
TRP CE3 HE3  sing N N 404 
TRP CZ2 CH2  doub Y N 405 
TRP CZ2 HZ2  sing N N 406 
TRP CZ3 CH2  sing Y N 407 
TRP CZ3 HZ3  sing N N 408 
TRP CH2 HH2  sing N N 409 
TRP OXT HXT  sing N N 410 
TYR N   CA   sing N N 411 
TYR N   H    sing N N 412 
TYR N   H2   sing N N 413 
TYR CA  C    sing N N 414 
TYR CA  CB   sing N N 415 
TYR CA  HA   sing N N 416 
TYR C   O    doub N N 417 
TYR C   OXT  sing N N 418 
TYR CB  CG   sing N N 419 
TYR CB  HB2  sing N N 420 
TYR CB  HB3  sing N N 421 
TYR CG  CD1  doub Y N 422 
TYR CG  CD2  sing Y N 423 
TYR CD1 CE1  sing Y N 424 
TYR CD1 HD1  sing N N 425 
TYR CD2 CE2  doub Y N 426 
TYR CD2 HD2  sing N N 427 
TYR CE1 CZ   doub Y N 428 
TYR CE1 HE1  sing N N 429 
TYR CE2 CZ   sing Y N 430 
TYR CE2 HE2  sing N N 431 
TYR CZ  OH   sing N N 432 
TYR OH  HH   sing N N 433 
TYR OXT HXT  sing N N 434 
VAL N   CA   sing N N 435 
VAL N   H    sing N N 436 
VAL N   H2   sing N N 437 
VAL CA  C    sing N N 438 
VAL CA  CB   sing N N 439 
VAL CA  HA   sing N N 440 
VAL C   O    doub N N 441 
VAL C   OXT  sing N N 442 
VAL CB  CG1  sing N N 443 
VAL CB  CG2  sing N N 444 
VAL CB  HB   sing N N 445 
VAL CG1 HG11 sing N N 446 
VAL CG1 HG12 sing N N 447 
VAL CG1 HG13 sing N N 448 
VAL CG2 HG21 sing N N 449 
VAL CG2 HG22 sing N N 450 
VAL CG2 HG23 sing N N 451 
VAL OXT HXT  sing N N 452 
# 
_pdbx_audit_support.funding_organization   'National Science Foundation (China)' 
_pdbx_audit_support.country                China 
_pdbx_audit_support.grant_number           'no.2018ZA10711-001 and no.2017ZX10104001' 
_pdbx_audit_support.ordinal                1 
# 
loop_
_pdbx_branch_scheme.asym_id 
_pdbx_branch_scheme.entity_id 
_pdbx_branch_scheme.mon_id 
_pdbx_branch_scheme.num 
_pdbx_branch_scheme.pdb_asym_id 
_pdbx_branch_scheme.pdb_mon_id 
_pdbx_branch_scheme.pdb_seq_num 
_pdbx_branch_scheme.auth_asym_id 
_pdbx_branch_scheme.auth_mon_id 
_pdbx_branch_scheme.auth_seq_num 
_pdbx_branch_scheme.hetero 
B 2 GAL 1 B GAL 1 A GAL 201 n 
B 2 NAG 2 B NAG 2 A NAG 202 n 
B 2 GAL 3 B GAL 3 A GAL 203 n 
B 2 FUC 4 B FUC 4 A FUC 204 n 
# 
loop_
_pdbx_chem_comp_identifier.comp_id 
_pdbx_chem_comp_identifier.type 
_pdbx_chem_comp_identifier.program 
_pdbx_chem_comp_identifier.program_version 
_pdbx_chem_comp_identifier.identifier 
FUC 'CONDENSED IUPAC CARBOHYDRATE SYMBOL' GMML     1.0 LFucpa                         
FUC 'COMMON NAME'                         GMML     1.0 a-L-fucopyranose               
FUC 'IUPAC CARBOHYDRATE SYMBOL'           PDB-CARE 1.0 a-L-Fucp                       
FUC 'SNFG CARBOHYDRATE SYMBOL'            GMML     1.0 Fuc                            
GAL 'CONDENSED IUPAC CARBOHYDRATE SYMBOL' GMML     1.0 DGalpb                         
GAL 'COMMON NAME'                         GMML     1.0 b-D-galactopyranose            
GAL 'IUPAC CARBOHYDRATE SYMBOL'           PDB-CARE 1.0 b-D-Galp                       
GAL 'SNFG CARBOHYDRATE SYMBOL'            GMML     1.0 Gal                            
NAG 'CONDENSED IUPAC CARBOHYDRATE SYMBOL' GMML     1.0 DGlcpNAcb                      
NAG 'COMMON NAME'                         GMML     1.0 N-acetyl-b-D-glucopyranosamine 
NAG 'IUPAC CARBOHYDRATE SYMBOL'           PDB-CARE 1.0 b-D-GlcpNAc                    
NAG 'SNFG CARBOHYDRATE SYMBOL'            GMML     1.0 GlcNAc                         
# 
_pdbx_entity_branch.entity_id   2 
_pdbx_entity_branch.type        oligosaccharide 
# 
loop_
_pdbx_entity_branch_descriptor.ordinal 
_pdbx_entity_branch_descriptor.entity_id 
_pdbx_entity_branch_descriptor.descriptor 
_pdbx_entity_branch_descriptor.type 
_pdbx_entity_branch_descriptor.program 
_pdbx_entity_branch_descriptor.program_version 
1 2 LFucpa1-2DGalpb1-3DGlcpNAcb1-3DGalpb1-ROH                                                           
'Glycam Condensed Sequence' GMML       1.0   
2 2 'WURCS=2.0/3,4,3/[a2112h-1b_1-5][a2122h-1b_1-5_2*NCC/3=O][a1221m-1a_1-5]/1-2-1-3/a3-b1_b3-c1_c2-d1' WURCS PDB2Glycan 1.1.0 
3 2 '[][D-1-deoxy-Galp]{[(3+1)][b-D-GlcpNAc]{[(3+1)][b-D-Galp]{[(2+1)][a-L-Fucp]{}}}}'                  LINUCS PDB-CARE   ?     
# 
loop_
_pdbx_entity_branch_link.link_id 
_pdbx_entity_branch_link.entity_id 
_pdbx_entity_branch_link.entity_branch_list_num_1 
_pdbx_entity_branch_link.comp_id_1 
_pdbx_entity_branch_link.atom_id_1 
_pdbx_entity_branch_link.leaving_atom_id_1 
_pdbx_entity_branch_link.entity_branch_list_num_2 
_pdbx_entity_branch_link.comp_id_2 
_pdbx_entity_branch_link.atom_id_2 
_pdbx_entity_branch_link.leaving_atom_id_2 
_pdbx_entity_branch_link.value_order 
_pdbx_entity_branch_link.details 
1 2 2 NAG C1 O1 1 GAL O3 HO3 sing ? 
2 2 3 GAL C1 O1 2 NAG O3 HO3 sing ? 
3 2 4 FUC C1 O1 3 GAL O2 HO2 sing ? 
# 
loop_
_pdbx_entity_branch_list.entity_id 
_pdbx_entity_branch_list.comp_id 
_pdbx_entity_branch_list.num 
_pdbx_entity_branch_list.hetero 
2 GAL 1 n 
2 NAG 2 n 
2 GAL 3 n 
2 FUC 4 n 
# 
loop_
_pdbx_entity_instance_feature.ordinal 
_pdbx_entity_instance_feature.comp_id 
_pdbx_entity_instance_feature.asym_id 
_pdbx_entity_instance_feature.seq_num 
_pdbx_entity_instance_feature.auth_comp_id 
_pdbx_entity_instance_feature.auth_asym_id 
_pdbx_entity_instance_feature.auth_seq_num 
_pdbx_entity_instance_feature.feature_type 
_pdbx_entity_instance_feature.details 
1 NA  ? ? NA  ? ? 'SUBJECT OF INVESTIGATION' ? 
2 NAG ? ? NAG ? ? 'SUBJECT OF INVESTIGATION' ? 
3 FUC ? ? FUC ? ? 'SUBJECT OF INVESTIGATION' ? 
# 
loop_
_pdbx_entity_nonpoly.entity_id 
_pdbx_entity_nonpoly.name 
_pdbx_entity_nonpoly.comp_id 
3 'SODIUM ION' NA  
4 water        HOH 
# 
_pdbx_initial_refinement_model.id               1 
_pdbx_initial_refinement_model.entity_id_list   ? 
_pdbx_initial_refinement_model.type             'experimental model' 
_pdbx_initial_refinement_model.source_name      PDB 
_pdbx_initial_refinement_model.accession_code   5JDB 
_pdbx_initial_refinement_model.details          ? 
# 
_pdbx_struct_assembly_auth_evidence.id                     1 
_pdbx_struct_assembly_auth_evidence.assembly_id            1 
_pdbx_struct_assembly_auth_evidence.experimental_support   'gel filtration' 
_pdbx_struct_assembly_auth_evidence.details                ? 
# 
